data_8JQ4
#
_entry.id   8JQ4
#
_cell.length_a   90.116
_cell.length_b   140.786
_cell.length_c   147.345
_cell.angle_alpha   90.00
_cell.angle_beta   90.00
_cell.angle_gamma   90.00
#
_symmetry.space_group_name_H-M   'P 21 21 21'
#
loop_
_entity.id
_entity.type
_entity.pdbx_description
1 polymer 'L-rhamnose isomerase'
2 non-polymer 'MANGANESE (II) ION'
3 non-polymer beta-L-rhamnopyranose
4 non-polymer alpha-L-rhamnopyranose
5 water water
#
_entity_poly.entity_id   1
_entity_poly.type   'polypeptide(L)'
_entity_poly.pdbx_seq_one_letter_code
;MVKPEEVDKAYEVAKQRYAEIGVDTDAAMKELEKVPLSVHCWQGDDIHGFLFPNQELTGGIGVSGNYPGIARTPDELAGD
MHEALSLIPGKHRVQLHAIYAVTDKKRDLDTLEPEDFDYWIDWAKQEGVGLDFNGTFFSHPMVKDNMTVSSPDPKVRDFW
IRHGKISREISNYIGEKLGSQVVNNFWLPDGFKDNPIDKKTPRLRLLKALDEIIKDPLPEKNTIESFEGKLFGTGIESYT
TGSHEFYQNYAISRNKLWTIDAGHFHPTEDVSDKFSAFFPFGKGLFMHVSRPVRWDSDHVVIMDDALIRITRSLVRDGYL
DRTHIGLDFFDATINRVAAWVVGARATQKSLLQAMLAPIDQLKKDELNADFTTRLIETEELKSFPFGAVWDKFCQDHNTP
VGFDWMNNIHQYEKDVQFKRDAKLVHGSHHHHHH
;
_entity_poly.pdbx_strand_id   A,B,C,D
#
loop_
_chem_comp.id
_chem_comp.type
_chem_comp.name
_chem_comp.formula
MN non-polymer 'MANGANESE (II) ION' 'Mn 2'
RAM L-saccharide, alpha linking alpha-L-rhamnopyranose 'C6 H12 O5'
RM4 L-saccharide, beta linking beta-L-rhamnopyranose 'C6 H12 O5'
#
# COMPACT_ATOMS: atom_id res chain seq x y z
N MET A 1 -40.32 4.69 17.42
CA MET A 1 -40.26 3.26 16.96
C MET A 1 -40.77 3.18 15.52
N VAL A 2 -40.13 2.36 14.69
CA VAL A 2 -40.61 2.02 13.32
C VAL A 2 -41.94 1.28 13.44
N LYS A 3 -42.94 1.74 12.70
CA LYS A 3 -44.29 1.11 12.63
C LYS A 3 -44.21 -0.12 11.73
N PRO A 4 -44.58 -1.31 12.23
CA PRO A 4 -44.57 -2.52 11.41
C PRO A 4 -45.31 -2.37 10.08
N GLU A 5 -46.36 -1.54 10.03
CA GLU A 5 -47.15 -1.26 8.80
C GLU A 5 -46.24 -0.61 7.76
N GLU A 6 -45.40 0.34 8.18
CA GLU A 6 -44.40 1.03 7.32
C GLU A 6 -43.46 -0.01 6.71
N VAL A 7 -42.91 -0.89 7.55
CA VAL A 7 -41.99 -1.97 7.10
C VAL A 7 -42.69 -2.81 6.03
N ASP A 8 -43.94 -3.20 6.30
CA ASP A 8 -44.75 -4.05 5.39
C ASP A 8 -45.00 -3.29 4.07
N LYS A 9 -45.35 -2.01 4.15
CA LYS A 9 -45.63 -1.14 2.98
C LYS A 9 -44.36 -0.99 2.13
N ALA A 10 -43.23 -0.66 2.76
CA ALA A 10 -41.93 -0.49 2.07
C ALA A 10 -41.55 -1.82 1.41
N TYR A 11 -41.80 -2.95 2.08
CA TYR A 11 -41.41 -4.29 1.58
C TYR A 11 -42.22 -4.62 0.31
N GLU A 12 -43.53 -4.40 0.31
CA GLU A 12 -44.40 -4.79 -0.83
C GLU A 12 -43.90 -4.06 -2.09
N VAL A 13 -43.52 -2.79 -1.94
CA VAL A 13 -43.01 -1.96 -3.07
C VAL A 13 -41.63 -2.48 -3.51
N ALA A 14 -40.76 -2.79 -2.55
CA ALA A 14 -39.40 -3.34 -2.81
C ALA A 14 -39.53 -4.67 -3.56
N LYS A 15 -40.41 -5.55 -3.07
CA LYS A 15 -40.70 -6.87 -3.69
C LYS A 15 -41.03 -6.66 -5.17
N GLN A 16 -41.87 -5.68 -5.49
CA GLN A 16 -42.31 -5.38 -6.88
C GLN A 16 -41.12 -4.85 -7.69
N ARG A 17 -40.36 -3.87 -7.16
CA ARG A 17 -39.20 -3.29 -7.86
C ARG A 17 -38.22 -4.40 -8.25
N TYR A 18 -37.94 -5.33 -7.33
CA TYR A 18 -36.99 -6.45 -7.53
C TYR A 18 -37.61 -7.46 -8.52
N ALA A 19 -38.90 -7.74 -8.40
CA ALA A 19 -39.62 -8.66 -9.33
C ALA A 19 -39.45 -8.14 -10.77
N GLU A 20 -39.50 -6.82 -10.96
CA GLU A 20 -39.45 -6.18 -12.30
C GLU A 20 -38.10 -6.50 -12.98
N ILE A 21 -37.04 -6.76 -12.20
CA ILE A 21 -35.68 -7.04 -12.73
C ILE A 21 -35.33 -8.51 -12.52
N GLY A 22 -36.31 -9.36 -12.21
CA GLY A 22 -36.15 -10.84 -12.17
C GLY A 22 -35.51 -11.30 -10.87
N VAL A 23 -35.78 -10.59 -9.77
CA VAL A 23 -35.25 -10.95 -8.41
C VAL A 23 -36.43 -11.23 -7.48
N ASP A 24 -36.33 -12.31 -6.71
CA ASP A 24 -37.37 -12.81 -5.77
C ASP A 24 -36.93 -12.50 -4.34
N THR A 25 -37.51 -11.47 -3.72
CA THR A 25 -37.12 -10.96 -2.39
C THR A 25 -37.44 -12.02 -1.32
N ASP A 26 -38.55 -12.75 -1.47
CA ASP A 26 -38.97 -13.79 -0.50
C ASP A 26 -37.90 -14.88 -0.49
N ALA A 27 -37.41 -15.27 -1.67
CA ALA A 27 -36.41 -16.34 -1.86
C ALA A 27 -35.06 -15.87 -1.28
N ALA A 28 -34.70 -14.61 -1.49
CA ALA A 28 -33.44 -14.02 -0.99
C ALA A 28 -33.41 -14.11 0.54
N MET A 29 -34.52 -13.79 1.21
CA MET A 29 -34.59 -13.81 2.69
C MET A 29 -34.47 -15.26 3.20
N LYS A 30 -35.10 -16.21 2.51
CA LYS A 30 -34.98 -17.66 2.83
C LYS A 30 -33.51 -18.09 2.73
N GLU A 31 -32.78 -17.59 1.73
CA GLU A 31 -31.33 -17.90 1.56
C GLU A 31 -30.55 -17.31 2.73
N LEU A 32 -30.84 -16.07 3.13
CA LEU A 32 -30.06 -15.39 4.19
C LEU A 32 -30.17 -16.19 5.49
N GLU A 33 -31.35 -16.77 5.78
CA GLU A 33 -31.62 -17.39 7.11
C GLU A 33 -30.86 -18.73 7.19
N LYS A 34 -30.19 -19.15 6.11
CA LYS A 34 -29.37 -20.40 6.06
C LYS A 34 -27.89 -20.10 6.32
N VAL A 35 -27.51 -18.83 6.49
CA VAL A 35 -26.09 -18.42 6.72
C VAL A 35 -25.89 -18.07 8.18
N PRO A 36 -25.38 -19.01 9.02
CA PRO A 36 -25.04 -18.70 10.40
C PRO A 36 -23.69 -17.99 10.49
N LEU A 37 -23.61 -16.97 11.35
CA LEU A 37 -22.35 -16.28 11.69
C LEU A 37 -21.83 -16.82 13.01
N SER A 38 -20.54 -17.10 13.08
CA SER A 38 -19.86 -17.58 14.31
C SER A 38 -19.39 -16.35 15.11
N VAL A 39 -20.19 -15.99 16.11
CA VAL A 39 -19.98 -14.79 16.99
C VAL A 39 -18.89 -15.15 18.02
N HIS A 40 -17.81 -14.38 18.05
CA HIS A 40 -16.61 -14.63 18.87
C HIS A 40 -16.86 -14.15 20.30
N CYS A 41 -16.65 -15.01 21.30
CA CYS A 41 -16.99 -14.74 22.72
C CYS A 41 -16.08 -13.65 23.27
N TRP A 42 -14.87 -13.48 22.72
CA TRP A 42 -13.76 -12.75 23.38
C TRP A 42 -13.96 -11.23 23.28
N GLN A 43 -14.87 -10.78 22.44
CA GLN A 43 -15.23 -9.33 22.37
C GLN A 43 -15.89 -8.91 23.69
N GLY A 44 -16.57 -9.83 24.38
CA GLY A 44 -17.38 -9.53 25.58
C GLY A 44 -16.54 -9.19 26.79
N ASP A 45 -15.27 -9.62 26.82
CA ASP A 45 -14.40 -9.48 28.02
C ASP A 45 -12.95 -9.17 27.61
N ASP A 46 -12.76 -8.52 26.46
CA ASP A 46 -11.42 -8.02 26.01
C ASP A 46 -10.42 -9.18 26.06
N ILE A 47 -10.87 -10.37 25.63
CA ILE A 47 -10.10 -11.65 25.56
C ILE A 47 -9.36 -11.92 26.87
N HIS A 48 -9.96 -11.65 28.03
CA HIS A 48 -9.36 -12.03 29.33
C HIS A 48 -9.49 -13.54 29.55
N GLY A 49 -10.65 -14.09 29.22
CA GLY A 49 -11.03 -15.48 29.57
C GLY A 49 -11.07 -15.69 31.07
N PHE A 50 -11.04 -16.95 31.52
CA PHE A 50 -11.36 -17.35 32.91
C PHE A 50 -10.21 -18.16 33.50
N LEU A 51 -9.29 -18.62 32.65
CA LEU A 51 -8.25 -19.61 33.00
C LEU A 51 -7.15 -18.92 33.82
N PHE A 52 -6.74 -17.72 33.42
CA PHE A 52 -5.65 -16.94 34.07
C PHE A 52 -6.17 -15.55 34.45
N GLY A 65 -9.66 0.68 24.60
CA GLY A 65 -10.97 1.14 25.06
C GLY A 65 -11.23 0.79 26.52
N ASN A 66 -12.22 1.45 27.14
CA ASN A 66 -12.61 1.25 28.55
C ASN A 66 -14.09 1.60 28.76
N TYR A 67 -14.97 1.22 27.82
CA TYR A 67 -16.44 1.36 28.00
C TYR A 67 -16.85 0.57 29.24
N PRO A 68 -17.80 1.09 30.06
CA PRO A 68 -18.28 0.36 31.22
C PRO A 68 -18.90 -1.00 30.88
N GLY A 69 -18.94 -1.89 31.87
CA GLY A 69 -19.84 -3.07 31.90
C GLY A 69 -19.20 -4.31 31.31
N ILE A 70 -17.87 -4.36 31.25
CA ILE A 70 -17.13 -5.56 30.74
C ILE A 70 -17.64 -6.79 31.50
N ALA A 71 -17.87 -7.90 30.79
CA ALA A 71 -18.13 -9.23 31.39
C ALA A 71 -16.90 -9.67 32.19
N ARG A 72 -17.12 -10.24 33.37
CA ARG A 72 -16.03 -10.66 34.31
C ARG A 72 -16.14 -12.15 34.64
N THR A 73 -17.32 -12.74 34.45
CA THR A 73 -17.63 -14.14 34.83
C THR A 73 -18.24 -14.87 33.63
N PRO A 74 -18.24 -16.22 33.63
CA PRO A 74 -18.93 -16.98 32.60
C PRO A 74 -20.41 -16.56 32.46
N ASP A 75 -21.12 -16.42 33.59
CA ASP A 75 -22.56 -16.05 33.63
C ASP A 75 -22.76 -14.69 32.95
N GLU A 76 -21.87 -13.73 33.22
CA GLU A 76 -21.96 -12.36 32.65
C GLU A 76 -21.71 -12.42 31.15
N LEU A 77 -20.71 -13.20 30.71
CA LEU A 77 -20.36 -13.29 29.26
C LEU A 77 -21.49 -14.02 28.52
N ALA A 78 -22.01 -15.11 29.09
CA ALA A 78 -23.15 -15.87 28.53
C ALA A 78 -24.35 -14.93 28.34
N GLY A 79 -24.68 -14.13 29.37
CA GLY A 79 -25.81 -13.19 29.31
C GLY A 79 -25.62 -12.14 28.23
N ASP A 80 -24.41 -11.62 28.10
CA ASP A 80 -24.04 -10.57 27.08
C ASP A 80 -24.21 -11.18 25.68
N MET A 81 -23.74 -12.40 25.47
CA MET A 81 -23.87 -13.08 24.15
C MET A 81 -25.35 -13.36 23.86
N HIS A 82 -26.12 -13.80 24.87
CA HIS A 82 -27.59 -13.97 24.73
C HIS A 82 -28.22 -12.65 24.27
N GLU A 83 -27.84 -11.53 24.90
CA GLU A 83 -28.43 -10.20 24.57
C GLU A 83 -28.12 -9.86 23.11
N ALA A 84 -26.86 -9.95 22.69
CA ALA A 84 -26.43 -9.65 21.31
C ALA A 84 -27.19 -10.53 20.32
N LEU A 85 -27.24 -11.85 20.56
CA LEU A 85 -27.92 -12.79 19.63
C LEU A 85 -29.40 -12.43 19.53
N SER A 86 -30.02 -11.92 20.60
CA SER A 86 -31.46 -11.58 20.63
C SER A 86 -31.76 -10.40 19.70
N LEU A 87 -30.73 -9.64 19.30
CA LEU A 87 -30.85 -8.43 18.44
C LEU A 87 -30.29 -8.71 17.04
N ILE A 88 -29.82 -9.94 16.81
CA ILE A 88 -29.34 -10.40 15.47
C ILE A 88 -30.35 -11.38 14.91
N PRO A 89 -31.00 -11.05 13.78
CA PRO A 89 -32.08 -11.88 13.25
C PRO A 89 -31.55 -13.23 12.75
N GLY A 90 -32.31 -14.31 13.01
CA GLY A 90 -31.97 -15.66 12.55
C GLY A 90 -31.18 -16.42 13.60
N LYS A 91 -30.61 -17.56 13.22
CA LYS A 91 -29.90 -18.48 14.14
C LYS A 91 -28.41 -18.51 13.76
N HIS A 92 -27.55 -18.44 14.77
CA HIS A 92 -26.09 -18.24 14.57
C HIS A 92 -25.31 -19.21 15.45
N ARG A 93 -24.00 -18.99 15.53
CA ARG A 93 -23.06 -19.87 16.26
C ARG A 93 -22.22 -19.00 17.18
N VAL A 94 -21.54 -19.61 18.14
CA VAL A 94 -20.58 -18.91 19.05
C VAL A 94 -19.21 -19.60 18.93
N GLN A 95 -18.15 -18.79 18.85
CA GLN A 95 -16.74 -19.25 18.91
C GLN A 95 -16.22 -19.10 20.35
N LEU A 96 -15.57 -20.14 20.85
CA LEU A 96 -14.86 -20.12 22.15
C LEU A 96 -13.35 -20.05 21.89
N HIS A 97 -12.60 -19.49 22.83
CA HIS A 97 -11.14 -19.68 22.99
C HIS A 97 -10.90 -20.66 24.14
N ALA A 98 -9.80 -21.39 24.10
CA ALA A 98 -9.43 -22.39 25.13
C ALA A 98 -9.45 -21.73 26.52
N ILE A 99 -9.11 -20.44 26.61
CA ILE A 99 -8.94 -19.75 27.92
C ILE A 99 -10.31 -19.45 28.53
N TYR A 100 -11.42 -19.80 27.84
CA TYR A 100 -12.80 -19.63 28.35
C TYR A 100 -13.28 -20.92 29.03
N ALA A 101 -12.36 -21.85 29.29
CA ALA A 101 -12.60 -23.04 30.15
C ALA A 101 -13.26 -22.59 31.46
N VAL A 102 -14.24 -23.37 31.93
CA VAL A 102 -14.99 -23.11 33.20
C VAL A 102 -14.78 -24.30 34.13
N THR A 103 -13.92 -24.15 35.15
CA THR A 103 -13.48 -25.25 36.04
C THR A 103 -12.96 -24.65 37.36
N ASP A 104 -13.12 -25.38 38.46
CA ASP A 104 -12.53 -25.02 39.78
C ASP A 104 -11.21 -25.80 39.96
N LYS A 105 -10.85 -26.61 38.96
CA LYS A 105 -9.59 -27.39 38.95
C LYS A 105 -8.45 -26.51 38.43
N LYS A 106 -7.28 -26.60 39.04
CA LYS A 106 -6.03 -25.92 38.57
C LYS A 106 -5.66 -26.50 37.21
N ARG A 107 -5.82 -25.72 36.15
CA ARG A 107 -5.48 -26.13 34.75
C ARG A 107 -4.40 -25.20 34.20
N ASP A 108 -3.61 -25.73 33.26
CA ASP A 108 -2.77 -24.94 32.33
C ASP A 108 -3.20 -25.33 30.91
N LEU A 109 -2.69 -24.65 29.89
CA LEU A 109 -3.15 -24.87 28.49
C LEU A 109 -2.82 -26.30 28.06
N ASP A 110 -1.89 -26.97 28.74
CA ASP A 110 -1.45 -28.35 28.36
C ASP A 110 -2.11 -29.38 29.29
N THR A 111 -3.05 -28.98 30.14
CA THR A 111 -3.77 -29.91 31.05
C THR A 111 -5.29 -29.68 31.02
N LEU A 112 -5.77 -28.85 30.10
CA LEU A 112 -7.24 -28.66 29.87
C LEU A 112 -7.85 -30.01 29.52
N GLU A 113 -9.08 -30.26 29.99
CA GLU A 113 -9.88 -31.47 29.68
C GLU A 113 -11.18 -31.05 29.01
N PRO A 114 -11.77 -31.92 28.17
CA PRO A 114 -13.02 -31.61 27.49
C PRO A 114 -14.14 -31.13 28.42
N GLU A 115 -14.29 -31.74 29.60
CA GLU A 115 -15.43 -31.48 30.52
C GLU A 115 -15.29 -30.06 31.12
N ASP A 116 -14.13 -29.42 30.94
CA ASP A 116 -13.90 -28.00 31.34
C ASP A 116 -14.76 -27.08 30.47
N PHE A 117 -15.41 -27.64 29.45
CA PHE A 117 -16.25 -26.85 28.49
C PHE A 117 -17.71 -27.31 28.57
N ASP A 118 -18.05 -28.12 29.58
CA ASP A 118 -19.44 -28.55 29.89
C ASP A 118 -20.33 -27.30 30.06
N TYR A 119 -19.83 -26.28 30.75
CA TYR A 119 -20.59 -25.02 31.01
C TYR A 119 -21.10 -24.48 29.66
N TRP A 120 -20.24 -24.45 28.65
CA TRP A 120 -20.52 -23.83 27.34
C TRP A 120 -21.40 -24.74 26.48
N ILE A 121 -21.22 -26.06 26.60
CA ILE A 121 -22.11 -27.04 25.91
C ILE A 121 -23.53 -26.87 26.45
N ASP A 122 -23.69 -26.83 27.78
CA ASP A 122 -24.98 -26.62 28.46
C ASP A 122 -25.59 -25.31 27.96
N TRP A 123 -24.78 -24.24 27.90
CA TRP A 123 -25.26 -22.89 27.49
C TRP A 123 -25.71 -22.93 26.04
N ALA A 124 -24.92 -23.55 25.15
CA ALA A 124 -25.20 -23.60 23.70
C ALA A 124 -26.50 -24.38 23.44
N LYS A 125 -26.76 -25.44 24.21
CA LYS A 125 -28.02 -26.23 24.05
C LYS A 125 -29.21 -25.38 24.46
N GLN A 126 -29.09 -24.61 25.55
CA GLN A 126 -30.14 -23.71 26.08
C GLN A 126 -30.37 -22.57 25.09
N GLU A 127 -29.29 -22.00 24.55
CA GLU A 127 -29.32 -20.85 23.62
C GLU A 127 -29.79 -21.32 22.23
N GLY A 128 -29.48 -22.56 21.86
CA GLY A 128 -29.86 -23.16 20.57
C GLY A 128 -28.87 -22.79 19.46
N VAL A 129 -27.57 -22.82 19.78
CA VAL A 129 -26.49 -22.46 18.81
C VAL A 129 -25.44 -23.56 18.78
N GLY A 130 -24.77 -23.72 17.64
CA GLY A 130 -23.52 -24.48 17.51
C GLY A 130 -22.34 -23.70 18.07
N LEU A 131 -21.25 -24.41 18.37
CA LEU A 131 -19.98 -23.81 18.87
C LEU A 131 -18.85 -24.14 17.89
N ASP A 132 -17.99 -23.16 17.65
CA ASP A 132 -16.66 -23.35 17.03
C ASP A 132 -15.61 -23.07 18.11
N PHE A 133 -14.36 -23.43 17.86
CA PHE A 133 -13.30 -23.49 18.89
C PHE A 133 -12.02 -22.86 18.34
N ASN A 134 -11.23 -22.30 19.25
CA ASN A 134 -9.87 -21.76 18.99
C ASN A 134 -8.96 -22.19 20.12
N GLY A 135 -7.87 -22.88 19.80
CA GLY A 135 -6.71 -23.02 20.71
C GLY A 135 -6.15 -21.65 21.03
N THR A 136 -5.67 -21.46 22.26
CA THR A 136 -5.08 -20.17 22.73
C THR A 136 -3.55 -20.30 22.77
N PHE A 137 -2.87 -19.77 21.75
CA PHE A 137 -1.41 -19.92 21.55
C PHE A 137 -0.73 -18.58 21.82
N PHE A 138 -1.19 -17.85 22.83
CA PHE A 138 -0.67 -16.49 23.17
C PHE A 138 -1.01 -16.14 24.63
N SER A 139 -0.42 -15.05 25.13
CA SER A 139 -0.63 -14.50 26.49
C SER A 139 -0.29 -15.57 27.53
N HIS A 140 0.93 -16.09 27.48
CA HIS A 140 1.39 -17.22 28.33
C HIS A 140 2.91 -17.18 28.45
N PRO A 141 3.46 -17.52 29.63
CA PRO A 141 4.91 -17.51 29.83
C PRO A 141 5.66 -18.48 28.91
N MET A 142 4.96 -19.46 28.32
CA MET A 142 5.58 -20.48 27.42
C MET A 142 5.61 -19.96 25.97
N VAL A 143 5.15 -18.73 25.72
CA VAL A 143 5.42 -18.03 24.44
C VAL A 143 6.85 -17.47 24.52
N LYS A 144 7.79 -18.10 23.81
CA LYS A 144 9.23 -17.76 23.89
C LYS A 144 9.63 -16.99 22.64
N ASP A 145 10.03 -15.72 22.80
CA ASP A 145 10.39 -14.83 21.67
C ASP A 145 9.32 -14.95 20.58
N ASN A 146 8.05 -14.85 20.98
CA ASN A 146 6.86 -14.75 20.08
C ASN A 146 6.65 -16.07 19.31
N MET A 147 7.19 -17.18 19.80
CA MET A 147 7.04 -18.49 19.11
C MET A 147 6.49 -19.54 20.07
N THR A 148 5.73 -20.49 19.55
CA THR A 148 4.98 -21.52 20.31
C THR A 148 5.22 -22.89 19.67
N VAL A 149 4.32 -23.32 18.78
CA VAL A 149 4.38 -24.65 18.12
C VAL A 149 5.69 -24.77 17.32
N SER A 150 6.17 -23.68 16.71
CA SER A 150 7.32 -23.70 15.77
C SER A 150 8.58 -23.10 16.43
N SER A 151 8.58 -22.95 17.75
CA SER A 151 9.78 -22.52 18.54
C SER A 151 10.96 -23.44 18.23
N PRO A 152 12.19 -22.90 18.18
CA PRO A 152 13.39 -23.73 18.07
C PRO A 152 13.66 -24.53 19.35
N ASP A 153 12.99 -24.17 20.45
CA ASP A 153 13.10 -24.84 21.78
C ASP A 153 12.12 -26.01 21.84
N PRO A 154 12.60 -27.28 21.90
CA PRO A 154 11.72 -28.44 21.91
C PRO A 154 10.75 -28.49 23.09
N LYS A 155 11.18 -28.03 24.28
CA LYS A 155 10.30 -27.94 25.49
C LYS A 155 9.06 -27.09 25.14
N VAL A 156 9.30 -25.96 24.49
CA VAL A 156 8.23 -24.97 24.13
C VAL A 156 7.33 -25.60 23.06
N ARG A 157 7.93 -26.13 22.00
CA ARG A 157 7.23 -26.86 20.91
C ARG A 157 6.33 -27.95 21.52
N ASP A 158 6.86 -28.75 22.44
CA ASP A 158 6.16 -29.94 23.00
C ASP A 158 4.95 -29.47 23.81
N PHE A 159 5.11 -28.41 24.61
CA PHE A 159 4.02 -27.80 25.42
C PHE A 159 2.86 -27.42 24.50
N TRP A 160 3.16 -26.72 23.40
CA TRP A 160 2.13 -26.14 22.49
C TRP A 160 1.55 -27.23 21.59
N ILE A 161 2.32 -28.27 21.29
CA ILE A 161 1.79 -29.47 20.57
C ILE A 161 0.77 -30.16 21.48
N ARG A 162 1.05 -30.23 22.79
CA ARG A 162 0.10 -30.82 23.78
C ARG A 162 -1.18 -30.00 23.78
N HIS A 163 -1.07 -28.67 23.76
CA HIS A 163 -2.27 -27.80 23.72
C HIS A 163 -3.02 -28.00 22.40
N GLY A 164 -2.29 -28.07 21.28
CA GLY A 164 -2.89 -28.32 19.95
C GLY A 164 -3.72 -29.59 19.94
N LYS A 165 -3.17 -30.69 20.45
CA LYS A 165 -3.85 -32.00 20.50
C LYS A 165 -5.09 -31.89 21.38
N ILE A 166 -4.96 -31.23 22.53
CA ILE A 166 -6.06 -31.02 23.51
C ILE A 166 -7.19 -30.21 22.85
N SER A 167 -6.87 -29.20 22.03
CA SER A 167 -7.89 -28.37 21.34
C SER A 167 -8.75 -29.27 20.44
N ARG A 168 -8.16 -30.30 19.83
CA ARG A 168 -8.87 -31.24 18.93
C ARG A 168 -9.75 -32.17 19.77
N GLU A 169 -9.25 -32.64 20.91
CA GLU A 169 -9.99 -33.52 21.85
C GLU A 169 -11.20 -32.74 22.39
N ILE A 170 -11.00 -31.48 22.81
CA ILE A 170 -12.10 -30.62 23.34
C ILE A 170 -13.15 -30.45 22.23
N SER A 171 -12.69 -30.12 21.01
CA SER A 171 -13.55 -29.87 19.84
C SER A 171 -14.37 -31.11 19.49
N ASN A 172 -13.75 -32.29 19.54
CA ASN A 172 -14.42 -33.58 19.23
C ASN A 172 -15.56 -33.80 20.22
N TYR A 173 -15.28 -33.59 21.50
CA TYR A 173 -16.22 -33.75 22.65
C TYR A 173 -17.39 -32.80 22.48
N ILE A 174 -17.13 -31.51 22.25
CA ILE A 174 -18.20 -30.49 22.05
C ILE A 174 -19.07 -30.92 20.86
N GLY A 175 -18.45 -31.31 19.74
CA GLY A 175 -19.17 -31.70 18.51
C GLY A 175 -20.04 -32.92 18.75
N GLU A 176 -19.53 -33.91 19.49
CA GLU A 176 -20.29 -35.13 19.85
C GLU A 176 -21.53 -34.72 20.65
N LYS A 177 -21.36 -33.86 21.65
CA LYS A 177 -22.44 -33.46 22.61
C LYS A 177 -23.49 -32.60 21.89
N LEU A 178 -23.06 -31.67 21.03
CA LEU A 178 -23.96 -30.68 20.38
C LEU A 178 -24.62 -31.29 19.14
N GLY A 179 -23.98 -32.26 18.48
CA GLY A 179 -24.46 -32.86 17.23
C GLY A 179 -24.29 -31.90 16.06
N SER A 180 -23.29 -31.02 16.16
CA SER A 180 -22.89 -30.04 15.11
C SER A 180 -21.37 -29.96 15.06
N GLN A 181 -20.79 -30.09 13.87
CA GLN A 181 -19.33 -30.08 13.66
C GLN A 181 -18.73 -28.79 14.23
N VAL A 182 -17.74 -28.94 15.11
CA VAL A 182 -16.92 -27.82 15.67
C VAL A 182 -15.77 -27.54 14.71
N VAL A 183 -15.74 -26.36 14.09
CA VAL A 183 -14.52 -25.90 13.36
C VAL A 183 -13.51 -25.44 14.41
N ASN A 184 -12.34 -26.09 14.43
CA ASN A 184 -11.26 -25.82 15.40
C ASN A 184 -10.18 -25.01 14.69
N ASN A 185 -10.15 -23.70 14.94
CA ASN A 185 -9.26 -22.76 14.23
C ASN A 185 -7.92 -22.68 14.95
N PHE A 186 -6.83 -22.82 14.20
CA PHE A 186 -5.43 -22.69 14.69
C PHE A 186 -4.85 -21.37 14.21
N TRP A 187 -4.55 -20.48 15.16
CA TRP A 187 -3.74 -19.27 14.91
C TRP A 187 -2.56 -19.24 15.87
N LEU A 188 -1.34 -19.08 15.32
CA LEU A 188 -0.07 -18.94 16.08
C LEU A 188 0.49 -17.54 15.85
N PRO A 189 1.06 -16.91 16.90
CA PRO A 189 1.76 -15.63 16.73
C PRO A 189 3.14 -15.77 16.08
N ASP A 190 3.63 -17.01 15.97
CA ASP A 190 5.05 -17.34 15.70
C ASP A 190 5.60 -16.45 14.58
N GLY A 191 6.75 -15.83 14.83
CA GLY A 191 7.46 -15.00 13.84
C GLY A 191 8.60 -14.23 14.48
N PHE A 192 9.12 -13.24 13.76
CA PHE A 192 10.23 -12.36 14.21
C PHE A 192 9.80 -10.90 14.13
N LYS A 193 10.22 -10.13 15.13
CA LYS A 193 10.08 -8.65 15.11
C LYS A 193 10.91 -8.08 13.96
N ASP A 194 12.17 -8.49 13.84
CA ASP A 194 13.12 -7.94 12.84
C ASP A 194 13.49 -9.01 11.82
N ASN A 195 14.28 -8.64 10.82
CA ASN A 195 14.56 -9.43 9.58
C ASN A 195 15.28 -10.72 9.96
N PRO A 196 14.71 -11.90 9.61
CA PRO A 196 15.35 -13.17 9.93
C PRO A 196 16.44 -13.56 8.91
N ILE A 197 17.36 -14.42 9.36
CA ILE A 197 18.41 -15.06 8.50
C ILE A 197 17.81 -16.31 7.85
N ASP A 198 17.14 -17.14 8.65
CA ASP A 198 16.62 -18.46 8.23
C ASP A 198 15.08 -18.42 8.21
N LYS A 199 14.51 -18.35 7.01
CA LYS A 199 13.04 -18.36 6.78
C LYS A 199 12.55 -19.79 6.60
N LYS A 200 13.45 -20.69 6.21
CA LYS A 200 13.09 -22.08 5.81
C LYS A 200 12.79 -22.91 7.05
N THR A 201 13.70 -22.92 8.01
CA THR A 201 13.70 -23.88 9.13
C THR A 201 12.47 -23.66 10.01
N PRO A 202 12.06 -22.40 10.31
CA PRO A 202 10.86 -22.20 11.12
C PRO A 202 9.62 -22.82 10.48
N ARG A 203 9.52 -22.75 9.15
CA ARG A 203 8.33 -23.25 8.39
C ARG A 203 8.40 -24.78 8.29
N LEU A 204 9.61 -25.38 8.27
CA LEU A 204 9.75 -26.86 8.33
C LEU A 204 9.42 -27.34 9.75
N ARG A 205 9.77 -26.56 10.78
CA ARG A 205 9.42 -26.91 12.19
C ARG A 205 7.90 -26.86 12.33
N LEU A 206 7.25 -25.85 11.75
CA LEU A 206 5.77 -25.69 11.79
C LEU A 206 5.10 -26.89 11.09
N LEU A 207 5.58 -27.26 9.90
CA LEU A 207 4.98 -28.36 9.10
C LEU A 207 4.97 -29.64 9.95
N LYS A 208 6.12 -29.99 10.53
CA LYS A 208 6.28 -31.22 11.33
C LYS A 208 5.34 -31.19 12.54
N ALA A 209 5.29 -30.05 13.25
CA ALA A 209 4.50 -29.89 14.49
C ALA A 209 3.01 -30.01 14.18
N LEU A 210 2.54 -29.37 13.11
CA LEU A 210 1.11 -29.41 12.69
C LEU A 210 0.72 -30.85 12.34
N ASP A 211 1.57 -31.55 11.58
CA ASP A 211 1.32 -32.96 11.15
C ASP A 211 1.18 -33.83 12.40
N GLU A 212 1.98 -33.54 13.43
CA GLU A 212 1.92 -34.26 14.73
C GLU A 212 0.58 -33.94 15.43
N ILE A 213 0.17 -32.67 15.43
CA ILE A 213 -1.05 -32.23 16.16
C ILE A 213 -2.27 -32.93 15.55
N ILE A 214 -2.31 -33.11 14.22
CA ILE A 214 -3.53 -33.63 13.53
C ILE A 214 -3.44 -35.15 13.34
N LYS A 215 -2.39 -35.80 13.84
CA LYS A 215 -2.07 -37.22 13.52
C LYS A 215 -3.20 -38.14 14.00
N ASP A 216 -3.60 -38.05 15.28
CA ASP A 216 -4.61 -38.95 15.89
C ASP A 216 -5.98 -38.66 15.29
N PRO A 217 -6.62 -39.64 14.60
CA PRO A 217 -7.86 -39.41 13.88
C PRO A 217 -9.03 -39.12 14.84
N LEU A 218 -9.88 -38.15 14.47
CA LEU A 218 -11.13 -37.84 15.19
C LEU A 218 -12.28 -37.75 14.18
N PRO A 219 -13.51 -38.14 14.57
CA PRO A 219 -14.66 -38.12 13.67
C PRO A 219 -14.90 -36.73 13.05
N GLU A 220 -14.93 -36.68 11.73
CA GLU A 220 -15.15 -35.44 10.95
C GLU A 220 -16.53 -34.87 11.29
N LYS A 221 -17.49 -35.70 11.67
CA LYS A 221 -18.87 -35.22 12.00
C LYS A 221 -18.80 -34.36 13.27
N ASN A 222 -17.75 -34.54 14.09
CA ASN A 222 -17.61 -33.86 15.40
C ASN A 222 -16.76 -32.59 15.25
N THR A 223 -15.67 -32.66 14.48
CA THR A 223 -14.71 -31.53 14.37
C THR A 223 -13.88 -31.64 13.09
N ILE A 224 -13.47 -30.50 12.55
CA ILE A 224 -12.38 -30.38 11.55
C ILE A 224 -11.58 -29.13 11.88
N GLU A 225 -10.29 -29.14 11.57
CA GLU A 225 -9.35 -28.04 11.90
C GLU A 225 -9.28 -27.07 10.73
N SER A 226 -9.16 -25.79 11.03
CA SER A 226 -8.84 -24.72 10.06
C SER A 226 -7.56 -24.01 10.50
N PHE A 227 -6.78 -23.52 9.55
CA PHE A 227 -5.43 -22.95 9.78
C PHE A 227 -5.41 -21.50 9.29
N GLU A 228 -5.01 -20.59 10.19
CA GLU A 228 -5.14 -19.12 10.00
C GLU A 228 -3.74 -18.49 9.91
N GLY A 229 -3.42 -17.93 8.75
CA GLY A 229 -2.18 -17.16 8.53
C GLY A 229 -2.38 -15.69 8.87
N LYS A 230 -1.27 -14.95 8.84
CA LYS A 230 -1.25 -13.50 9.14
C LYS A 230 -0.05 -12.91 8.41
N LEU A 231 -0.11 -11.67 7.96
CA LEU A 231 1.04 -11.03 7.29
C LEU A 231 1.99 -10.50 8.36
N PHE A 232 1.46 -9.83 9.39
CA PHE A 232 2.27 -9.18 10.46
C PHE A 232 1.39 -8.85 11.67
N GLY A 233 2.01 -8.79 12.84
CA GLY A 233 1.39 -8.36 14.10
C GLY A 233 2.32 -7.45 14.87
N THR A 234 1.76 -6.68 15.82
CA THR A 234 2.51 -5.79 16.74
C THR A 234 3.64 -6.58 17.41
N GLY A 235 4.89 -6.09 17.31
CA GLY A 235 6.06 -6.71 17.96
C GLY A 235 6.55 -7.92 17.20
N ILE A 236 5.88 -8.28 16.10
CA ILE A 236 6.24 -9.45 15.25
C ILE A 236 6.13 -9.05 13.77
N GLU A 237 6.68 -7.89 13.40
CA GLU A 237 6.31 -7.20 12.14
C GLU A 237 6.98 -7.83 10.92
N SER A 238 8.20 -8.40 11.05
CA SER A 238 9.13 -8.61 9.90
C SER A 238 8.89 -9.98 9.25
N TYR A 239 8.47 -10.97 10.01
CA TYR A 239 8.30 -12.36 9.52
C TYR A 239 7.24 -13.08 10.36
N THR A 240 6.29 -13.71 9.67
CA THR A 240 5.25 -14.59 10.25
C THR A 240 5.49 -16.02 9.75
N THR A 241 5.82 -16.93 10.66
CA THR A 241 6.11 -18.35 10.31
C THR A 241 4.93 -18.91 9.52
N GLY A 242 3.73 -18.87 10.10
CA GLY A 242 2.49 -19.31 9.45
C GLY A 242 1.95 -18.26 8.49
N SER A 243 2.49 -18.20 7.28
CA SER A 243 2.06 -17.25 6.22
C SER A 243 0.77 -17.77 5.55
N HIS A 244 0.07 -16.88 4.84
CA HIS A 244 -1.14 -17.24 4.05
C HIS A 244 -0.78 -18.34 3.05
N GLU A 245 0.37 -18.22 2.39
CA GLU A 245 0.83 -19.19 1.36
C GLU A 245 1.08 -20.53 2.05
N PHE A 246 1.77 -20.52 3.19
CA PHE A 246 2.08 -21.75 3.94
C PHE A 246 0.78 -22.49 4.27
N TYR A 247 -0.22 -21.78 4.79
CA TYR A 247 -1.45 -22.42 5.33
C TYR A 247 -2.42 -22.81 4.20
N GLN A 248 -2.47 -22.06 3.10
CA GLN A 248 -3.28 -22.50 1.94
C GLN A 248 -2.68 -23.83 1.44
N ASN A 249 -1.36 -23.88 1.31
CA ASN A 249 -0.63 -25.10 0.84
C ASN A 249 -0.89 -26.24 1.82
N TYR A 250 -0.82 -25.95 3.12
CA TYR A 250 -0.99 -26.96 4.20
C TYR A 250 -2.42 -27.49 4.17
N ALA A 251 -3.42 -26.60 4.14
CA ALA A 251 -4.86 -26.96 4.15
C ALA A 251 -5.13 -27.90 2.98
N ILE A 252 -4.69 -27.53 1.77
CA ILE A 252 -4.95 -28.31 0.53
C ILE A 252 -4.27 -29.68 0.64
N SER A 253 -3.03 -29.73 1.11
CA SER A 253 -2.21 -30.98 1.09
C SER A 253 -2.64 -31.92 2.22
N ARG A 254 -3.14 -31.39 3.34
CA ARG A 254 -3.56 -32.21 4.51
C ARG A 254 -5.09 -32.32 4.57
N ASN A 255 -5.78 -31.77 3.56
CA ASN A 255 -7.26 -31.86 3.41
C ASN A 255 -7.93 -31.27 4.65
N LYS A 256 -7.54 -30.05 5.04
CA LYS A 256 -8.14 -29.31 6.17
C LYS A 256 -8.70 -27.99 5.65
N LEU A 257 -9.33 -27.21 6.52
CA LEU A 257 -9.91 -25.90 6.15
C LEU A 257 -8.82 -24.83 6.20
N TRP A 258 -8.98 -23.77 5.39
CA TRP A 258 -8.08 -22.60 5.37
C TRP A 258 -8.85 -21.39 5.92
N THR A 259 -8.27 -20.68 6.89
CA THR A 259 -8.90 -19.48 7.50
C THR A 259 -8.37 -18.21 6.82
N ILE A 260 -9.29 -17.40 6.29
CA ILE A 260 -9.00 -16.06 5.71
C ILE A 260 -9.60 -15.01 6.65
N ASP A 261 -8.73 -14.27 7.35
CA ASP A 261 -9.15 -13.11 8.18
C ASP A 261 -8.93 -11.84 7.36
N ALA A 262 -9.99 -11.05 7.15
CA ALA A 262 -10.04 -9.91 6.21
C ALA A 262 -9.09 -8.80 6.68
N GLY A 263 -8.58 -8.89 7.91
CA GLY A 263 -7.69 -7.87 8.50
C GLY A 263 -6.22 -8.18 8.32
N HIS A 264 -5.87 -9.36 7.78
CA HIS A 264 -4.52 -9.96 7.97
C HIS A 264 -3.70 -9.95 6.67
N PHE A 265 -4.08 -9.13 5.69
CA PHE A 265 -3.46 -9.13 4.34
C PHE A 265 -2.80 -7.77 4.06
N HIS A 266 -2.23 -7.63 2.86
CA HIS A 266 -1.46 -6.44 2.43
C HIS A 266 -2.41 -5.26 2.28
N PRO A 267 -1.88 -4.02 2.32
CA PRO A 267 -2.65 -2.86 1.86
C PRO A 267 -3.19 -3.11 0.45
N THR A 268 -4.48 -2.85 0.25
CA THR A 268 -5.22 -2.91 -1.06
C THR A 268 -5.53 -4.36 -1.44
N GLU A 269 -5.11 -5.34 -0.65
CA GLU A 269 -5.35 -6.78 -0.96
C GLU A 269 -6.83 -7.08 -0.76
N ASP A 270 -7.47 -7.70 -1.76
CA ASP A 270 -8.91 -8.04 -1.76
C ASP A 270 -9.06 -9.54 -1.46
N VAL A 271 -9.41 -9.91 -0.24
CA VAL A 271 -9.44 -11.35 0.18
C VAL A 271 -10.56 -12.09 -0.56
N SER A 272 -11.52 -11.37 -1.13
CA SER A 272 -12.66 -11.97 -1.90
C SER A 272 -12.13 -12.57 -3.21
N ASP A 273 -10.90 -12.22 -3.60
CA ASP A 273 -10.22 -12.76 -4.81
C ASP A 273 -9.82 -14.22 -4.56
N LYS A 274 -9.56 -14.60 -3.31
CA LYS A 274 -8.87 -15.89 -2.98
C LYS A 274 -9.81 -17.07 -3.20
N PHE A 275 -11.12 -16.90 -2.94
CA PHE A 275 -12.08 -18.04 -2.82
C PHE A 275 -11.99 -18.91 -4.08
N SER A 276 -12.10 -18.26 -5.25
CA SER A 276 -12.23 -18.95 -6.57
C SER A 276 -10.88 -19.53 -7.00
N ALA A 277 -9.78 -19.18 -6.34
CA ALA A 277 -8.43 -19.73 -6.62
C ALA A 277 -8.16 -20.91 -5.69
N PHE A 278 -8.90 -20.99 -4.57
CA PHE A 278 -8.79 -22.06 -3.54
C PHE A 278 -9.67 -23.25 -3.94
N PHE A 279 -10.92 -22.99 -4.31
CA PHE A 279 -11.96 -24.05 -4.33
C PHE A 279 -11.74 -25.05 -5.47
N PRO A 280 -10.94 -24.77 -6.52
CA PRO A 280 -10.59 -25.83 -7.47
C PRO A 280 -9.71 -26.93 -6.84
N PHE A 281 -9.13 -26.65 -5.66
CA PHE A 281 -8.05 -27.49 -5.07
C PHE A 281 -8.43 -27.97 -3.66
N GLY A 282 -9.19 -27.17 -2.90
CA GLY A 282 -9.30 -27.30 -1.44
C GLY A 282 -10.69 -27.69 -0.98
N LYS A 283 -10.83 -27.91 0.33
CA LYS A 283 -12.01 -28.55 0.97
C LYS A 283 -13.02 -27.47 1.38
N GLY A 284 -12.57 -26.48 2.14
CA GLY A 284 -13.47 -25.52 2.80
C GLY A 284 -12.70 -24.36 3.38
N LEU A 285 -13.43 -23.28 3.69
CA LEU A 285 -12.90 -22.00 4.22
C LEU A 285 -13.54 -21.70 5.57
N PHE A 286 -12.79 -21.04 6.44
CA PHE A 286 -13.31 -20.27 7.60
C PHE A 286 -13.01 -18.80 7.32
N MET A 287 -14.02 -18.07 6.85
CA MET A 287 -13.89 -16.63 6.49
C MET A 287 -14.16 -15.80 7.74
N HIS A 288 -13.11 -15.17 8.29
CA HIS A 288 -13.16 -14.29 9.47
C HIS A 288 -13.30 -12.83 9.02
N VAL A 289 -14.51 -12.27 9.12
CA VAL A 289 -14.71 -10.84 8.75
C VAL A 289 -14.24 -9.99 9.92
N SER A 290 -13.43 -8.99 9.59
CA SER A 290 -12.73 -8.07 10.52
C SER A 290 -12.37 -6.83 9.71
N ARG A 291 -12.41 -5.65 10.31
CA ARG A 291 -12.05 -4.38 9.63
C ARG A 291 -10.65 -3.96 10.07
N PRO A 292 -9.66 -4.02 9.16
CA PRO A 292 -8.37 -3.39 9.40
C PRO A 292 -8.45 -1.90 9.06
N VAL A 293 -7.93 -1.06 9.96
CA VAL A 293 -7.72 0.38 9.64
C VAL A 293 -6.22 0.66 9.68
N ARG A 294 -5.56 0.35 8.55
CA ARG A 294 -4.13 0.66 8.24
C ARG A 294 -3.19 -0.34 8.91
N TRP A 295 -3.69 -1.16 9.83
CA TRP A 295 -3.02 -2.39 10.31
C TRP A 295 -4.07 -3.40 10.77
N ASP A 296 -3.65 -4.54 11.31
CA ASP A 296 -4.57 -5.53 11.91
C ASP A 296 -5.15 -4.98 13.22
N SER A 297 -6.08 -4.02 13.10
CA SER A 297 -6.59 -3.17 14.21
C SER A 297 -7.82 -3.82 14.85
N ASP A 298 -8.45 -4.77 14.16
CA ASP A 298 -9.62 -5.55 14.67
C ASP A 298 -10.77 -4.59 15.00
N HIS A 299 -11.02 -3.61 14.13
CA HIS A 299 -12.23 -2.76 14.19
C HIS A 299 -13.48 -3.60 13.93
N VAL A 300 -14.60 -3.16 14.49
CA VAL A 300 -15.95 -3.76 14.24
C VAL A 300 -16.23 -3.73 12.74
N VAL A 301 -16.73 -4.86 12.23
CA VAL A 301 -17.13 -5.03 10.81
C VAL A 301 -18.25 -4.03 10.49
N ILE A 302 -18.07 -3.28 9.39
CA ILE A 302 -19.08 -2.32 8.87
C ILE A 302 -19.33 -2.62 7.40
N MET A 303 -20.42 -2.10 6.86
CA MET A 303 -20.75 -2.26 5.42
C MET A 303 -19.83 -1.33 4.61
N ASP A 304 -18.70 -1.89 4.18
CA ASP A 304 -17.66 -1.20 3.36
C ASP A 304 -17.30 -2.09 2.16
N ASP A 305 -16.41 -1.62 1.31
CA ASP A 305 -16.03 -2.29 0.04
C ASP A 305 -15.64 -3.73 0.35
N ALA A 306 -14.79 -3.92 1.35
CA ALA A 306 -14.21 -5.25 1.68
C ALA A 306 -15.34 -6.22 2.03
N LEU A 307 -16.27 -5.81 2.90
CA LEU A 307 -17.38 -6.69 3.34
C LEU A 307 -18.32 -6.96 2.16
N ILE A 308 -18.64 -5.93 1.38
CA ILE A 308 -19.54 -6.07 0.20
C ILE A 308 -18.92 -7.08 -0.78
N ARG A 309 -17.61 -7.00 -1.01
CA ARG A 309 -16.90 -7.85 -1.99
C ARG A 309 -16.82 -9.28 -1.45
N ILE A 310 -16.52 -9.44 -0.16
CA ILE A 310 -16.44 -10.77 0.50
C ILE A 310 -17.79 -11.47 0.33
N THR A 311 -18.87 -10.82 0.76
CA THR A 311 -20.23 -11.41 0.81
C THR A 311 -20.72 -11.68 -0.61
N ARG A 312 -20.52 -10.77 -1.57
CA ARG A 312 -21.07 -10.95 -2.94
C ARG A 312 -20.25 -12.01 -3.69
N SER A 313 -18.95 -12.14 -3.40
CA SER A 313 -18.07 -13.15 -4.03
C SER A 313 -18.50 -14.55 -3.57
N LEU A 314 -18.87 -14.70 -2.30
CA LEU A 314 -19.35 -15.99 -1.74
C LEU A 314 -20.73 -16.33 -2.33
N VAL A 315 -21.61 -15.34 -2.41
CA VAL A 315 -23.01 -15.53 -2.90
C VAL A 315 -22.97 -15.82 -4.41
N ARG A 316 -22.30 -14.98 -5.20
CA ARG A 316 -22.34 -15.04 -6.69
C ARG A 316 -21.79 -16.37 -7.17
N ASP A 317 -20.74 -16.89 -6.51
CA ASP A 317 -19.99 -18.08 -7.01
C ASP A 317 -20.40 -19.32 -6.21
N GLY A 318 -21.41 -19.20 -5.35
CA GLY A 318 -22.09 -20.33 -4.69
C GLY A 318 -21.20 -21.08 -3.72
N TYR A 319 -20.42 -20.36 -2.89
CA TYR A 319 -19.39 -20.96 -1.99
C TYR A 319 -19.86 -21.02 -0.53
N LEU A 320 -21.08 -20.56 -0.22
CA LEU A 320 -21.55 -20.47 1.19
C LEU A 320 -21.61 -21.86 1.83
N ASP A 321 -21.94 -22.89 1.06
CA ASP A 321 -22.12 -24.26 1.59
C ASP A 321 -20.77 -24.86 2.01
N ARG A 322 -19.65 -24.25 1.60
CA ARG A 322 -18.28 -24.72 1.92
C ARG A 322 -17.50 -23.64 2.68
N THR A 323 -18.16 -22.54 3.05
CA THR A 323 -17.53 -21.39 3.74
C THR A 323 -18.25 -21.12 5.05
N HIS A 324 -17.54 -21.29 6.18
CA HIS A 324 -17.99 -20.87 7.52
C HIS A 324 -17.66 -19.39 7.70
N ILE A 325 -18.64 -18.57 8.04
CA ILE A 325 -18.40 -17.12 8.29
C ILE A 325 -18.32 -16.88 9.80
N GLY A 326 -17.16 -16.40 10.27
CA GLY A 326 -16.92 -15.99 11.66
C GLY A 326 -16.64 -14.50 11.76
N LEU A 327 -16.95 -13.92 12.91
CA LEU A 327 -16.59 -12.51 13.25
C LEU A 327 -15.27 -12.55 14.02
N ASP A 328 -14.41 -11.55 13.80
CA ASP A 328 -13.22 -11.31 14.63
C ASP A 328 -12.96 -9.81 14.70
N PHE A 329 -13.19 -9.22 15.88
CA PHE A 329 -12.88 -7.80 16.18
C PHE A 329 -12.87 -7.61 17.70
N PHE A 330 -12.10 -6.63 18.18
CA PHE A 330 -12.11 -6.05 19.55
C PHE A 330 -12.48 -4.59 19.42
N ASP A 331 -13.46 -4.16 20.14
CA ASP A 331 -13.64 -2.71 20.36
C ASP A 331 -14.19 -2.52 21.76
N ALA A 332 -13.34 -2.05 22.68
CA ALA A 332 -13.67 -1.77 24.08
C ALA A 332 -13.98 -0.27 24.27
N THR A 333 -13.95 0.53 23.20
CA THR A 333 -14.23 1.99 23.28
C THR A 333 -15.75 2.22 23.19
N ILE A 334 -16.51 1.19 22.87
CA ILE A 334 -17.98 1.27 22.68
C ILE A 334 -18.64 0.15 23.51
N ASN A 335 -19.97 0.18 23.61
CA ASN A 335 -20.75 -0.91 24.25
C ASN A 335 -20.37 -2.24 23.57
N ARG A 336 -19.76 -3.15 24.32
CA ARG A 336 -19.17 -4.40 23.75
C ARG A 336 -20.28 -5.25 23.11
N VAL A 337 -21.49 -5.22 23.67
CA VAL A 337 -22.65 -6.00 23.15
C VAL A 337 -23.11 -5.38 21.82
N ALA A 338 -23.21 -4.05 21.76
CA ALA A 338 -23.56 -3.31 20.53
C ALA A 338 -22.57 -3.67 19.41
N ALA A 339 -21.29 -3.83 19.73
CA ALA A 339 -20.21 -4.12 18.75
C ALA A 339 -20.57 -5.39 17.97
N TRP A 340 -20.96 -6.45 18.69
CA TRP A 340 -21.38 -7.74 18.07
C TRP A 340 -22.53 -7.49 17.08
N VAL A 341 -23.53 -6.71 17.50
CA VAL A 341 -24.79 -6.52 16.72
C VAL A 341 -24.45 -5.71 15.46
N VAL A 342 -23.65 -4.65 15.58
CA VAL A 342 -23.23 -3.83 14.41
C VAL A 342 -22.58 -4.75 13.38
N GLY A 343 -21.58 -5.53 13.79
CA GLY A 343 -20.78 -6.38 12.90
C GLY A 343 -21.61 -7.45 12.22
N ALA A 344 -22.47 -8.14 12.98
CA ALA A 344 -23.33 -9.23 12.48
C ALA A 344 -24.35 -8.67 11.48
N ARG A 345 -25.05 -7.59 11.84
CA ARG A 345 -26.08 -6.96 10.97
C ARG A 345 -25.43 -6.46 9.68
N ALA A 346 -24.23 -5.89 9.76
CA ALA A 346 -23.46 -5.40 8.59
C ALA A 346 -23.20 -6.56 7.64
N THR A 347 -22.73 -7.67 8.19
CA THR A 347 -22.42 -8.89 7.41
C THR A 347 -23.71 -9.40 6.76
N GLN A 348 -24.81 -9.47 7.51
CA GLN A 348 -26.09 -10.03 7.02
C GLN A 348 -26.66 -9.14 5.91
N LYS A 349 -26.70 -7.83 6.09
CA LYS A 349 -27.33 -6.93 5.09
C LYS A 349 -26.47 -6.92 3.82
N SER A 350 -25.17 -7.18 3.94
CA SER A 350 -24.23 -7.25 2.79
C SER A 350 -24.46 -8.56 2.02
N LEU A 351 -24.63 -9.68 2.73
CA LEU A 351 -25.04 -10.97 2.13
C LEU A 351 -26.37 -10.77 1.40
N LEU A 352 -27.34 -10.14 2.05
CA LEU A 352 -28.71 -9.99 1.49
C LEU A 352 -28.63 -9.13 0.23
N GLN A 353 -27.86 -8.03 0.23
CA GLN A 353 -27.75 -7.16 -0.97
C GLN A 353 -27.23 -8.00 -2.14
N ALA A 354 -26.23 -8.85 -1.91
CA ALA A 354 -25.63 -9.73 -2.94
C ALA A 354 -26.68 -10.71 -3.48
N MET A 355 -27.54 -11.21 -2.59
CA MET A 355 -28.59 -12.21 -2.92
C MET A 355 -29.71 -11.53 -3.73
N LEU A 356 -29.80 -10.19 -3.67
CA LEU A 356 -30.90 -9.42 -4.30
C LEU A 356 -30.47 -8.91 -5.68
N ALA A 357 -29.55 -9.59 -6.34
CA ALA A 357 -29.10 -9.26 -7.71
C ALA A 357 -29.61 -10.33 -8.67
N PRO A 358 -29.90 -9.97 -9.94
CA PRO A 358 -30.26 -10.96 -10.96
C PRO A 358 -29.00 -11.66 -11.46
N ILE A 359 -28.43 -12.54 -10.62
CA ILE A 359 -27.04 -13.06 -10.79
C ILE A 359 -26.95 -13.89 -12.09
N ASP A 360 -27.94 -14.74 -12.35
CA ASP A 360 -27.93 -15.62 -13.55
C ASP A 360 -27.90 -14.75 -14.81
N GLN A 361 -28.70 -13.67 -14.87
CA GLN A 361 -28.74 -12.78 -16.07
C GLN A 361 -27.43 -11.99 -16.16
N LEU A 362 -26.93 -11.48 -15.04
CA LEU A 362 -25.66 -10.69 -15.03
C LEU A 362 -24.52 -11.59 -15.51
N LYS A 363 -24.50 -12.86 -15.12
CA LYS A 363 -23.47 -13.83 -15.55
C LYS A 363 -23.53 -13.99 -17.07
N LYS A 364 -24.74 -14.13 -17.65
CA LYS A 364 -24.92 -14.28 -19.12
C LYS A 364 -24.44 -13.00 -19.82
N ASP A 365 -24.85 -11.83 -19.32
CA ASP A 365 -24.41 -10.53 -19.89
C ASP A 365 -22.88 -10.49 -19.92
N GLU A 366 -22.23 -10.91 -18.83
CA GLU A 366 -20.76 -10.89 -18.69
C GLU A 366 -20.12 -11.90 -19.66
N LEU A 367 -20.70 -13.10 -19.78
CA LEU A 367 -20.23 -14.15 -20.73
C LEU A 367 -20.23 -13.60 -22.16
N ASN A 368 -21.17 -12.70 -22.47
CA ASN A 368 -21.34 -12.09 -23.81
C ASN A 368 -20.54 -10.78 -23.87
N ALA A 369 -19.75 -10.49 -22.84
CA ALA A 369 -18.86 -9.30 -22.75
C ALA A 369 -19.67 -8.01 -22.83
N ASP A 370 -20.91 -8.02 -22.34
CA ASP A 370 -21.75 -6.79 -22.24
C ASP A 370 -21.37 -6.05 -20.96
N PHE A 371 -20.22 -5.39 -20.97
CA PHE A 371 -19.63 -4.71 -19.79
C PHE A 371 -20.41 -3.43 -19.49
N THR A 372 -21.10 -2.87 -20.49
CA THR A 372 -21.96 -1.67 -20.32
C THR A 372 -23.11 -2.03 -19.38
N THR A 373 -23.90 -3.06 -19.72
CA THR A 373 -25.06 -3.51 -18.90
C THR A 373 -24.58 -3.90 -17.51
N ARG A 374 -23.47 -4.63 -17.40
CA ARG A 374 -22.96 -5.10 -16.08
C ARG A 374 -22.69 -3.87 -15.18
N LEU A 375 -22.00 -2.86 -15.70
CA LEU A 375 -21.62 -1.65 -14.91
C LEU A 375 -22.90 -0.93 -14.48
N ILE A 376 -23.80 -0.65 -15.44
CA ILE A 376 -25.02 0.14 -15.15
C ILE A 376 -25.83 -0.58 -14.07
N GLU A 377 -26.07 -1.88 -14.24
CA GLU A 377 -26.98 -2.63 -13.35
C GLU A 377 -26.36 -2.75 -11.95
N THR A 378 -25.08 -3.15 -11.85
CA THR A 378 -24.43 -3.34 -10.53
C THR A 378 -24.48 -2.00 -9.77
N GLU A 379 -24.32 -0.88 -10.48
CA GLU A 379 -24.36 0.47 -9.84
C GLU A 379 -25.79 0.81 -9.43
N GLU A 380 -26.79 0.50 -10.27
CA GLU A 380 -28.21 0.80 -9.94
C GLU A 380 -28.62 -0.01 -8.71
N LEU A 381 -28.16 -1.26 -8.60
CA LEU A 381 -28.58 -2.15 -7.49
C LEU A 381 -28.11 -1.60 -6.14
N LYS A 382 -27.07 -0.78 -6.12
CA LYS A 382 -26.54 -0.21 -4.84
C LYS A 382 -27.56 0.77 -4.25
N SER A 383 -28.50 1.28 -5.05
CA SER A 383 -29.55 2.23 -4.59
C SER A 383 -30.96 1.65 -4.84
N PHE A 384 -31.08 0.36 -5.13
CA PHE A 384 -32.36 -0.38 -5.03
C PHE A 384 -32.75 -0.47 -3.55
N PRO A 385 -34.03 -0.75 -3.26
CA PRO A 385 -34.52 -0.78 -1.87
C PRO A 385 -34.15 -2.05 -1.10
N PHE A 386 -32.85 -2.34 -0.99
CA PHE A 386 -32.35 -3.55 -0.27
C PHE A 386 -32.63 -3.39 1.23
N GLY A 387 -32.65 -2.16 1.72
CA GLY A 387 -32.97 -1.84 3.12
C GLY A 387 -34.37 -2.28 3.51
N ALA A 388 -35.35 -2.19 2.60
CA ALA A 388 -36.76 -2.58 2.87
C ALA A 388 -36.82 -4.09 3.07
N VAL A 389 -36.01 -4.84 2.30
CA VAL A 389 -35.94 -6.32 2.43
C VAL A 389 -35.25 -6.67 3.75
N TRP A 390 -34.16 -5.97 4.08
CA TRP A 390 -33.42 -6.17 5.35
C TRP A 390 -34.33 -5.87 6.55
N ASP A 391 -35.08 -4.77 6.50
CA ASP A 391 -36.03 -4.39 7.58
C ASP A 391 -37.08 -5.49 7.75
N LYS A 392 -37.62 -6.01 6.62
CA LYS A 392 -38.62 -7.09 6.62
C LYS A 392 -38.00 -8.33 7.27
N PHE A 393 -36.75 -8.65 6.95
CA PHE A 393 -36.02 -9.81 7.53
C PHE A 393 -35.92 -9.64 9.04
N CYS A 394 -35.51 -8.45 9.49
CA CYS A 394 -35.36 -8.12 10.93
C CYS A 394 -36.71 -8.34 11.64
N GLN A 395 -37.78 -7.77 11.07
CA GLN A 395 -39.13 -7.79 11.69
C GLN A 395 -39.67 -9.24 11.72
N ASP A 396 -39.53 -9.97 10.61
CA ASP A 396 -40.01 -11.38 10.48
C ASP A 396 -39.32 -12.24 11.55
N HIS A 397 -38.10 -11.88 11.96
CA HIS A 397 -37.25 -12.68 12.88
C HIS A 397 -37.24 -12.04 14.28
N ASN A 398 -38.24 -11.20 14.58
CA ASN A 398 -38.48 -10.66 15.93
C ASN A 398 -37.23 -9.94 16.45
N THR A 399 -36.66 -9.05 15.64
CA THR A 399 -35.56 -8.14 16.05
C THR A 399 -35.94 -6.71 15.70
N PRO A 400 -35.43 -5.71 16.44
CA PRO A 400 -35.78 -4.32 16.19
C PRO A 400 -35.27 -3.83 14.83
N VAL A 401 -35.98 -2.87 14.24
CA VAL A 401 -35.71 -2.34 12.87
C VAL A 401 -34.88 -1.06 12.99
N GLY A 402 -33.84 -0.93 12.17
CA GLY A 402 -33.06 0.33 12.03
C GLY A 402 -32.50 0.79 13.36
N PHE A 403 -32.76 2.06 13.74
CA PHE A 403 -32.20 2.71 14.95
C PHE A 403 -32.76 2.06 16.21
N ASP A 404 -33.87 1.33 16.10
CA ASP A 404 -34.72 0.95 17.26
C ASP A 404 -33.94 0.07 18.24
N TRP A 405 -32.96 -0.73 17.79
CA TRP A 405 -32.29 -1.70 18.71
C TRP A 405 -31.36 -0.95 19.67
N MET A 406 -31.13 0.34 19.47
CA MET A 406 -30.37 1.19 20.43
C MET A 406 -31.16 1.28 21.75
N ASN A 407 -32.48 1.27 21.68
CA ASN A 407 -33.36 1.26 22.89
C ASN A 407 -33.00 0.03 23.73
N ASN A 408 -32.86 -1.12 23.09
CA ASN A 408 -32.53 -2.41 23.75
C ASN A 408 -31.17 -2.29 24.43
N ILE A 409 -30.20 -1.68 23.76
CA ILE A 409 -28.81 -1.53 24.31
C ILE A 409 -28.86 -0.60 25.52
N HIS A 410 -29.59 0.52 25.42
CA HIS A 410 -29.74 1.49 26.54
C HIS A 410 -30.38 0.78 27.75
N GLN A 411 -31.40 -0.05 27.52
CA GLN A 411 -32.10 -0.78 28.61
C GLN A 411 -31.14 -1.79 29.23
N TYR A 412 -30.32 -2.46 28.42
CA TYR A 412 -29.35 -3.48 28.89
C TYR A 412 -28.26 -2.78 29.71
N GLU A 413 -27.84 -1.58 29.29
CA GLU A 413 -26.86 -0.74 30.01
C GLU A 413 -27.42 -0.43 31.42
N LYS A 414 -28.64 0.08 31.48
CA LYS A 414 -29.30 0.53 32.73
C LYS A 414 -29.51 -0.69 33.66
N ASP A 415 -29.99 -1.80 33.11
CA ASP A 415 -30.48 -2.96 33.90
C ASP A 415 -29.32 -3.89 34.28
N VAL A 416 -28.24 -3.92 33.48
CA VAL A 416 -27.18 -4.97 33.61
C VAL A 416 -25.79 -4.33 33.59
N GLN A 417 -25.34 -3.81 32.44
CA GLN A 417 -23.91 -3.46 32.22
C GLN A 417 -23.48 -2.38 33.23
N PHE A 418 -24.29 -1.34 33.42
CA PHE A 418 -23.89 -0.15 34.21
C PHE A 418 -23.93 -0.48 35.71
N LYS A 419 -24.57 -1.59 36.08
CA LYS A 419 -24.68 -2.02 37.50
C LYS A 419 -23.47 -2.86 37.89
N ARG A 420 -22.68 -3.34 36.92
CA ARG A 420 -21.48 -4.18 37.22
C ARG A 420 -20.39 -3.29 37.83
N MET B 1 -40.58 -0.88 -16.94
CA MET B 1 -40.50 0.57 -16.63
C MET B 1 -41.07 0.81 -15.23
N VAL B 2 -40.39 1.60 -14.41
CA VAL B 2 -40.83 1.92 -13.01
C VAL B 2 -42.03 2.86 -13.10
N LYS B 3 -43.10 2.55 -12.36
CA LYS B 3 -44.35 3.37 -12.35
C LYS B 3 -44.14 4.54 -11.41
N PRO B 4 -44.46 5.78 -11.86
CA PRO B 4 -44.32 6.96 -11.00
C PRO B 4 -44.97 6.73 -9.62
N GLU B 5 -46.06 5.96 -9.58
CA GLU B 5 -46.84 5.70 -8.33
C GLU B 5 -45.96 4.91 -7.36
N GLU B 6 -45.13 4.00 -7.88
CA GLU B 6 -44.16 3.20 -7.09
C GLU B 6 -43.12 4.14 -6.48
N VAL B 7 -42.62 5.10 -7.26
CA VAL B 7 -41.61 6.09 -6.80
C VAL B 7 -42.24 6.95 -5.69
N ASP B 8 -43.48 7.40 -5.89
CA ASP B 8 -44.18 8.32 -4.95
C ASP B 8 -44.51 7.57 -3.65
N LYS B 9 -44.97 6.33 -3.73
CA LYS B 9 -45.31 5.48 -2.55
C LYS B 9 -44.06 5.23 -1.71
N ALA B 10 -42.95 4.85 -2.35
CA ALA B 10 -41.66 4.57 -1.66
C ALA B 10 -41.13 5.86 -1.03
N TYR B 11 -41.28 7.00 -1.72
CA TYR B 11 -40.77 8.31 -1.26
C TYR B 11 -41.53 8.72 0.02
N GLU B 12 -42.85 8.57 0.04
CA GLU B 12 -43.68 9.02 1.18
C GLU B 12 -43.27 8.23 2.44
N VAL B 13 -43.00 6.94 2.30
CA VAL B 13 -42.55 6.07 3.43
C VAL B 13 -41.15 6.51 3.87
N ALA B 14 -40.22 6.70 2.92
CA ALA B 14 -38.83 7.13 3.18
C ALA B 14 -38.83 8.48 3.89
N LYS B 15 -39.66 9.41 3.42
CA LYS B 15 -39.77 10.77 4.00
C LYS B 15 -40.12 10.65 5.50
N GLN B 16 -41.03 9.74 5.85
CA GLN B 16 -41.46 9.48 7.25
C GLN B 16 -40.32 8.83 8.03
N ARG B 17 -39.67 7.81 7.48
CA ARG B 17 -38.52 7.10 8.15
C ARG B 17 -37.47 8.15 8.52
N TYR B 18 -37.15 9.05 7.59
CA TYR B 18 -36.08 10.08 7.78
C TYR B 18 -36.57 11.15 8.77
N ALA B 19 -37.82 11.57 8.66
CA ALA B 19 -38.43 12.58 9.58
C ALA B 19 -38.32 12.07 11.03
N GLU B 20 -38.46 10.75 11.24
CA GLU B 20 -38.47 10.14 12.60
C GLU B 20 -37.09 10.29 13.24
N ILE B 21 -36.02 10.43 12.45
CA ILE B 21 -34.63 10.61 12.98
C ILE B 21 -34.14 12.05 12.72
N GLY B 22 -35.06 12.97 12.43
CA GLY B 22 -34.75 14.42 12.38
C GLY B 22 -34.12 14.82 11.06
N VAL B 23 -34.40 14.08 9.99
CA VAL B 23 -33.88 14.35 8.62
C VAL B 23 -35.04 14.73 7.70
N ASP B 24 -34.83 15.81 6.95
CA ASP B 24 -35.84 16.41 6.02
C ASP B 24 -35.45 16.03 4.58
N THR B 25 -36.15 15.06 3.99
CA THR B 25 -35.83 14.52 2.65
C THR B 25 -36.04 15.60 1.58
N ASP B 26 -37.06 16.44 1.73
CA ASP B 26 -37.35 17.52 0.74
C ASP B 26 -36.16 18.50 0.73
N ALA B 27 -35.64 18.87 1.90
CA ALA B 27 -34.50 19.80 2.05
C ALA B 27 -33.22 19.18 1.49
N ALA B 28 -33.02 17.88 1.70
CA ALA B 28 -31.84 17.12 1.19
C ALA B 28 -31.81 17.22 -0.34
N MET B 29 -32.96 17.07 -1.00
CA MET B 29 -33.05 17.12 -2.48
C MET B 29 -32.78 18.55 -2.97
N LYS B 30 -33.22 19.58 -2.24
CA LYS B 30 -32.91 20.99 -2.59
C LYS B 30 -31.40 21.23 -2.48
N GLU B 31 -30.74 20.62 -1.50
CA GLU B 31 -29.27 20.73 -1.31
C GLU B 31 -28.56 20.05 -2.48
N LEU B 32 -29.03 18.89 -2.94
CA LEU B 32 -28.38 18.17 -4.06
C LEU B 32 -28.47 19.01 -5.34
N GLU B 33 -29.55 19.77 -5.53
CA GLU B 33 -29.78 20.62 -6.73
C GLU B 33 -28.66 21.65 -6.89
N LYS B 34 -28.04 22.08 -5.79
CA LYS B 34 -27.05 23.19 -5.78
C LYS B 34 -25.64 22.67 -6.06
N VAL B 35 -25.48 21.39 -6.41
CA VAL B 35 -24.14 20.80 -6.66
C VAL B 35 -24.02 20.42 -8.14
N PRO B 36 -23.49 21.33 -9.00
CA PRO B 36 -23.25 20.98 -10.40
C PRO B 36 -21.97 20.15 -10.52
N LEU B 37 -22.01 19.07 -11.30
CA LEU B 37 -20.82 18.27 -11.67
C LEU B 37 -20.28 18.78 -13.01
N SER B 38 -18.96 18.99 -13.10
CA SER B 38 -18.31 19.42 -14.36
C SER B 38 -17.94 18.18 -15.17
N VAL B 39 -18.82 17.85 -16.12
CA VAL B 39 -18.72 16.65 -17.00
C VAL B 39 -17.62 16.90 -18.04
N HIS B 40 -16.63 16.00 -18.11
CA HIS B 40 -15.42 16.14 -18.95
C HIS B 40 -15.75 15.70 -20.39
N CYS B 41 -15.45 16.55 -21.38
CA CYS B 41 -15.86 16.32 -22.79
C CYS B 41 -15.07 15.12 -23.35
N TRP B 42 -13.88 14.82 -22.82
CA TRP B 42 -12.87 14.01 -23.53
C TRP B 42 -13.15 12.51 -23.39
N GLN B 43 -14.09 12.14 -22.53
CA GLN B 43 -14.57 10.73 -22.44
C GLN B 43 -15.32 10.38 -23.73
N GLY B 44 -15.87 11.39 -24.42
CA GLY B 44 -16.76 11.22 -25.59
C GLY B 44 -16.01 10.75 -26.82
N ASP B 45 -14.71 11.08 -26.93
CA ASP B 45 -13.89 10.84 -28.15
C ASP B 45 -12.48 10.38 -27.76
N ASP B 46 -12.35 9.71 -26.60
CA ASP B 46 -11.07 9.12 -26.14
C ASP B 46 -9.95 10.17 -26.22
N ILE B 47 -10.23 11.39 -25.77
CA ILE B 47 -9.27 12.54 -25.71
C ILE B 47 -8.56 12.76 -27.05
N HIS B 48 -9.23 12.53 -28.18
CA HIS B 48 -8.67 12.84 -29.53
C HIS B 48 -8.64 14.35 -29.75
N GLY B 49 -9.70 15.06 -29.35
CA GLY B 49 -9.90 16.49 -29.68
C GLY B 49 -10.02 16.70 -31.17
N PHE B 50 -9.93 17.95 -31.64
CA PHE B 50 -10.17 18.31 -33.06
C PHE B 50 -8.93 18.99 -33.65
N LEU B 51 -7.97 19.34 -32.79
CA LEU B 51 -6.84 20.21 -33.19
C LEU B 51 -5.85 19.40 -34.03
N PHE B 52 -5.52 18.19 -33.60
CA PHE B 52 -4.45 17.38 -34.23
C PHE B 52 -5.02 16.03 -34.66
N PRO B 53 -5.66 15.95 -35.84
CA PRO B 53 -6.14 14.67 -36.36
C PRO B 53 -5.01 13.66 -36.54
N GLY B 65 -9.99 0.25 -24.92
CA GLY B 65 -11.35 -0.16 -25.31
C GLY B 65 -11.68 0.31 -26.72
N ASN B 66 -12.77 -0.23 -27.28
CA ASN B 66 -13.15 0.03 -28.70
C ASN B 66 -14.65 -0.20 -28.88
N TYR B 67 -15.47 0.28 -27.95
CA TYR B 67 -16.95 0.26 -28.09
C TYR B 67 -17.32 1.08 -29.33
N PRO B 68 -18.34 0.64 -30.12
CA PRO B 68 -18.79 1.38 -31.28
C PRO B 68 -19.26 2.81 -30.93
N GLY B 69 -19.20 3.71 -31.91
CA GLY B 69 -19.98 4.96 -31.92
C GLY B 69 -19.21 6.13 -31.31
N ILE B 70 -17.89 6.09 -31.31
CA ILE B 70 -17.03 7.21 -30.80
C ILE B 70 -17.43 8.49 -31.54
N ALA B 71 -17.51 9.61 -30.82
CA ALA B 71 -17.70 10.96 -31.42
C ALA B 71 -16.45 11.31 -32.23
N ARG B 72 -16.61 11.87 -33.44
CA ARG B 72 -15.48 12.17 -34.37
C ARG B 72 -15.47 13.65 -34.76
N THR B 73 -16.52 14.39 -34.42
CA THR B 73 -16.66 15.82 -34.82
C THR B 73 -17.23 16.60 -33.64
N PRO B 74 -17.15 17.96 -33.64
CA PRO B 74 -17.76 18.78 -32.60
C PRO B 74 -19.27 18.49 -32.42
N ASP B 75 -20.02 18.38 -33.53
CA ASP B 75 -21.49 18.18 -33.49
C ASP B 75 -21.80 16.84 -32.81
N GLU B 76 -21.03 15.80 -33.12
CA GLU B 76 -21.23 14.44 -32.55
C GLU B 76 -20.95 14.49 -31.04
N LEU B 77 -19.86 15.12 -30.63
CA LEU B 77 -19.47 15.18 -29.19
C LEU B 77 -20.49 16.03 -28.43
N ALA B 78 -20.90 17.16 -29.00
CA ALA B 78 -21.93 18.05 -28.43
C ALA B 78 -23.23 17.26 -28.23
N GLY B 79 -23.65 16.51 -29.25
CA GLY B 79 -24.85 15.65 -29.22
C GLY B 79 -24.75 14.60 -28.11
N ASP B 80 -23.58 13.99 -27.97
CA ASP B 80 -23.34 12.91 -26.99
C ASP B 80 -23.43 13.50 -25.57
N MET B 81 -22.85 14.68 -25.35
CA MET B 81 -22.88 15.36 -24.04
C MET B 81 -24.33 15.78 -23.73
N HIS B 82 -25.08 16.28 -24.71
CA HIS B 82 -26.51 16.59 -24.52
C HIS B 82 -27.25 15.33 -24.07
N GLU B 83 -27.01 14.19 -24.73
CA GLU B 83 -27.71 12.92 -24.39
C GLU B 83 -27.40 12.55 -22.93
N ALA B 84 -26.12 12.54 -22.53
CA ALA B 84 -25.70 12.21 -21.16
C ALA B 84 -26.38 13.15 -20.17
N LEU B 85 -26.31 14.46 -20.41
CA LEU B 85 -26.88 15.46 -19.49
C LEU B 85 -28.39 15.25 -19.36
N SER B 86 -29.04 14.76 -20.42
CA SER B 86 -30.52 14.55 -20.45
C SER B 86 -30.89 13.41 -19.50
N LEU B 87 -29.91 12.59 -19.10
CA LEU B 87 -30.13 11.38 -18.24
C LEU B 87 -29.55 11.62 -16.85
N ILE B 88 -28.92 12.77 -16.61
CA ILE B 88 -28.38 13.18 -15.29
C ILE B 88 -29.28 14.28 -14.72
N PRO B 89 -29.95 14.02 -13.56
CA PRO B 89 -30.93 14.96 -13.04
C PRO B 89 -30.27 16.23 -12.50
N GLY B 90 -30.89 17.38 -12.75
CA GLY B 90 -30.42 18.68 -12.24
C GLY B 90 -29.60 19.42 -13.28
N LYS B 91 -28.96 20.51 -12.86
CA LYS B 91 -28.14 21.37 -13.76
C LYS B 91 -26.67 21.15 -13.45
N HIS B 92 -25.85 21.07 -14.50
CA HIS B 92 -24.42 20.69 -14.38
C HIS B 92 -23.59 21.61 -15.26
N ARG B 93 -22.31 21.26 -15.41
CA ARG B 93 -21.31 22.03 -16.19
C ARG B 93 -20.58 21.06 -17.10
N VAL B 94 -19.84 21.59 -18.07
CA VAL B 94 -18.96 20.79 -18.98
C VAL B 94 -17.54 21.35 -18.89
N GLN B 95 -16.56 20.45 -18.78
CA GLN B 95 -15.11 20.78 -18.87
C GLN B 95 -14.65 20.59 -20.32
N LEU B 96 -13.91 21.57 -20.85
CA LEU B 96 -13.23 21.44 -22.15
C LEU B 96 -11.74 21.22 -21.93
N HIS B 97 -11.07 20.64 -22.92
CA HIS B 97 -9.59 20.69 -23.10
C HIS B 97 -9.29 21.62 -24.27
N ALA B 98 -8.09 22.23 -24.28
CA ALA B 98 -7.68 23.20 -25.32
C ALA B 98 -7.76 22.56 -26.70
N ILE B 99 -7.51 21.25 -26.81
CA ILE B 99 -7.47 20.55 -28.14
C ILE B 99 -8.89 20.37 -28.68
N TYR B 100 -9.93 20.82 -27.95
CA TYR B 100 -11.34 20.78 -28.42
C TYR B 100 -11.73 22.12 -29.03
N ALA B 101 -10.74 22.99 -29.30
CA ALA B 101 -10.89 24.19 -30.16
C ALA B 101 -11.64 23.80 -31.44
N VAL B 102 -12.57 24.66 -31.89
CA VAL B 102 -13.37 24.44 -33.12
C VAL B 102 -13.11 25.64 -34.06
N THR B 103 -12.27 25.44 -35.08
CA THR B 103 -11.89 26.47 -36.06
C THR B 103 -11.41 25.83 -37.37
N ASP B 104 -11.59 26.54 -38.48
CA ASP B 104 -11.07 26.16 -39.83
C ASP B 104 -9.66 26.73 -40.00
N LYS B 105 -9.21 27.55 -39.06
CA LYS B 105 -7.86 28.19 -39.07
C LYS B 105 -6.81 27.16 -38.64
N LYS B 106 -5.60 27.25 -39.20
CA LYS B 106 -4.44 26.43 -38.80
C LYS B 106 -3.96 26.90 -37.42
N ARG B 107 -4.09 26.05 -36.40
CA ARG B 107 -3.72 26.37 -34.99
C ARG B 107 -2.66 25.39 -34.49
N ASP B 108 -1.81 25.86 -33.60
CA ASP B 108 -1.02 25.05 -32.64
C ASP B 108 -1.40 25.50 -31.22
N LEU B 109 -0.92 24.81 -30.20
CA LEU B 109 -1.32 25.10 -28.79
C LEU B 109 -0.87 26.51 -28.41
N ASP B 110 0.12 27.07 -29.11
CA ASP B 110 0.69 28.40 -28.78
C ASP B 110 0.12 29.49 -29.71
N THR B 111 -0.92 29.18 -30.49
CA THR B 111 -1.55 30.17 -31.42
C THR B 111 -3.09 30.08 -31.34
N LEU B 112 -3.64 29.27 -30.43
CA LEU B 112 -5.10 29.25 -30.14
C LEU B 112 -5.57 30.67 -29.78
N GLU B 113 -6.80 31.00 -30.14
CA GLU B 113 -7.46 32.30 -29.83
C GLU B 113 -8.79 32.01 -29.16
N PRO B 114 -9.26 32.92 -28.27
CA PRO B 114 -10.48 32.67 -27.51
C PRO B 114 -11.69 32.37 -28.42
N GLU B 115 -11.76 33.01 -29.59
CA GLU B 115 -12.88 32.87 -30.56
C GLU B 115 -12.94 31.42 -31.06
N ASP B 116 -11.85 30.67 -30.91
CA ASP B 116 -11.77 29.24 -31.33
C ASP B 116 -12.72 28.41 -30.46
N PHE B 117 -13.30 29.01 -29.41
CA PHE B 117 -14.21 28.33 -28.45
C PHE B 117 -15.61 28.96 -28.49
N ASP B 118 -15.88 29.83 -29.47
CA ASP B 118 -17.23 30.39 -29.71
C ASP B 118 -18.22 29.23 -29.86
N TYR B 119 -17.82 28.16 -30.56
CA TYR B 119 -18.68 26.97 -30.80
C TYR B 119 -19.22 26.47 -29.45
N TRP B 120 -18.34 26.36 -28.46
CA TRP B 120 -18.67 25.74 -27.15
C TRP B 120 -19.43 26.74 -26.26
N ILE B 121 -19.13 28.04 -26.40
CA ILE B 121 -19.88 29.11 -25.69
C ILE B 121 -21.33 29.06 -26.15
N ASP B 122 -21.55 29.02 -27.48
CA ASP B 122 -22.91 28.97 -28.09
C ASP B 122 -23.63 27.70 -27.61
N TRP B 123 -22.94 26.56 -27.68
CA TRP B 123 -23.53 25.27 -27.24
C TRP B 123 -23.92 25.35 -25.77
N ALA B 124 -23.03 25.88 -24.92
CA ALA B 124 -23.21 25.98 -23.46
C ALA B 124 -24.44 26.84 -23.15
N LYS B 125 -24.61 27.93 -23.89
CA LYS B 125 -25.75 28.87 -23.68
C LYS B 125 -27.07 28.14 -24.01
N GLN B 126 -27.09 27.39 -25.10
CA GLN B 126 -28.33 26.73 -25.59
C GLN B 126 -28.60 25.50 -24.71
N GLU B 127 -27.55 24.88 -24.17
CA GLU B 127 -27.67 23.71 -23.25
C GLU B 127 -28.06 24.18 -21.84
N GLY B 128 -27.67 25.41 -21.47
CA GLY B 128 -27.93 26.00 -20.14
C GLY B 128 -26.93 25.51 -19.10
N VAL B 129 -25.64 25.44 -19.46
CA VAL B 129 -24.56 24.96 -18.54
C VAL B 129 -23.41 25.96 -18.55
N GLY B 130 -22.67 26.02 -17.44
CA GLY B 130 -21.36 26.69 -17.35
C GLY B 130 -20.24 25.82 -17.92
N LEU B 131 -19.07 26.42 -18.16
CA LEU B 131 -17.90 25.71 -18.75
C LEU B 131 -16.70 25.88 -17.83
N ASP B 132 -15.95 24.80 -17.63
CA ASP B 132 -14.59 24.82 -17.04
C ASP B 132 -13.60 24.43 -18.14
N PHE B 133 -12.32 24.71 -17.92
CA PHE B 133 -11.29 24.64 -18.98
C PHE B 133 -10.06 23.90 -18.46
N ASN B 134 -9.36 23.22 -19.37
CA ASN B 134 -8.07 22.54 -19.13
C ASN B 134 -7.13 22.88 -20.28
N GLY B 135 -5.98 23.50 -19.99
CA GLY B 135 -4.83 23.54 -20.91
C GLY B 135 -4.38 22.14 -21.26
N THR B 136 -3.95 21.92 -22.50
CA THR B 136 -3.50 20.58 -22.97
C THR B 136 -1.97 20.56 -23.02
N PHE B 137 -1.33 19.91 -22.04
CA PHE B 137 0.15 19.89 -21.85
C PHE B 137 0.66 18.47 -22.10
N PHE B 138 0.10 17.77 -23.08
CA PHE B 138 0.47 16.39 -23.45
C PHE B 138 0.12 16.09 -24.91
N SER B 139 0.55 14.94 -25.41
CA SER B 139 0.30 14.43 -26.79
C SER B 139 0.72 15.50 -27.81
N HIS B 140 2.01 15.87 -27.80
CA HIS B 140 2.56 16.95 -28.65
C HIS B 140 4.05 16.75 -28.84
N PRO B 141 4.58 17.02 -30.06
CA PRO B 141 6.02 16.96 -30.30
C PRO B 141 6.84 17.79 -29.31
N MET B 142 6.24 18.85 -28.74
CA MET B 142 6.97 19.79 -27.84
C MET B 142 6.99 19.26 -26.40
N VAL B 143 6.40 18.09 -26.15
CA VAL B 143 6.67 17.33 -24.89
C VAL B 143 8.03 16.66 -25.04
N LYS B 144 9.04 17.15 -24.32
CA LYS B 144 10.44 16.67 -24.45
C LYS B 144 10.82 15.92 -23.17
N ASP B 145 11.13 14.63 -23.28
CA ASP B 145 11.47 13.76 -22.13
C ASP B 145 10.42 13.98 -21.03
N ASN B 146 9.15 13.98 -21.42
CA ASN B 146 7.99 13.99 -20.49
C ASN B 146 7.91 15.31 -19.74
N MET B 147 8.57 16.38 -20.21
CA MET B 147 8.52 17.70 -19.54
C MET B 147 8.06 18.78 -20.51
N THR B 148 7.44 19.83 -19.95
CA THR B 148 6.73 20.89 -20.71
C THR B 148 7.11 22.24 -20.09
N VAL B 149 6.28 22.78 -19.20
CA VAL B 149 6.49 24.12 -18.59
C VAL B 149 7.79 24.10 -17.77
N SER B 150 8.16 22.95 -17.19
CA SER B 150 9.33 22.85 -16.27
C SER B 150 10.49 22.12 -16.95
N SER B 151 10.48 21.99 -18.27
CA SER B 151 11.61 21.45 -19.08
C SER B 151 12.87 22.27 -18.79
N PRO B 152 14.07 21.63 -18.76
CA PRO B 152 15.33 22.36 -18.67
C PRO B 152 15.68 23.13 -19.95
N ASP B 153 14.93 22.88 -21.04
CA ASP B 153 15.14 23.52 -22.37
C ASP B 153 14.26 24.77 -22.47
N PRO B 154 14.85 25.98 -22.57
CA PRO B 154 14.07 27.21 -22.54
C PRO B 154 13.10 27.36 -23.73
N LYS B 155 13.43 26.79 -24.89
CA LYS B 155 12.53 26.77 -26.09
C LYS B 155 11.24 26.05 -25.72
N VAL B 156 11.37 24.88 -25.09
CA VAL B 156 10.24 24.01 -24.67
C VAL B 156 9.44 24.74 -23.59
N ARG B 157 10.12 25.23 -22.54
CA ARG B 157 9.50 26.02 -21.44
C ARG B 157 8.65 27.15 -22.06
N ASP B 158 9.22 27.90 -23.00
CA ASP B 158 8.59 29.14 -23.53
C ASP B 158 7.36 28.77 -24.35
N PHE B 159 7.43 27.68 -25.13
CA PHE B 159 6.28 27.18 -25.92
C PHE B 159 5.10 26.93 -24.97
N TRP B 160 5.35 26.21 -23.87
CA TRP B 160 4.29 25.73 -22.94
C TRP B 160 3.81 26.87 -22.03
N ILE B 161 4.68 27.82 -21.72
CA ILE B 161 4.29 29.07 -21.00
C ILE B 161 3.31 29.86 -21.87
N ARG B 162 3.56 29.94 -23.18
CA ARG B 162 2.65 30.59 -24.15
C ARG B 162 1.29 29.89 -24.10
N HIS B 163 1.27 28.55 -24.13
CA HIS B 163 0.00 27.79 -24.07
C HIS B 163 -0.72 28.10 -22.75
N GLY B 164 0.01 28.12 -21.63
CA GLY B 164 -0.53 28.45 -20.30
C GLY B 164 -1.20 29.82 -20.30
N LYS B 165 -0.50 30.82 -20.83
CA LYS B 165 -1.02 32.21 -20.89
C LYS B 165 -2.30 32.22 -21.74
N ILE B 166 -2.29 31.50 -22.86
CA ILE B 166 -3.45 31.41 -23.80
C ILE B 166 -4.60 30.70 -23.10
N SER B 167 -4.34 29.66 -22.30
CA SER B 167 -5.42 28.94 -21.57
C SER B 167 -6.18 29.93 -20.67
N ARG B 168 -5.46 30.90 -20.07
CA ARG B 168 -6.07 31.92 -19.17
C ARG B 168 -6.88 32.92 -19.99
N GLU B 169 -6.33 33.38 -21.13
CA GLU B 169 -7.03 34.32 -22.05
C GLU B 169 -8.34 33.67 -22.53
N ILE B 170 -8.29 32.38 -22.92
CA ILE B 170 -9.49 31.65 -23.39
C ILE B 170 -10.51 31.56 -22.26
N SER B 171 -10.07 31.15 -21.07
CA SER B 171 -10.94 30.95 -19.88
C SER B 171 -11.61 32.28 -19.53
N ASN B 172 -10.85 33.38 -19.57
CA ASN B 172 -11.35 34.74 -19.24
C ASN B 172 -12.49 35.09 -20.21
N TYR B 173 -12.26 34.86 -21.51
CA TYR B 173 -13.20 35.18 -22.61
C TYR B 173 -14.48 34.38 -22.43
N ILE B 174 -14.37 33.08 -22.18
CA ILE B 174 -15.54 32.18 -21.95
C ILE B 174 -16.32 32.69 -20.73
N GLY B 175 -15.62 32.99 -19.63
CA GLY B 175 -16.23 33.52 -18.39
C GLY B 175 -16.99 34.81 -18.65
N GLU B 176 -16.40 35.72 -19.43
CA GLU B 176 -17.03 37.03 -19.77
C GLU B 176 -18.33 36.78 -20.55
N LYS B 177 -18.29 35.86 -21.52
CA LYS B 177 -19.44 35.61 -22.44
C LYS B 177 -20.55 34.88 -21.68
N LEU B 178 -20.22 33.94 -20.80
CA LEU B 178 -21.22 33.07 -20.12
C LEU B 178 -21.74 33.75 -18.85
N GLY B 179 -20.97 34.68 -18.27
CA GLY B 179 -21.29 35.29 -16.97
C GLY B 179 -21.21 34.27 -15.85
N SER B 180 -20.41 33.22 -16.05
CA SER B 180 -20.09 32.19 -15.03
C SER B 180 -18.57 31.97 -15.00
N GLN B 181 -17.96 32.08 -13.82
CA GLN B 181 -16.49 31.91 -13.65
C GLN B 181 -16.06 30.55 -14.22
N VAL B 182 -15.05 30.57 -15.09
CA VAL B 182 -14.40 29.36 -15.67
C VAL B 182 -13.26 28.96 -14.74
N VAL B 183 -13.33 27.78 -14.13
CA VAL B 183 -12.15 27.20 -13.44
C VAL B 183 -11.23 26.61 -14.51
N ASN B 184 -9.99 27.10 -14.54
CA ASN B 184 -8.96 26.77 -15.54
C ASN B 184 -7.92 25.86 -14.88
N ASN B 185 -8.06 24.55 -15.10
CA ASN B 185 -7.26 23.52 -14.39
C ASN B 185 -5.96 23.27 -15.15
N PHE B 186 -4.82 23.38 -14.45
CA PHE B 186 -3.47 23.07 -14.98
C PHE B 186 -3.04 21.69 -14.48
N TRP B 187 -2.82 20.77 -15.42
CA TRP B 187 -2.14 19.48 -15.18
C TRP B 187 -0.96 19.32 -16.16
N LEU B 188 0.22 19.06 -15.63
CA LEU B 188 1.46 18.80 -16.39
C LEU B 188 1.89 17.36 -16.17
N PRO B 189 2.40 16.67 -17.21
CA PRO B 189 2.97 15.34 -17.07
C PRO B 189 4.37 15.33 -16.43
N ASP B 190 4.99 16.51 -16.35
CA ASP B 190 6.45 16.71 -16.12
C ASP B 190 6.94 15.76 -15.03
N GLY B 191 8.02 15.02 -15.31
CA GLY B 191 8.67 14.15 -14.32
C GLY B 191 9.72 13.27 -14.95
N PHE B 192 10.15 12.24 -14.21
CA PHE B 192 11.18 11.26 -14.68
C PHE B 192 10.61 9.86 -14.60
N LYS B 193 10.96 9.05 -15.60
CA LYS B 193 10.69 7.61 -15.59
C LYS B 193 11.50 6.95 -14.45
N ASP B 194 12.78 7.28 -14.34
CA ASP B 194 13.69 6.60 -13.37
C ASP B 194 14.18 7.62 -12.34
N ASN B 195 14.97 7.17 -11.37
CA ASN B 195 15.31 7.94 -10.15
C ASN B 195 16.11 9.18 -10.52
N PRO B 196 15.66 10.39 -10.14
CA PRO B 196 16.42 11.61 -10.44
C PRO B 196 17.56 11.89 -9.45
N ILE B 197 18.56 12.63 -9.91
CA ILE B 197 19.66 13.18 -9.06
C ILE B 197 19.18 14.48 -8.41
N ASP B 198 18.57 15.36 -9.21
CA ASP B 198 18.18 16.73 -8.77
C ASP B 198 16.66 16.81 -8.72
N LYS B 199 16.10 16.84 -7.51
CA LYS B 199 14.63 16.96 -7.27
C LYS B 199 14.27 18.45 -7.07
N LYS B 200 15.24 19.25 -6.66
CA LYS B 200 15.03 20.69 -6.31
C LYS B 200 14.77 21.50 -7.59
N THR B 201 15.69 21.44 -8.54
CA THR B 201 15.78 22.40 -9.68
C THR B 201 14.53 22.28 -10.54
N PRO B 202 14.01 21.08 -10.86
CA PRO B 202 12.78 20.97 -11.64
C PRO B 202 11.61 21.73 -11.00
N ARG B 203 11.50 21.68 -9.66
CA ARG B 203 10.38 22.32 -8.93
C ARG B 203 10.60 23.82 -8.85
N LEU B 204 11.85 24.30 -8.84
CA LEU B 204 12.13 25.76 -8.93
C LEU B 204 11.82 26.25 -10.35
N ARG B 205 12.11 25.45 -11.38
CA ARG B 205 11.77 25.81 -12.78
C ARG B 205 10.25 25.89 -12.91
N LEU B 206 9.53 24.93 -12.31
CA LEU B 206 8.04 24.90 -12.32
C LEU B 206 7.50 26.16 -11.64
N LEU B 207 8.01 26.49 -10.46
CA LEU B 207 7.54 27.66 -9.66
C LEU B 207 7.66 28.92 -10.52
N LYS B 208 8.83 29.14 -11.14
CA LYS B 208 9.11 30.38 -11.92
C LYS B 208 8.18 30.43 -13.14
N ALA B 209 7.97 29.30 -13.81
CA ALA B 209 7.16 29.21 -15.04
C ALA B 209 5.69 29.46 -14.73
N LEU B 210 5.16 28.87 -13.66
CA LEU B 210 3.74 29.04 -13.26
C LEU B 210 3.51 30.53 -12.95
N ASP B 211 4.42 31.15 -12.19
CA ASP B 211 4.32 32.58 -11.80
C ASP B 211 4.24 33.42 -13.07
N GLU B 212 5.02 33.08 -14.10
CA GLU B 212 5.01 33.81 -15.40
C GLU B 212 3.65 33.61 -16.06
N ILE B 213 3.12 32.39 -16.02
CA ILE B 213 1.80 32.06 -16.67
C ILE B 213 0.70 32.93 -16.04
N ILE B 214 0.71 33.12 -14.71
CA ILE B 214 -0.42 33.79 -14.00
C ILE B 214 -0.13 35.29 -13.82
N LYS B 215 0.98 35.80 -14.35
CA LYS B 215 1.48 37.19 -14.12
C LYS B 215 0.41 38.20 -14.52
N ASP B 216 -0.08 38.13 -15.76
CA ASP B 216 -1.03 39.14 -16.33
C ASP B 216 -2.36 39.02 -15.61
N PRO B 217 -2.83 40.09 -14.92
CA PRO B 217 -4.06 40.04 -14.16
C PRO B 217 -5.28 39.82 -15.06
N LEU B 218 -6.17 38.90 -14.66
CA LEU B 218 -7.51 38.73 -15.30
C LEU B 218 -8.59 38.71 -14.22
N PRO B 219 -9.80 39.23 -14.52
CA PRO B 219 -10.86 39.33 -13.52
C PRO B 219 -11.23 37.94 -12.97
N GLU B 220 -11.25 37.82 -11.64
CA GLU B 220 -11.65 36.58 -10.92
C GLU B 220 -13.11 36.25 -11.23
N LYS B 221 -13.93 37.25 -11.57
CA LYS B 221 -15.36 37.03 -11.91
C LYS B 221 -15.45 36.16 -13.16
N ASN B 222 -14.44 36.20 -14.03
CA ASN B 222 -14.43 35.47 -15.33
C ASN B 222 -13.73 34.12 -15.19
N THR B 223 -12.60 34.06 -14.48
CA THR B 223 -11.79 32.81 -14.40
C THR B 223 -10.92 32.81 -13.15
N ILE B 224 -10.63 31.62 -12.63
CA ILE B 224 -9.51 31.39 -11.67
C ILE B 224 -8.83 30.07 -12.03
N GLU B 225 -7.54 29.97 -11.73
CA GLU B 225 -6.72 28.77 -12.07
C GLU B 225 -6.79 27.78 -10.90
N SER B 226 -6.76 26.49 -11.22
CA SER B 226 -6.56 25.40 -10.25
C SER B 226 -5.36 24.56 -10.70
N PHE B 227 -4.64 23.98 -9.76
CA PHE B 227 -3.34 23.29 -10.02
C PHE B 227 -3.43 21.85 -9.54
N GLU B 228 -3.18 20.91 -10.45
CA GLU B 228 -3.44 19.47 -10.22
C GLU B 228 -2.12 18.70 -10.16
N GLY B 229 -1.86 18.08 -9.02
CA GLY B 229 -0.69 17.21 -8.81
C GLY B 229 -1.00 15.77 -9.15
N LYS B 230 0.05 14.95 -9.19
CA LYS B 230 -0.06 13.50 -9.46
C LYS B 230 1.09 12.82 -8.70
N LEU B 231 0.89 11.58 -8.26
CA LEU B 231 1.99 10.82 -7.61
C LEU B 231 2.88 10.21 -8.70
N PHE B 232 2.26 9.58 -9.71
CA PHE B 232 2.99 8.88 -10.79
C PHE B 232 2.08 8.65 -11.99
N GLY B 233 2.68 8.59 -13.18
CA GLY B 233 2.01 8.20 -14.42
C GLY B 233 2.84 7.18 -15.18
N THR B 234 2.21 6.48 -16.13
CA THR B 234 2.88 5.46 -16.97
C THR B 234 4.03 6.13 -17.74
N GLY B 235 5.22 5.53 -17.70
CA GLY B 235 6.44 6.04 -18.36
C GLY B 235 7.05 7.22 -17.61
N ILE B 236 6.43 7.64 -16.50
CA ILE B 236 6.92 8.78 -15.66
C ILE B 236 6.79 8.39 -14.18
N GLU B 237 7.26 7.20 -13.80
CA GLU B 237 6.83 6.54 -12.54
C GLU B 237 7.58 7.10 -11.32
N SER B 238 8.85 7.51 -11.47
CA SER B 238 9.81 7.67 -10.35
C SER B 238 9.68 9.06 -9.70
N TYR B 239 9.37 10.09 -10.48
CA TYR B 239 9.34 11.49 -9.98
C TYR B 239 8.32 12.29 -10.79
N THR B 240 7.46 13.00 -10.08
CA THR B 240 6.49 13.96 -10.67
C THR B 240 6.87 15.36 -10.20
N THR B 241 7.25 16.23 -11.12
CA THR B 241 7.70 17.61 -10.77
C THR B 241 6.58 18.29 -9.98
N GLY B 242 5.36 18.31 -10.52
CA GLY B 242 4.19 18.89 -9.85
C GLY B 242 3.55 17.92 -8.87
N SER B 243 4.13 17.83 -7.67
CA SER B 243 3.63 16.94 -6.59
C SER B 243 2.41 17.58 -5.92
N HIS B 244 1.65 16.78 -5.17
CA HIS B 244 0.48 17.24 -4.36
C HIS B 244 0.93 18.32 -3.37
N GLU B 245 2.08 18.11 -2.71
CA GLU B 245 2.64 19.06 -1.72
C GLU B 245 2.97 20.36 -2.45
N PHE B 246 3.69 20.27 -3.57
CA PHE B 246 4.11 21.45 -4.36
C PHE B 246 2.86 22.30 -4.65
N TYR B 247 1.81 21.69 -5.18
CA TYR B 247 0.63 22.44 -5.68
C TYR B 247 -0.25 22.91 -4.53
N GLN B 248 -0.38 22.16 -3.44
CA GLN B 248 -1.14 22.70 -2.26
C GLN B 248 -0.40 23.95 -1.76
N ASN B 249 0.93 23.88 -1.66
CA ASN B 249 1.76 25.03 -1.22
C ASN B 249 1.59 26.18 -2.22
N TYR B 250 1.63 25.89 -3.53
CA TYR B 250 1.54 26.90 -4.60
C TYR B 250 0.17 27.59 -4.56
N ALA B 251 -0.92 26.80 -4.48
CA ALA B 251 -2.30 27.32 -4.47
C ALA B 251 -2.47 28.29 -3.29
N ILE B 252 -2.08 27.87 -2.07
CA ILE B 252 -2.25 28.68 -0.84
C ILE B 252 -1.44 29.98 -0.98
N SER B 253 -0.22 29.85 -1.50
CA SER B 253 0.79 30.94 -1.61
C SER B 253 0.33 31.97 -2.65
N ARG B 254 -0.22 31.52 -3.79
CA ARG B 254 -0.55 32.41 -4.95
C ARG B 254 -2.05 32.70 -4.99
N ASN B 255 -2.79 32.27 -3.97
CA ASN B 255 -4.25 32.52 -3.83
C ASN B 255 -4.99 31.95 -5.04
N LYS B 256 -4.72 30.68 -5.36
CA LYS B 256 -5.38 29.95 -6.46
C LYS B 256 -6.04 28.68 -5.88
N LEU B 257 -6.69 27.90 -6.74
CA LEU B 257 -7.41 26.67 -6.34
C LEU B 257 -6.43 25.49 -6.41
N TRP B 258 -6.68 24.48 -5.57
CA TRP B 258 -5.92 23.21 -5.56
C TRP B 258 -6.84 22.09 -6.08
N THR B 259 -6.35 21.35 -7.08
CA THR B 259 -7.09 20.21 -7.68
C THR B 259 -6.67 18.90 -7.01
N ILE B 260 -7.65 18.17 -6.48
CA ILE B 260 -7.50 16.80 -5.90
C ILE B 260 -8.19 15.83 -6.84
N ASP B 261 -7.41 14.97 -7.51
CA ASP B 261 -7.94 13.86 -8.34
C ASP B 261 -7.85 12.57 -7.54
N ALA B 262 -8.99 11.93 -7.28
CA ALA B 262 -9.14 10.79 -6.33
C ALA B 262 -8.29 9.60 -6.80
N GLY B 263 -7.81 9.65 -8.04
CA GLY B 263 -7.03 8.55 -8.66
C GLY B 263 -5.53 8.74 -8.53
N HIS B 264 -5.06 9.86 -8.00
CA HIS B 264 -3.66 10.33 -8.20
C HIS B 264 -2.82 10.23 -6.91
N PHE B 265 -3.23 9.42 -5.94
CA PHE B 265 -2.60 9.38 -4.60
C PHE B 265 -2.07 7.97 -4.30
N HIS B 266 -1.51 7.78 -3.10
CA HIS B 266 -0.85 6.53 -2.67
C HIS B 266 -1.91 5.44 -2.50
N PRO B 267 -1.50 4.16 -2.57
CA PRO B 267 -2.36 3.07 -2.11
C PRO B 267 -2.87 3.37 -0.69
N THR B 268 -4.17 3.21 -0.48
CA THR B 268 -4.89 3.36 0.82
C THR B 268 -5.05 4.83 1.21
N GLU B 269 -4.56 5.77 0.41
CA GLU B 269 -4.67 7.23 0.74
C GLU B 269 -6.13 7.66 0.56
N ASP B 270 -6.67 8.34 1.57
CA ASP B 270 -8.09 8.79 1.62
C ASP B 270 -8.10 10.30 1.34
N VAL B 271 -8.41 10.70 0.11
CA VAL B 271 -8.28 12.14 -0.30
C VAL B 271 -9.30 12.97 0.46
N SER B 272 -10.35 12.34 1.04
CA SER B 272 -11.40 13.05 1.81
C SER B 272 -10.81 13.61 3.11
N ASP B 273 -9.62 13.14 3.49
CA ASP B 273 -8.88 13.64 4.68
C ASP B 273 -8.35 15.05 4.43
N LYS B 274 -8.12 15.42 3.17
CA LYS B 274 -7.32 16.61 2.79
C LYS B 274 -8.14 17.89 3.01
N PHE B 275 -9.46 17.86 2.76
CA PHE B 275 -10.29 19.08 2.66
C PHE B 275 -10.09 19.94 3.92
N SER B 276 -10.22 19.33 5.10
CA SER B 276 -10.27 20.02 6.41
C SER B 276 -8.87 20.47 6.83
N ALA B 277 -7.83 19.98 6.16
CA ALA B 277 -6.42 20.39 6.40
C ALA B 277 -6.06 21.55 5.46
N PHE B 278 -6.84 21.73 4.40
CA PHE B 278 -6.62 22.77 3.35
C PHE B 278 -7.36 24.06 3.75
N PHE B 279 -8.63 23.96 4.12
CA PHE B 279 -9.56 25.11 4.16
C PHE B 279 -9.24 26.09 5.30
N PRO B 280 -8.48 25.73 6.36
CA PRO B 280 -8.01 26.75 7.29
C PRO B 280 -7.01 27.73 6.64
N PHE B 281 -6.49 27.39 5.46
CA PHE B 281 -5.35 28.10 4.82
C PHE B 281 -5.70 28.58 3.41
N GLY B 282 -6.50 27.79 2.67
CA GLY B 282 -6.65 27.96 1.20
C GLY B 282 -8.01 28.52 0.81
N LYS B 283 -8.19 28.80 -0.48
CA LYS B 283 -9.32 29.56 -1.06
C LYS B 283 -10.41 28.61 -1.56
N GLY B 284 -10.03 27.53 -2.26
CA GLY B 284 -11.01 26.66 -2.92
C GLY B 284 -10.36 25.40 -3.47
N LEU B 285 -11.19 24.40 -3.77
CA LEU B 285 -10.74 23.10 -4.33
C LEU B 285 -11.45 22.85 -5.67
N PHE B 286 -10.78 22.12 -6.55
CA PHE B 286 -11.40 21.41 -7.70
C PHE B 286 -11.22 19.91 -7.44
N MET B 287 -12.30 19.25 -7.03
CA MET B 287 -12.31 17.80 -6.67
C MET B 287 -12.65 17.00 -7.93
N HIS B 288 -11.67 16.26 -8.47
CA HIS B 288 -11.84 15.37 -9.66
C HIS B 288 -12.13 13.96 -9.17
N VAL B 289 -13.39 13.53 -9.26
CA VAL B 289 -13.76 12.14 -8.87
C VAL B 289 -13.39 11.23 -10.04
N SER B 290 -12.66 10.17 -9.71
CA SER B 290 -12.05 9.20 -10.65
C SER B 290 -11.80 7.94 -9.84
N ARG B 291 -11.93 6.76 -10.45
CA ARG B 291 -11.70 5.48 -9.74
C ARG B 291 -10.36 4.92 -10.18
N PRO B 292 -9.35 4.90 -9.30
CA PRO B 292 -8.13 4.15 -9.56
C PRO B 292 -8.35 2.68 -9.22
N VAL B 293 -7.93 1.79 -10.12
CA VAL B 293 -7.86 0.33 -9.81
C VAL B 293 -6.39 -0.10 -9.87
N ARG B 294 -5.70 0.12 -8.75
CA ARG B 294 -4.30 -0.31 -8.44
C ARG B 294 -3.28 0.59 -9.11
N TRP B 295 -3.72 1.49 -10.00
CA TRP B 295 -2.92 2.63 -10.50
C TRP B 295 -3.88 3.73 -10.95
N ASP B 296 -3.35 4.80 -11.55
CA ASP B 296 -4.16 5.90 -12.11
C ASP B 296 -4.84 5.41 -13.40
N SER B 297 -5.83 4.52 -13.27
CA SER B 297 -6.44 3.74 -14.38
C SER B 297 -7.63 4.50 -14.97
N ASP B 298 -8.17 5.48 -14.26
CA ASP B 298 -9.23 6.39 -14.78
C ASP B 298 -10.47 5.56 -15.11
N HIS B 299 -10.81 4.62 -14.23
CA HIS B 299 -12.10 3.87 -14.29
C HIS B 299 -13.27 4.82 -14.03
N VAL B 300 -14.44 4.47 -14.56
CA VAL B 300 -15.71 5.21 -14.31
C VAL B 300 -15.97 5.23 -12.80
N VAL B 301 -16.31 6.39 -12.27
CA VAL B 301 -16.70 6.59 -10.85
C VAL B 301 -17.89 5.69 -10.53
N ILE B 302 -17.79 4.94 -9.43
CA ILE B 302 -18.87 4.06 -8.91
C ILE B 302 -19.08 4.38 -7.42
N MET B 303 -20.20 3.93 -6.87
CA MET B 303 -20.49 4.13 -5.43
C MET B 303 -19.63 3.15 -4.63
N ASP B 304 -18.45 3.60 -4.21
CA ASP B 304 -17.49 2.82 -3.40
C ASP B 304 -17.05 3.64 -2.20
N ASP B 305 -16.20 3.06 -1.34
CA ASP B 305 -15.73 3.70 -0.08
C ASP B 305 -15.18 5.09 -0.40
N ALA B 306 -14.33 5.22 -1.42
CA ALA B 306 -13.65 6.48 -1.78
C ALA B 306 -14.71 7.55 -2.10
N LEU B 307 -15.68 7.22 -2.95
CA LEU B 307 -16.70 8.19 -3.40
C LEU B 307 -17.59 8.56 -2.20
N ILE B 308 -17.99 7.57 -1.42
CA ILE B 308 -18.85 7.77 -0.20
C ILE B 308 -18.11 8.72 0.76
N ARG B 309 -16.82 8.51 0.98
CA ARG B 309 -16.02 9.31 1.94
C ARG B 309 -15.83 10.73 1.39
N ILE B 310 -15.46 10.86 0.12
CA ILE B 310 -15.30 12.19 -0.54
C ILE B 310 -16.59 12.99 -0.34
N THR B 311 -17.74 12.42 -0.71
CA THR B 311 -19.03 13.14 -0.76
C THR B 311 -19.49 13.47 0.66
N ARG B 312 -19.36 12.55 1.62
CA ARG B 312 -19.88 12.78 2.99
C ARG B 312 -18.97 13.77 3.72
N SER B 313 -17.67 13.78 3.40
CA SER B 313 -16.69 14.72 4.01
C SER B 313 -16.99 16.13 3.53
N LEU B 314 -17.36 16.30 2.26
CA LEU B 314 -17.73 17.64 1.71
C LEU B 314 -19.06 18.07 2.34
N VAL B 315 -20.01 17.15 2.49
CA VAL B 315 -21.38 17.50 2.98
C VAL B 315 -21.32 17.79 4.49
N ARG B 316 -20.69 16.91 5.27
CA ARG B 316 -20.70 16.99 6.75
C ARG B 316 -20.02 18.28 7.21
N ASP B 317 -18.92 18.67 6.55
CA ASP B 317 -18.06 19.79 7.00
C ASP B 317 -18.38 21.05 6.18
N GLY B 318 -19.42 21.00 5.35
CA GLY B 318 -20.02 22.18 4.69
C GLY B 318 -19.05 22.86 3.72
N TYR B 319 -18.37 22.08 2.88
CA TYR B 319 -17.32 22.56 1.94
C TYR B 319 -17.80 22.61 0.49
N LEU B 320 -19.05 22.23 0.19
CA LEU B 320 -19.51 22.14 -1.23
C LEU B 320 -19.41 23.52 -1.91
N ASP B 321 -19.70 24.59 -1.18
CA ASP B 321 -19.78 25.96 -1.77
C ASP B 321 -18.36 26.46 -2.12
N ARG B 322 -17.31 25.78 -1.67
CA ARG B 322 -15.90 26.16 -1.96
C ARG B 322 -15.22 25.03 -2.73
N THR B 323 -15.96 24.00 -3.12
CA THR B 323 -15.40 22.81 -3.81
C THR B 323 -16.16 22.57 -5.12
N HIS B 324 -15.50 22.78 -6.25
CA HIS B 324 -16.01 22.43 -7.60
C HIS B 324 -15.81 20.95 -7.80
N ILE B 325 -16.87 20.22 -8.13
CA ILE B 325 -16.77 18.74 -8.36
C ILE B 325 -16.76 18.49 -9.87
N GLY B 326 -15.67 17.89 -10.35
CA GLY B 326 -15.51 17.50 -11.76
C GLY B 326 -15.35 16.00 -11.87
N LEU B 327 -15.76 15.43 -13.02
CA LEU B 327 -15.53 14.01 -13.36
C LEU B 327 -14.20 13.91 -14.11
N ASP B 328 -13.46 12.82 -13.90
CA ASP B 328 -12.28 12.50 -14.75
C ASP B 328 -12.16 10.97 -14.83
N PHE B 329 -12.47 10.45 -16.00
CA PHE B 329 -12.31 9.01 -16.31
C PHE B 329 -12.37 8.84 -17.83
N PHE B 330 -11.77 7.78 -18.34
CA PHE B 330 -11.93 7.39 -19.76
C PHE B 330 -12.05 5.88 -19.82
N ASP B 331 -13.23 5.41 -20.18
CA ASP B 331 -13.54 3.99 -20.40
C ASP B 331 -14.17 3.85 -21.80
N ALA B 332 -13.41 3.29 -22.73
CA ALA B 332 -13.82 3.09 -24.14
C ALA B 332 -14.30 1.64 -24.35
N THR B 333 -14.33 0.82 -23.29
CA THR B 333 -14.74 -0.61 -23.38
C THR B 333 -16.26 -0.71 -23.27
N ILE B 334 -16.93 0.40 -22.90
CA ILE B 334 -18.40 0.46 -22.68
C ILE B 334 -18.95 1.65 -23.48
N ASN B 335 -20.27 1.74 -23.59
CA ASN B 335 -20.94 2.91 -24.23
C ASN B 335 -20.44 4.18 -23.55
N ARG B 336 -19.79 5.08 -24.31
CA ARG B 336 -19.03 6.22 -23.74
C ARG B 336 -20.01 7.22 -23.09
N VAL B 337 -21.24 7.30 -23.62
CA VAL B 337 -22.31 8.18 -23.07
C VAL B 337 -22.81 7.59 -21.75
N ALA B 338 -23.03 6.27 -21.68
CA ALA B 338 -23.42 5.56 -20.44
C ALA B 338 -22.37 5.80 -19.34
N ALA B 339 -21.08 5.81 -19.70
CA ALA B 339 -19.97 6.03 -18.74
C ALA B 339 -20.22 7.32 -17.94
N TRP B 340 -20.48 8.42 -18.64
CA TRP B 340 -20.79 9.74 -18.01
C TRP B 340 -21.92 9.58 -17.00
N VAL B 341 -23.01 8.94 -17.43
CA VAL B 341 -24.26 8.86 -16.62
C VAL B 341 -23.99 7.99 -15.38
N VAL B 342 -23.28 6.87 -15.53
CA VAL B 342 -22.94 6.01 -14.37
C VAL B 342 -22.18 6.86 -13.34
N GLY B 343 -21.11 7.52 -13.77
CA GLY B 343 -20.22 8.32 -12.90
C GLY B 343 -20.96 9.46 -12.24
N ALA B 344 -21.78 10.20 -13.00
CA ALA B 344 -22.52 11.37 -12.49
C ALA B 344 -23.56 10.92 -11.46
N ARG B 345 -24.35 9.90 -11.79
CA ARG B 345 -25.41 9.36 -10.88
C ARG B 345 -24.79 8.79 -9.60
N ALA B 346 -23.66 8.08 -9.71
CA ALA B 346 -22.94 7.53 -8.54
C ALA B 346 -22.58 8.69 -7.59
N THR B 347 -22.02 9.76 -8.14
CA THR B 347 -21.59 10.95 -7.36
C THR B 347 -22.81 11.58 -6.67
N GLN B 348 -23.91 11.77 -7.42
CA GLN B 348 -25.12 12.45 -6.91
C GLN B 348 -25.77 11.63 -5.78
N LYS B 349 -25.92 10.31 -5.96
CA LYS B 349 -26.61 9.46 -4.96
C LYS B 349 -25.74 9.37 -3.71
N SER B 350 -24.41 9.45 -3.85
CA SER B 350 -23.45 9.45 -2.71
C SER B 350 -23.55 10.78 -1.94
N LEU B 351 -23.59 11.91 -2.66
CA LEU B 351 -23.87 13.23 -2.04
C LEU B 351 -25.20 13.15 -1.29
N LEU B 352 -26.24 12.62 -1.94
CA LEU B 352 -27.61 12.62 -1.37
C LEU B 352 -27.63 11.77 -0.09
N GLN B 353 -27.01 10.58 -0.11
CA GLN B 353 -26.96 9.72 1.09
C GLN B 353 -26.36 10.51 2.26
N ALA B 354 -25.25 11.24 2.00
CA ALA B 354 -24.55 12.03 3.03
C ALA B 354 -25.47 13.14 3.55
N MET B 355 -26.27 13.73 2.66
CA MET B 355 -27.21 14.83 3.01
C MET B 355 -28.38 14.27 3.84
N LEU B 356 -28.63 12.97 3.77
CA LEU B 356 -29.80 12.33 4.44
C LEU B 356 -29.42 11.82 5.84
N ALA B 357 -28.37 12.37 6.45
CA ALA B 357 -27.92 11.98 7.81
C ALA B 357 -28.32 13.07 8.79
N PRO B 358 -28.64 12.72 10.06
CA PRO B 358 -28.89 13.71 11.11
C PRO B 358 -27.58 14.31 11.61
N ILE B 359 -26.94 15.14 10.77
CA ILE B 359 -25.51 15.53 10.95
C ILE B 359 -25.37 16.40 12.22
N ASP B 360 -26.31 17.30 12.47
CA ASP B 360 -26.26 18.20 13.66
C ASP B 360 -26.25 17.34 14.93
N GLN B 361 -27.10 16.32 15.01
CA GLN B 361 -27.22 15.45 16.21
C GLN B 361 -26.00 14.52 16.29
N LEU B 362 -25.54 13.96 15.17
CA LEU B 362 -24.35 13.07 15.15
C LEU B 362 -23.11 13.85 15.59
N LYS B 363 -22.99 15.13 15.20
CA LYS B 363 -21.85 15.98 15.63
C LYS B 363 -21.90 16.17 17.15
N LYS B 364 -23.08 16.41 17.71
CA LYS B 364 -23.29 16.57 19.18
C LYS B 364 -22.89 15.25 19.87
N ASP B 365 -23.34 14.11 19.36
CA ASP B 365 -23.02 12.78 19.93
C ASP B 365 -21.50 12.62 19.97
N GLU B 366 -20.83 12.99 18.88
CA GLU B 366 -19.37 12.82 18.70
C GLU B 366 -18.62 13.77 19.66
N LEU B 367 -19.08 15.01 19.82
CA LEU B 367 -18.46 15.99 20.76
C LEU B 367 -18.52 15.41 22.18
N ASN B 368 -19.55 14.62 22.48
CA ASN B 368 -19.81 14.01 23.80
C ASN B 368 -19.11 12.65 23.88
N ALA B 369 -18.35 12.29 22.85
CA ALA B 369 -17.54 11.03 22.77
C ALA B 369 -18.47 9.82 22.87
N ASP B 370 -19.70 9.95 22.39
CA ASP B 370 -20.66 8.81 22.32
C ASP B 370 -20.40 8.05 21.01
N PHE B 371 -19.32 7.27 20.98
CA PHE B 371 -18.82 6.56 19.77
C PHE B 371 -19.70 5.35 19.49
N THR B 372 -20.40 4.82 20.51
CA THR B 372 -21.38 3.71 20.36
C THR B 372 -22.51 4.18 19.44
N THR B 373 -23.17 5.29 19.78
CA THR B 373 -24.29 5.85 18.99
C THR B 373 -23.81 6.19 17.58
N ARG B 374 -22.64 6.82 17.44
CA ARG B 374 -22.09 7.20 16.11
C ARG B 374 -21.96 5.94 15.23
N LEU B 375 -21.37 4.87 15.76
CA LEU B 375 -21.16 3.62 14.97
C LEU B 375 -22.52 3.05 14.58
N ILE B 376 -23.44 2.89 15.53
CA ILE B 376 -24.76 2.23 15.27
C ILE B 376 -25.49 3.03 14.20
N GLU B 377 -25.61 4.35 14.36
CA GLU B 377 -26.45 5.17 13.46
C GLU B 377 -25.82 5.22 12.06
N THR B 378 -24.51 5.47 11.95
CA THR B 378 -23.84 5.60 10.62
C THR B 378 -23.98 4.27 9.87
N GLU B 379 -24.00 3.14 10.57
CA GLU B 379 -24.17 1.81 9.93
C GLU B 379 -25.64 1.62 9.52
N GLU B 380 -26.59 1.97 10.39
CA GLU B 380 -28.03 1.83 10.08
C GLU B 380 -28.39 2.69 8.86
N LEU B 381 -27.77 3.87 8.73
CA LEU B 381 -28.12 4.84 7.65
C LEU B 381 -27.74 4.26 6.29
N LYS B 382 -26.78 3.35 6.25
CA LYS B 382 -26.32 2.73 4.97
C LYS B 382 -27.44 1.85 4.39
N SER B 383 -28.43 1.43 5.19
CA SER B 383 -29.59 0.63 4.73
C SER B 383 -30.91 1.35 4.99
N PHE B 384 -30.88 2.66 5.30
CA PHE B 384 -32.10 3.51 5.23
C PHE B 384 -32.50 3.65 3.77
N PRO B 385 -33.75 4.07 3.49
CA PRO B 385 -34.24 4.17 2.11
C PRO B 385 -33.75 5.39 1.31
N PHE B 386 -32.43 5.55 1.18
CA PHE B 386 -31.82 6.67 0.43
C PHE B 386 -32.16 6.53 -1.06
N GLY B 387 -32.32 5.30 -1.55
CA GLY B 387 -32.69 5.03 -2.95
C GLY B 387 -34.05 5.61 -3.32
N ALA B 388 -35.00 5.63 -2.39
CA ALA B 388 -36.36 6.15 -2.63
C ALA B 388 -36.29 7.68 -2.79
N VAL B 389 -35.36 8.32 -2.08
CA VAL B 389 -35.15 9.79 -2.20
C VAL B 389 -34.43 10.06 -3.53
N TRP B 390 -33.44 9.24 -3.87
CA TRP B 390 -32.70 9.34 -5.15
C TRP B 390 -33.66 9.17 -6.33
N ASP B 391 -34.52 8.14 -6.28
CA ASP B 391 -35.52 7.87 -7.35
C ASP B 391 -36.44 9.10 -7.50
N LYS B 392 -36.91 9.64 -6.38
CA LYS B 392 -37.82 10.82 -6.37
C LYS B 392 -37.09 12.00 -7.02
N PHE B 393 -35.80 12.18 -6.72
CA PHE B 393 -34.96 13.28 -7.29
C PHE B 393 -34.87 13.09 -8.81
N CYS B 394 -34.65 11.86 -9.27
CA CYS B 394 -34.55 11.52 -10.71
C CYS B 394 -35.88 11.88 -11.40
N GLN B 395 -37.00 11.44 -10.82
CA GLN B 395 -38.36 11.60 -11.41
C GLN B 395 -38.72 13.09 -11.44
N ASP B 396 -38.47 13.80 -10.34
CA ASP B 396 -38.79 15.25 -10.19
C ASP B 396 -38.06 16.04 -11.28
N HIS B 397 -36.88 15.58 -11.72
CA HIS B 397 -35.99 16.31 -12.65
C HIS B 397 -36.06 15.67 -14.05
N ASN B 398 -37.11 14.90 -14.32
CA ASN B 398 -37.47 14.42 -15.68
C ASN B 398 -36.32 13.55 -16.25
N THR B 399 -35.81 12.63 -15.43
CA THR B 399 -34.83 11.59 -15.85
C THR B 399 -35.36 10.22 -15.45
N PRO B 400 -34.95 9.15 -16.17
CA PRO B 400 -35.46 7.80 -15.90
C PRO B 400 -34.97 7.26 -14.55
N VAL B 401 -35.75 6.36 -13.95
CA VAL B 401 -35.51 5.78 -12.60
C VAL B 401 -34.85 4.40 -12.75
N GLY B 402 -33.79 4.16 -11.97
CA GLY B 402 -33.16 2.83 -11.85
C GLY B 402 -32.63 2.34 -13.19
N PHE B 403 -32.97 1.10 -13.56
CA PHE B 403 -32.50 0.42 -14.79
C PHE B 403 -33.02 1.13 -16.04
N ASP B 404 -34.06 1.97 -15.90
CA ASP B 404 -34.89 2.46 -17.04
C ASP B 404 -34.04 3.27 -18.03
N TRP B 405 -32.98 3.95 -17.58
CA TRP B 405 -32.20 4.83 -18.49
C TRP B 405 -31.35 3.99 -19.45
N MET B 406 -31.26 2.67 -19.23
CA MET B 406 -30.64 1.75 -20.22
C MET B 406 -31.47 1.75 -21.51
N ASN B 407 -32.80 1.92 -21.40
CA ASN B 407 -33.70 2.01 -22.57
C ASN B 407 -33.22 3.17 -23.44
N ASN B 408 -32.93 4.32 -22.82
CA ASN B 408 -32.52 5.56 -23.50
C ASN B 408 -31.18 5.33 -24.21
N ILE B 409 -30.24 4.68 -23.53
CA ILE B 409 -28.91 4.34 -24.11
C ILE B 409 -29.10 3.43 -25.33
N HIS B 410 -29.91 2.38 -25.20
CA HIS B 410 -30.16 1.40 -26.30
C HIS B 410 -30.78 2.14 -27.50
N GLN B 411 -31.66 3.11 -27.25
CA GLN B 411 -32.33 3.89 -28.32
C GLN B 411 -31.30 4.80 -28.99
N TYR B 412 -30.42 5.43 -28.20
CA TYR B 412 -29.38 6.36 -28.70
C TYR B 412 -28.35 5.58 -29.53
N GLU B 413 -28.03 4.35 -29.10
CA GLU B 413 -27.17 3.42 -29.88
C GLU B 413 -27.80 3.19 -31.26
N LYS B 414 -29.06 2.78 -31.27
CA LYS B 414 -29.83 2.40 -32.48
C LYS B 414 -29.88 3.60 -33.44
N ASP B 415 -30.23 4.78 -32.91
CA ASP B 415 -30.63 5.96 -33.71
C ASP B 415 -29.40 6.80 -34.10
N VAL B 416 -28.32 6.72 -33.32
CA VAL B 416 -27.16 7.66 -33.47
C VAL B 416 -25.83 6.89 -33.50
N GLN B 417 -25.42 6.32 -32.37
CA GLN B 417 -24.02 5.85 -32.15
C GLN B 417 -23.66 4.75 -33.15
N PHE B 418 -24.52 3.73 -33.31
CA PHE B 418 -24.22 2.55 -34.17
C PHE B 418 -24.33 2.90 -35.65
N LYS B 419 -24.87 4.08 -35.97
CA LYS B 419 -24.98 4.54 -37.39
C LYS B 419 -23.69 5.24 -37.80
N ARG B 420 -22.78 5.51 -36.86
CA ARG B 420 -21.53 6.27 -37.13
C ARG B 420 -20.54 5.40 -37.90
N MET C 1 40.40 3.99 -16.43
CA MET C 1 40.67 2.54 -16.63
C MET C 1 41.18 1.94 -15.31
N VAL C 2 40.48 0.94 -14.79
CA VAL C 2 40.93 0.21 -13.57
C VAL C 2 42.16 -0.64 -13.95
N LYS C 3 43.17 -0.67 -13.09
CA LYS C 3 44.42 -1.45 -13.28
C LYS C 3 44.23 -2.83 -12.66
N PRO C 4 44.43 -3.93 -13.42
CA PRO C 4 44.18 -5.28 -12.91
C PRO C 4 44.93 -5.59 -11.60
N GLU C 5 46.16 -5.10 -11.46
CA GLU C 5 47.00 -5.35 -10.26
C GLU C 5 46.37 -4.67 -9.04
N GLU C 6 45.67 -3.54 -9.25
CA GLU C 6 44.93 -2.79 -8.19
C GLU C 6 43.70 -3.60 -7.76
N VAL C 7 42.96 -4.14 -8.72
CA VAL C 7 41.78 -5.03 -8.44
C VAL C 7 42.27 -6.25 -7.64
N ASP C 8 43.39 -6.84 -8.03
CA ASP C 8 43.94 -8.06 -7.37
C ASP C 8 44.36 -7.68 -5.93
N LYS C 9 45.01 -6.52 -5.75
CA LYS C 9 45.50 -6.08 -4.42
C LYS C 9 44.29 -5.84 -3.50
N ALA C 10 43.27 -5.12 -3.97
CA ALA C 10 42.06 -4.79 -3.19
C ALA C 10 41.29 -6.07 -2.87
N TYR C 11 41.35 -7.07 -3.74
CA TYR C 11 40.71 -8.39 -3.51
C TYR C 11 41.40 -9.12 -2.34
N GLU C 12 42.73 -9.14 -2.32
CA GLU C 12 43.51 -9.84 -1.25
C GLU C 12 43.19 -9.21 0.10
N VAL C 13 43.00 -7.88 0.14
CA VAL C 13 42.66 -7.13 1.39
C VAL C 13 41.25 -7.52 1.84
N ALA C 14 40.29 -7.54 0.91
CA ALA C 14 38.87 -7.90 1.18
C ALA C 14 38.81 -9.36 1.65
N LYS C 15 39.57 -10.23 0.99
CA LYS C 15 39.67 -11.67 1.34
C LYS C 15 40.04 -11.79 2.83
N GLN C 16 40.99 -10.99 3.29
CA GLN C 16 41.46 -11.00 4.71
C GLN C 16 40.38 -10.43 5.63
N ARG C 17 39.74 -9.30 5.27
CA ARG C 17 38.64 -8.72 6.08
C ARG C 17 37.58 -9.80 6.34
N TYR C 18 37.20 -10.54 5.29
CA TYR C 18 36.09 -11.53 5.33
C TYR C 18 36.55 -12.80 6.06
N ALA C 19 37.80 -13.24 5.85
CA ALA C 19 38.38 -14.41 6.54
C ALA C 19 38.28 -14.20 8.06
N GLU C 20 38.46 -12.96 8.52
CA GLU C 20 38.52 -12.63 9.98
C GLU C 20 37.12 -12.79 10.60
N ILE C 21 36.05 -12.80 9.78
CA ILE C 21 34.66 -13.04 10.28
C ILE C 21 34.15 -14.39 9.76
N GLY C 22 35.05 -15.26 9.29
CA GLY C 22 34.74 -16.67 8.98
C GLY C 22 34.07 -16.82 7.62
N VAL C 23 34.35 -15.89 6.69
CA VAL C 23 33.80 -15.91 5.30
C VAL C 23 34.96 -16.16 4.33
N ASP C 24 34.76 -17.10 3.40
CA ASP C 24 35.73 -17.49 2.34
C ASP C 24 35.31 -16.82 1.02
N THR C 25 36.00 -15.75 0.63
CA THR C 25 35.67 -14.96 -0.59
C THR C 25 35.88 -15.82 -1.85
N ASP C 26 36.88 -16.71 -1.85
CA ASP C 26 37.17 -17.58 -3.02
C ASP C 26 35.98 -18.51 -3.25
N ALA C 27 35.45 -19.11 -2.18
CA ALA C 27 34.27 -20.00 -2.21
C ALA C 27 33.01 -19.22 -2.63
N ALA C 28 32.85 -18.00 -2.14
CA ALA C 28 31.69 -17.14 -2.47
C ALA C 28 31.65 -16.94 -4.00
N MET C 29 32.81 -16.68 -4.61
CA MET C 29 32.89 -16.38 -6.06
C MET C 29 32.61 -17.65 -6.88
N LYS C 30 33.03 -18.82 -6.39
CA LYS C 30 32.73 -20.12 -7.04
C LYS C 30 31.21 -20.38 -6.97
N GLU C 31 30.56 -19.99 -5.86
CA GLU C 31 29.10 -20.14 -5.68
C GLU C 31 28.37 -19.26 -6.69
N LEU C 32 28.84 -18.03 -6.92
CA LEU C 32 28.18 -17.09 -7.86
C LEU C 32 28.26 -17.65 -9.29
N GLU C 33 29.37 -18.33 -9.63
CA GLU C 33 29.60 -18.93 -10.98
C GLU C 33 28.45 -19.88 -11.33
N LYS C 34 27.84 -20.51 -10.33
CA LYS C 34 26.86 -21.62 -10.52
C LYS C 34 25.45 -21.06 -10.66
N VAL C 35 25.27 -19.73 -10.67
CA VAL C 35 23.92 -19.10 -10.82
C VAL C 35 23.81 -18.44 -12.18
N PRO C 36 23.29 -19.17 -13.20
CA PRO C 36 23.00 -18.56 -14.49
C PRO C 36 21.73 -17.71 -14.46
N LEU C 37 21.81 -16.50 -15.01
CA LEU C 37 20.64 -15.61 -15.20
C LEU C 37 20.07 -15.81 -16.61
N SER C 38 18.76 -16.00 -16.72
CA SER C 38 18.05 -16.14 -18.01
C SER C 38 17.71 -14.74 -18.56
N VAL C 39 18.52 -14.28 -19.52
CA VAL C 39 18.45 -12.92 -20.13
C VAL C 39 17.37 -12.91 -21.21
N HIS C 40 16.37 -12.04 -21.07
CA HIS C 40 15.14 -12.02 -21.91
C HIS C 40 15.46 -11.32 -23.24
N CYS C 41 15.17 -11.98 -24.36
CA CYS C 41 15.55 -11.48 -25.71
C CYS C 41 14.77 -10.19 -26.03
N TRP C 42 13.58 -10.00 -25.43
CA TRP C 42 12.56 -9.05 -25.95
C TRP C 42 12.88 -7.61 -25.53
N GLN C 43 13.82 -7.41 -24.60
CA GLN C 43 14.33 -6.05 -24.23
C GLN C 43 15.06 -5.45 -25.44
N GLY C 44 15.62 -6.29 -26.32
CA GLY C 44 16.47 -5.84 -27.45
C GLY C 44 15.67 -5.13 -28.54
N ASP C 45 14.38 -5.45 -28.69
CA ASP C 45 13.57 -5.03 -29.85
C ASP C 45 12.15 -4.69 -29.40
N ASP C 46 11.99 -4.26 -28.14
CA ASP C 46 10.71 -3.74 -27.59
C ASP C 46 9.61 -4.77 -27.87
N ILE C 47 9.91 -6.05 -27.66
CA ILE C 47 9.01 -7.23 -27.86
C ILE C 47 8.25 -7.13 -29.19
N HIS C 48 8.91 -6.69 -30.26
CA HIS C 48 8.37 -6.73 -31.64
C HIS C 48 8.36 -8.17 -32.15
N GLY C 49 9.41 -8.94 -31.86
CA GLY C 49 9.64 -10.27 -32.43
C GLY C 49 9.72 -10.20 -33.95
N PHE C 50 9.57 -11.33 -34.64
CA PHE C 50 9.83 -11.45 -36.09
C PHE C 50 8.61 -12.02 -36.81
N LEU C 51 7.67 -12.61 -36.06
CA LEU C 51 6.57 -13.42 -36.63
C LEU C 51 5.58 -12.50 -37.35
N PHE C 52 5.27 -11.36 -36.75
CA PHE C 52 4.25 -10.40 -37.27
C PHE C 52 4.90 -9.02 -37.39
N PRO C 53 5.65 -8.75 -38.47
CA PRO C 53 6.32 -7.46 -38.66
C PRO C 53 5.46 -6.24 -38.34
N GLY C 65 9.89 4.30 -24.28
CA GLY C 65 11.08 5.07 -24.70
C GLY C 65 11.36 5.00 -26.19
N ASN C 66 12.39 5.72 -26.64
CA ASN C 66 12.80 5.79 -28.07
C ASN C 66 14.31 6.04 -28.20
N TYR C 67 15.14 5.37 -27.41
CA TYR C 67 16.62 5.40 -27.58
C TYR C 67 16.97 4.84 -28.96
N PRO C 68 17.98 5.40 -29.68
CA PRO C 68 18.39 4.88 -31.00
C PRO C 68 18.86 3.41 -30.94
N GLY C 69 18.85 2.73 -32.10
CA GLY C 69 19.63 1.50 -32.34
C GLY C 69 18.87 0.23 -31.98
N ILE C 70 17.53 0.29 -31.93
CA ILE C 70 16.68 -0.91 -31.68
C ILE C 70 17.06 -2.01 -32.68
N ALA C 71 17.12 -3.25 -32.22
CA ALA C 71 17.29 -4.45 -33.09
C ALA C 71 16.04 -4.62 -33.95
N ARG C 72 16.21 -4.96 -35.23
CA ARG C 72 15.11 -5.10 -36.21
C ARG C 72 15.09 -6.50 -36.83
N THR C 73 16.21 -7.22 -36.74
CA THR C 73 16.41 -8.53 -37.41
C THR C 73 16.95 -9.53 -36.41
N PRO C 74 16.83 -10.85 -36.70
CA PRO C 74 17.44 -11.87 -35.85
C PRO C 74 18.94 -11.60 -35.63
N ASP C 75 19.68 -11.30 -36.70
CA ASP C 75 21.16 -11.09 -36.65
C ASP C 75 21.46 -9.90 -35.73
N GLU C 76 20.66 -8.84 -35.80
CA GLU C 76 20.84 -7.62 -34.98
C GLU C 76 20.60 -7.97 -33.51
N LEU C 77 19.52 -8.70 -33.20
CA LEU C 77 19.15 -9.04 -31.82
C LEU C 77 20.17 -10.04 -31.24
N ALA C 78 20.62 -11.00 -32.05
CA ALA C 78 21.63 -12.00 -31.65
C ALA C 78 22.94 -11.28 -31.29
N GLY C 79 23.36 -10.30 -32.11
CA GLY C 79 24.58 -9.50 -31.88
C GLY C 79 24.47 -8.66 -30.62
N ASP C 80 23.30 -8.05 -30.39
CA ASP C 80 23.02 -7.21 -29.21
C ASP C 80 23.12 -8.07 -27.94
N MET C 81 22.55 -9.28 -27.95
CA MET C 81 22.59 -10.20 -26.80
C MET C 81 24.02 -10.69 -26.59
N HIS C 82 24.75 -10.98 -27.67
CA HIS C 82 26.20 -11.33 -27.60
C HIS C 82 26.95 -10.21 -26.89
N GLU C 83 26.70 -8.95 -27.26
CA GLU C 83 27.40 -7.77 -26.68
C GLU C 83 27.09 -7.70 -25.18
N ALA C 84 25.81 -7.77 -24.79
CA ALA C 84 25.39 -7.72 -23.37
C ALA C 84 26.09 -8.86 -22.59
N LEU C 85 26.03 -10.09 -23.09
CA LEU C 85 26.61 -11.26 -22.39
C LEU C 85 28.13 -11.09 -22.24
N SER C 86 28.77 -10.40 -23.18
CA SER C 86 30.25 -10.18 -23.17
C SER C 86 30.63 -9.27 -22.00
N LEU C 87 29.65 -8.57 -21.42
CA LEU C 87 29.88 -7.57 -20.34
C LEU C 87 29.29 -8.06 -19.01
N ILE C 88 28.66 -9.24 -19.04
CA ILE C 88 28.11 -9.92 -17.82
C ILE C 88 29.03 -11.08 -17.48
N PRO C 89 29.72 -11.07 -16.32
CA PRO C 89 30.72 -12.10 -16.03
C PRO C 89 30.07 -13.46 -15.79
N GLY C 90 30.68 -14.51 -16.33
CA GLY C 90 30.27 -15.91 -16.08
C GLY C 90 29.35 -16.42 -17.17
N LYS C 91 28.69 -17.54 -16.91
CA LYS C 91 27.89 -18.29 -17.90
C LYS C 91 26.40 -18.10 -17.58
N HIS C 92 25.60 -17.77 -18.60
CA HIS C 92 24.17 -17.40 -18.43
C HIS C 92 23.33 -18.10 -19.48
N ARG C 93 22.06 -17.71 -19.55
CA ARG C 93 21.04 -18.32 -20.44
C ARG C 93 20.28 -17.19 -21.13
N VAL C 94 19.53 -17.53 -22.18
CA VAL C 94 18.67 -16.56 -22.91
C VAL C 94 17.24 -17.12 -22.96
N GLN C 95 16.26 -16.27 -22.66
CA GLN C 95 14.81 -16.58 -22.84
C GLN C 95 14.37 -16.10 -24.22
N LEU C 96 13.63 -16.95 -24.94
CA LEU C 96 12.93 -16.58 -26.20
C LEU C 96 11.44 -16.43 -25.91
N HIS C 97 10.76 -15.61 -26.71
CA HIS C 97 9.29 -15.64 -26.91
C HIS C 97 8.97 -16.36 -28.22
N ALA C 98 7.82 -17.01 -28.31
CA ALA C 98 7.39 -17.75 -29.52
C ALA C 98 7.42 -16.82 -30.73
N ILE C 99 7.18 -15.51 -30.55
CA ILE C 99 7.11 -14.57 -31.71
C ILE C 99 8.52 -14.30 -32.25
N TYR C 100 9.57 -14.87 -31.65
CA TYR C 100 10.97 -14.73 -32.12
C TYR C 100 11.36 -15.88 -33.04
N ALA C 101 10.36 -16.66 -33.49
CA ALA C 101 10.52 -17.70 -34.53
C ALA C 101 11.22 -17.08 -35.75
N VAL C 102 12.16 -17.81 -36.35
CA VAL C 102 12.93 -17.36 -37.53
C VAL C 102 12.66 -18.31 -38.70
N THR C 103 11.79 -17.90 -39.63
CA THR C 103 11.29 -18.77 -40.73
C THR C 103 10.79 -17.89 -41.88
N ASP C 104 10.94 -18.38 -43.12
CA ASP C 104 10.44 -17.71 -44.36
C ASP C 104 9.10 -18.33 -44.74
N LYS C 105 8.58 -19.26 -43.93
CA LYS C 105 7.25 -19.87 -44.10
C LYS C 105 6.19 -19.02 -43.39
N LYS C 106 4.98 -18.95 -43.97
CA LYS C 106 3.82 -18.28 -43.34
C LYS C 106 3.37 -19.10 -42.13
N ARG C 107 3.51 -18.52 -40.93
CA ARG C 107 3.17 -19.18 -39.65
C ARG C 107 2.17 -18.29 -38.89
N ASP C 108 1.32 -18.92 -38.09
CA ASP C 108 0.57 -18.26 -36.98
C ASP C 108 1.01 -18.96 -35.69
N LEU C 109 0.58 -18.46 -34.53
CA LEU C 109 1.01 -19.00 -33.21
C LEU C 109 0.58 -20.46 -33.07
N ASP C 110 -0.45 -20.90 -33.79
CA ASP C 110 -1.00 -22.28 -33.70
C ASP C 110 -0.45 -23.16 -34.83
N THR C 111 0.53 -22.69 -35.61
CA THR C 111 1.15 -23.50 -36.70
C THR C 111 2.68 -23.45 -36.63
N LEU C 112 3.24 -22.87 -35.57
CA LEU C 112 4.71 -22.86 -35.35
C LEU C 112 5.21 -24.31 -35.27
N GLU C 113 6.42 -24.56 -35.79
CA GLU C 113 7.10 -25.88 -35.72
C GLU C 113 8.45 -25.70 -35.03
N PRO C 114 8.94 -26.75 -34.34
CA PRO C 114 10.18 -26.64 -33.57
C PRO C 114 11.36 -26.10 -34.41
N GLU C 115 11.43 -26.50 -35.68
CA GLU C 115 12.56 -26.17 -36.59
C GLU C 115 12.59 -24.65 -36.84
N ASP C 116 11.48 -23.96 -36.57
CA ASP C 116 11.38 -22.48 -36.71
C ASP C 116 12.32 -21.81 -35.70
N PHE C 117 12.92 -22.60 -34.80
CA PHE C 117 13.79 -22.08 -33.71
C PHE C 117 15.21 -22.61 -33.87
N ASP C 118 15.49 -23.27 -34.99
CA ASP C 118 16.85 -23.77 -35.36
C ASP C 118 17.83 -22.60 -35.32
N TYR C 119 17.43 -21.42 -35.80
CA TYR C 119 18.31 -20.22 -35.82
C TYR C 119 18.85 -19.98 -34.41
N TRP C 120 17.97 -20.06 -33.39
CA TRP C 120 18.31 -19.73 -31.99
C TRP C 120 19.10 -20.87 -31.33
N ILE C 121 18.80 -22.13 -31.68
CA ILE C 121 19.57 -23.31 -31.19
C ILE C 121 21.02 -23.19 -31.69
N ASP C 122 21.20 -22.89 -32.98
CA ASP C 122 22.54 -22.70 -33.59
C ASP C 122 23.23 -21.53 -32.87
N TRP C 123 22.54 -20.41 -32.68
CA TRP C 123 23.12 -19.22 -31.99
C TRP C 123 23.54 -19.59 -30.58
N ALA C 124 22.67 -20.30 -29.82
CA ALA C 124 22.89 -20.67 -28.41
C ALA C 124 24.11 -21.60 -28.30
N LYS C 125 24.26 -22.53 -29.25
CA LYS C 125 25.43 -23.46 -29.30
C LYS C 125 26.72 -22.65 -29.48
N GLN C 126 26.72 -21.72 -30.44
CA GLN C 126 27.84 -20.79 -30.74
C GLN C 126 28.20 -19.99 -29.49
N GLU C 127 27.18 -19.43 -28.83
CA GLU C 127 27.33 -18.48 -27.69
C GLU C 127 27.73 -19.25 -26.44
N GLY C 128 27.38 -20.54 -26.38
CA GLY C 128 27.62 -21.43 -25.23
C GLY C 128 26.66 -21.16 -24.09
N VAL C 129 25.37 -20.97 -24.40
CA VAL C 129 24.31 -20.68 -23.40
C VAL C 129 23.14 -21.64 -23.61
N GLY C 130 22.41 -21.92 -22.54
CA GLY C 130 21.10 -22.58 -22.57
C GLY C 130 20.00 -21.62 -22.97
N LEU C 131 18.84 -22.15 -23.37
CA LEU C 131 17.64 -21.37 -23.75
C LEU C 131 16.48 -21.74 -22.84
N ASP C 132 15.72 -20.73 -22.41
CA ASP C 132 14.38 -20.91 -21.81
C ASP C 132 13.36 -20.33 -22.80
N PHE C 133 12.07 -20.63 -22.60
CA PHE C 133 11.02 -20.36 -23.62
C PHE C 133 9.78 -19.77 -22.94
N ASN C 134 9.06 -18.97 -23.72
CA ASN C 134 7.78 -18.31 -23.34
C ASN C 134 6.82 -18.42 -24.54
N GLY C 135 5.69 -19.11 -24.36
CA GLY C 135 4.54 -18.98 -25.26
C GLY C 135 4.09 -17.53 -25.31
N THR C 136 3.63 -17.05 -26.47
CA THR C 136 3.19 -15.63 -26.65
C THR C 136 1.67 -15.59 -26.69
N PHE C 137 1.03 -15.24 -25.58
CA PHE C 137 -0.44 -15.27 -25.40
C PHE C 137 -0.98 -13.82 -25.39
N PHE C 138 -0.45 -12.97 -26.24
CA PHE C 138 -0.83 -11.53 -26.31
C PHE C 138 -0.47 -10.95 -27.69
N SER C 139 -0.98 -9.75 -27.96
CA SER C 139 -0.68 -8.97 -29.20
C SER C 139 -1.09 -9.78 -30.44
N HIS C 140 -2.37 -10.13 -30.52
CA HIS C 140 -2.90 -11.07 -31.54
C HIS C 140 -4.42 -10.88 -31.66
N PRO C 141 -4.98 -10.95 -32.88
CA PRO C 141 -6.41 -10.78 -33.07
C PRO C 141 -7.24 -11.83 -32.29
N MET C 142 -6.62 -12.96 -31.91
CA MET C 142 -7.33 -14.07 -31.23
C MET C 142 -7.32 -13.83 -29.71
N VAL C 143 -6.75 -12.73 -29.24
CA VAL C 143 -7.00 -12.24 -27.85
C VAL C 143 -8.39 -11.58 -27.84
N LYS C 144 -9.37 -12.22 -27.21
CA LYS C 144 -10.79 -11.74 -27.25
C LYS C 144 -11.15 -11.18 -25.87
N ASP C 145 -11.39 -9.87 -25.78
CA ASP C 145 -11.70 -9.18 -24.51
C ASP C 145 -10.64 -9.59 -23.47
N ASN C 146 -9.36 -9.53 -23.87
CA ASN C 146 -8.19 -9.73 -22.98
C ASN C 146 -8.13 -11.19 -22.49
N MET C 147 -8.79 -12.13 -23.15
CA MET C 147 -8.77 -13.55 -22.71
C MET C 147 -8.32 -14.46 -23.86
N THR C 148 -7.64 -15.54 -23.51
CA THR C 148 -6.95 -16.45 -24.46
C THR C 148 -7.34 -17.88 -24.11
N VAL C 149 -6.48 -18.57 -23.35
CA VAL C 149 -6.66 -19.99 -22.93
C VAL C 149 -7.99 -20.14 -22.18
N SER C 150 -8.38 -19.15 -21.38
CA SER C 150 -9.55 -19.28 -20.46
C SER C 150 -10.72 -18.41 -20.94
N SER C 151 -10.71 -17.99 -22.21
CA SER C 151 -11.86 -17.32 -22.90
C SER C 151 -13.11 -18.19 -22.76
N PRO C 152 -14.30 -17.56 -22.62
CA PRO C 152 -15.56 -18.31 -22.69
C PRO C 152 -15.90 -18.78 -24.11
N ASP C 153 -15.19 -18.26 -25.12
CA ASP C 153 -15.37 -18.61 -26.55
C ASP C 153 -14.50 -19.82 -26.87
N PRO C 154 -15.11 -21.00 -27.17
CA PRO C 154 -14.35 -22.24 -27.36
C PRO C 154 -13.38 -22.21 -28.56
N LYS C 155 -13.69 -21.42 -29.59
CA LYS C 155 -12.81 -21.23 -30.76
C LYS C 155 -11.52 -20.55 -30.31
N VAL C 156 -11.66 -19.54 -29.44
CA VAL C 156 -10.51 -18.76 -28.89
C VAL C 156 -9.68 -19.70 -27.98
N ARG C 157 -10.34 -20.38 -27.06
CA ARG C 157 -9.72 -21.40 -26.16
C ARG C 157 -8.89 -22.37 -27.02
N ASP C 158 -9.50 -22.96 -28.05
CA ASP C 158 -8.88 -24.09 -28.79
C ASP C 158 -7.63 -23.58 -29.53
N PHE C 159 -7.69 -22.35 -30.06
CA PHE C 159 -6.54 -21.71 -30.76
C PHE C 159 -5.35 -21.63 -29.79
N TRP C 160 -5.59 -21.11 -28.59
CA TRP C 160 -4.53 -20.83 -27.60
C TRP C 160 -4.05 -22.13 -26.95
N ILE C 161 -4.92 -23.14 -26.82
CA ILE C 161 -4.51 -24.49 -26.34
C ILE C 161 -3.57 -25.10 -27.38
N ARG C 162 -3.83 -24.90 -28.67
CA ARG C 162 -2.92 -25.38 -29.76
C ARG C 162 -1.56 -24.68 -29.59
N HIS C 163 -1.55 -23.37 -29.35
CA HIS C 163 -0.28 -22.64 -29.14
C HIS C 163 0.44 -23.19 -27.90
N GLY C 164 -0.29 -23.43 -26.83
CA GLY C 164 0.26 -23.95 -25.55
C GLY C 164 0.92 -25.29 -25.76
N LYS C 165 0.25 -26.19 -26.49
CA LYS C 165 0.80 -27.54 -26.80
C LYS C 165 2.07 -27.39 -27.65
N ILE C 166 2.03 -26.49 -28.63
CA ILE C 166 3.17 -26.25 -29.57
C ILE C 166 4.35 -25.68 -28.77
N SER C 167 4.11 -24.82 -27.78
CA SER C 167 5.19 -24.25 -26.94
C SER C 167 5.96 -25.38 -26.24
N ARG C 168 5.28 -26.43 -25.80
CA ARG C 168 5.90 -27.61 -25.14
C ARG C 168 6.70 -28.41 -26.18
N GLU C 169 6.16 -28.57 -27.38
CA GLU C 169 6.81 -29.31 -28.48
C GLU C 169 8.11 -28.59 -28.87
N ILE C 170 8.05 -27.27 -29.00
CA ILE C 170 9.25 -26.44 -29.31
C ILE C 170 10.27 -26.59 -28.17
N SER C 171 9.82 -26.44 -26.92
CA SER C 171 10.71 -26.45 -25.72
C SER C 171 11.41 -27.80 -25.62
N ASN C 172 10.67 -28.89 -25.83
CA ASN C 172 11.23 -30.27 -25.79
C ASN C 172 12.35 -30.38 -26.83
N TYR C 173 12.10 -29.90 -28.05
CA TYR C 173 13.03 -29.98 -29.21
C TYR C 173 14.30 -29.18 -28.90
N ILE C 174 14.14 -27.94 -28.42
CA ILE C 174 15.29 -27.08 -28.04
C ILE C 174 16.09 -27.79 -26.94
N GLY C 175 15.42 -28.32 -25.92
CA GLY C 175 16.06 -29.02 -24.79
C GLY C 175 16.85 -30.22 -25.26
N GLU C 176 16.32 -30.99 -26.21
CA GLU C 176 17.02 -32.18 -26.77
C GLU C 176 18.26 -31.70 -27.53
N LYS C 177 18.13 -30.65 -28.35
CA LYS C 177 19.22 -30.15 -29.23
C LYS C 177 20.34 -29.55 -28.38
N LEU C 178 20.03 -28.88 -27.26
CA LEU C 178 21.03 -28.16 -26.44
C LEU C 178 21.54 -29.05 -25.29
N GLY C 179 20.84 -30.14 -24.97
CA GLY C 179 21.15 -30.98 -23.80
C GLY C 179 21.06 -30.18 -22.51
N SER C 180 20.15 -29.22 -22.45
CA SER C 180 19.85 -28.40 -21.26
C SER C 180 18.34 -28.20 -21.15
N GLN C 181 17.77 -28.46 -19.97
CA GLN C 181 16.31 -28.36 -19.74
C GLN C 181 15.86 -26.95 -20.11
N VAL C 182 14.85 -26.86 -20.97
CA VAL C 182 14.14 -25.59 -21.30
C VAL C 182 13.00 -25.40 -20.30
N VAL C 183 13.07 -24.35 -19.48
CA VAL C 183 11.90 -23.91 -18.66
C VAL C 183 10.96 -23.13 -19.58
N ASN C 184 9.76 -23.67 -19.75
CA ASN C 184 8.71 -23.14 -20.66
C ASN C 184 7.70 -22.37 -19.82
N ASN C 185 7.84 -21.04 -19.76
CA ASN C 185 7.06 -20.16 -18.87
C ASN C 185 5.75 -19.79 -19.56
N PHE C 186 4.63 -20.01 -18.86
CA PHE C 186 3.25 -19.65 -19.31
C PHE C 186 2.79 -18.40 -18.57
N TRP C 187 2.59 -17.31 -19.31
CA TRP C 187 1.89 -16.10 -18.81
C TRP C 187 0.72 -15.75 -19.74
N LEU C 188 -0.46 -15.59 -19.15
CA LEU C 188 -1.72 -15.21 -19.85
C LEU C 188 -2.16 -13.83 -19.35
N PRO C 189 -2.68 -12.98 -20.26
CA PRO C 189 -3.24 -11.68 -19.85
C PRO C 189 -4.62 -11.82 -19.20
N ASP C 190 -5.23 -13.01 -19.33
CA ASP C 190 -6.69 -13.24 -19.14
C ASP C 190 -7.19 -12.55 -17.88
N GLY C 191 -8.24 -11.73 -18.01
CA GLY C 191 -8.93 -11.14 -16.85
C GLY C 191 -9.93 -10.10 -17.28
N PHE C 192 -10.36 -9.25 -16.35
CA PHE C 192 -11.36 -8.20 -16.59
C PHE C 192 -10.79 -6.82 -16.25
N LYS C 193 -11.16 -5.84 -17.05
CA LYS C 193 -10.89 -4.41 -16.77
C LYS C 193 -11.67 -4.00 -15.50
N ASP C 194 -12.96 -4.35 -15.44
CA ASP C 194 -13.88 -3.88 -14.38
C ASP C 194 -14.35 -5.09 -13.56
N ASN C 195 -15.13 -4.84 -12.50
CA ASN C 195 -15.46 -5.85 -11.46
C ASN C 195 -16.28 -6.97 -12.08
N PRO C 196 -15.83 -8.25 -11.96
CA PRO C 196 -16.58 -9.38 -12.49
C PRO C 196 -17.70 -9.87 -11.57
N ILE C 197 -18.71 -10.52 -12.17
CA ILE C 197 -19.81 -11.22 -11.45
C ILE C 197 -19.34 -12.61 -11.06
N ASP C 198 -18.71 -13.32 -12.01
CA ASP C 198 -18.33 -14.75 -11.86
C ASP C 198 -16.81 -14.88 -11.85
N LYS C 199 -16.23 -15.09 -10.67
CA LYS C 199 -14.76 -15.26 -10.48
C LYS C 199 -14.40 -16.74 -10.59
N LYS C 200 -15.39 -17.61 -10.35
CA LYS C 200 -15.20 -19.08 -10.27
C LYS C 200 -14.98 -19.65 -11.67
N THR C 201 -15.91 -19.39 -12.60
CA THR C 201 -15.98 -20.10 -13.90
C THR C 201 -14.72 -19.82 -14.74
N PRO C 202 -14.18 -18.58 -14.81
CA PRO C 202 -12.95 -18.36 -15.58
C PRO C 202 -11.79 -19.23 -15.09
N ARG C 203 -11.70 -19.44 -13.77
CA ARG C 203 -10.58 -20.19 -13.15
C ARG C 203 -10.78 -21.69 -13.37
N LEU C 204 -12.03 -22.17 -13.46
CA LEU C 204 -12.32 -23.58 -13.83
C LEU C 204 -12.00 -23.80 -15.31
N ARG C 205 -12.30 -22.81 -16.17
CA ARG C 205 -11.95 -22.86 -17.62
C ARG C 205 -10.42 -22.92 -17.76
N LEU C 206 -9.70 -22.11 -16.99
CA LEU C 206 -8.21 -22.07 -17.02
C LEU C 206 -7.66 -23.43 -16.60
N LEU C 207 -8.16 -23.98 -15.48
CA LEU C 207 -7.69 -25.28 -14.93
C LEU C 207 -7.82 -26.35 -16.01
N LYS C 208 -8.98 -26.42 -16.67
CA LYS C 208 -9.28 -27.49 -17.65
C LYS C 208 -8.35 -27.34 -18.86
N ALA C 209 -8.14 -26.11 -19.33
CA ALA C 209 -7.34 -25.77 -20.53
C ALA C 209 -5.86 -26.04 -20.27
N LEU C 210 -5.35 -25.70 -19.09
CA LEU C 210 -3.94 -25.94 -18.72
C LEU C 210 -3.70 -27.45 -18.67
N ASP C 211 -4.62 -28.21 -18.07
CA ASP C 211 -4.52 -29.69 -17.99
C ASP C 211 -4.43 -30.26 -19.42
N GLU C 212 -5.20 -29.73 -20.36
CA GLU C 212 -5.18 -30.20 -21.77
C GLU C 212 -3.82 -29.85 -22.38
N ILE C 213 -3.28 -28.67 -22.08
CA ILE C 213 -1.98 -28.21 -22.66
C ILE C 213 -0.86 -29.16 -22.21
N ILE C 214 -0.85 -29.61 -20.94
CA ILE C 214 0.30 -30.38 -20.38
C ILE C 214 0.04 -31.89 -20.48
N LYS C 215 -1.01 -32.32 -21.18
CA LYS C 215 -1.47 -33.73 -21.18
C LYS C 215 -0.40 -34.65 -21.81
N ASP C 216 0.08 -34.32 -23.01
CA ASP C 216 1.00 -35.19 -23.79
C ASP C 216 2.31 -35.31 -23.02
N PRO C 217 2.78 -36.54 -22.70
CA PRO C 217 3.99 -36.69 -21.90
C PRO C 217 5.25 -36.25 -22.63
N LEU C 218 6.09 -35.45 -21.95
CA LEU C 218 7.43 -35.05 -22.43
C LEU C 218 8.41 -35.19 -21.27
N PRO C 219 9.68 -35.53 -21.54
CA PRO C 219 10.67 -35.70 -20.49
C PRO C 219 11.09 -34.38 -19.83
N GLU C 220 11.02 -34.34 -18.51
CA GLU C 220 11.50 -33.24 -17.65
C GLU C 220 12.93 -32.86 -18.05
N LYS C 221 13.73 -33.85 -18.48
CA LYS C 221 15.14 -33.66 -18.88
C LYS C 221 15.24 -32.57 -19.95
N ASN C 222 14.27 -32.52 -20.88
CA ASN C 222 14.29 -31.59 -22.05
C ASN C 222 13.53 -30.29 -21.69
N THR C 223 12.41 -30.40 -20.97
CA THR C 223 11.55 -29.22 -20.67
C THR C 223 10.66 -29.49 -19.45
N ILE C 224 10.40 -28.43 -18.69
CA ILE C 224 9.35 -28.42 -17.62
C ILE C 224 8.64 -27.07 -17.71
N GLU C 225 7.33 -27.06 -17.46
CA GLU C 225 6.50 -25.82 -17.56
C GLU C 225 6.59 -25.08 -16.24
N SER C 226 6.58 -23.75 -16.30
CA SER C 226 6.38 -22.85 -15.14
C SER C 226 5.17 -21.96 -15.41
N PHE C 227 4.45 -21.58 -14.36
CA PHE C 227 3.16 -20.84 -14.45
C PHE C 227 3.27 -19.52 -13.70
N GLU C 228 3.03 -18.41 -14.41
CA GLU C 228 3.26 -17.03 -13.93
C GLU C 228 1.92 -16.33 -13.71
N GLY C 229 1.64 -15.97 -12.47
CA GLY C 229 0.45 -15.16 -12.10
C GLY C 229 0.78 -13.69 -12.16
N LYS C 230 -0.26 -12.87 -12.01
CA LYS C 230 -0.16 -11.39 -12.02
C LYS C 230 -1.30 -10.88 -11.14
N LEU C 231 -1.10 -9.76 -10.46
CA LEU C 231 -2.19 -9.15 -9.66
C LEU C 231 -3.07 -8.33 -10.59
N PHE C 232 -2.47 -7.49 -11.45
CA PHE C 232 -3.20 -6.60 -12.37
C PHE C 232 -2.29 -6.18 -13.52
N GLY C 233 -2.91 -5.86 -14.65
CA GLY C 233 -2.24 -5.27 -15.82
C GLY C 233 -3.03 -4.09 -16.36
N THR C 234 -2.40 -3.26 -17.18
CA THR C 234 -3.06 -2.13 -17.88
C THR C 234 -4.27 -2.65 -18.65
N GLY C 235 -5.44 -2.04 -18.43
CA GLY C 235 -6.69 -2.35 -19.16
C GLY C 235 -7.31 -3.65 -18.67
N ILE C 236 -6.66 -4.31 -17.70
CA ILE C 236 -7.14 -5.59 -17.08
C ILE C 236 -6.97 -5.49 -15.56
N GLU C 237 -7.43 -4.39 -14.96
CA GLU C 237 -7.00 -3.99 -13.60
C GLU C 237 -7.76 -4.77 -12.51
N SER C 238 -9.02 -5.14 -12.73
CA SER C 238 -9.97 -5.50 -11.66
C SER C 238 -9.87 -6.99 -11.30
N TYR C 239 -9.55 -7.84 -12.26
CA TYR C 239 -9.52 -9.31 -12.04
C TYR C 239 -8.52 -9.94 -13.00
N THR C 240 -7.66 -10.81 -12.45
CA THR C 240 -6.70 -11.63 -13.22
C THR C 240 -7.08 -13.10 -13.02
N THR C 241 -7.47 -13.78 -14.10
CA THR C 241 -7.91 -15.19 -14.05
C THR C 241 -6.80 -16.02 -13.39
N GLY C 242 -5.58 -15.92 -13.92
CA GLY C 242 -4.39 -16.61 -13.40
C GLY C 242 -3.76 -15.84 -12.25
N SER C 243 -4.30 -16.01 -11.04
CA SER C 243 -3.80 -15.35 -9.81
C SER C 243 -2.58 -16.09 -9.28
N HIS C 244 -1.81 -15.46 -8.41
CA HIS C 244 -0.64 -16.09 -7.72
C HIS C 244 -1.12 -17.33 -6.97
N GLU C 245 -2.24 -17.24 -6.25
CA GLU C 245 -2.80 -18.36 -5.45
C GLU C 245 -3.14 -19.51 -6.41
N PHE C 246 -3.84 -19.19 -7.51
CA PHE C 246 -4.28 -20.21 -8.50
C PHE C 246 -3.05 -20.99 -8.98
N TYR C 247 -1.98 -20.28 -9.36
CA TYR C 247 -0.80 -20.89 -10.02
C TYR C 247 0.08 -21.58 -8.98
N GLN C 248 0.22 -21.06 -7.75
CA GLN C 248 0.98 -21.79 -6.71
C GLN C 248 0.28 -23.14 -6.46
N ASN C 249 -1.06 -23.11 -6.35
CA ASN C 249 -1.90 -24.32 -6.15
C ASN C 249 -1.73 -25.26 -7.35
N TYR C 250 -1.76 -24.70 -8.56
CA TYR C 250 -1.67 -25.48 -9.83
C TYR C 250 -0.28 -26.12 -9.92
N ALA C 251 0.78 -25.36 -9.71
CA ALA C 251 2.17 -25.87 -9.79
C ALA C 251 2.35 -27.03 -8.80
N ILE C 252 1.92 -26.86 -7.55
CA ILE C 252 2.10 -27.89 -6.49
C ILE C 252 1.28 -29.14 -6.88
N SER C 253 0.04 -28.93 -7.35
CA SER C 253 -0.93 -30.00 -7.69
C SER C 253 -0.43 -30.82 -8.88
N ARG C 254 0.09 -30.16 -9.93
CA ARG C 254 0.44 -30.80 -11.23
C ARG C 254 1.95 -31.07 -11.31
N ASN C 255 2.69 -30.75 -10.25
CA ASN C 255 4.15 -31.00 -10.14
C ASN C 255 4.88 -30.24 -11.25
N LYS C 256 4.60 -28.94 -11.35
CA LYS C 256 5.26 -28.02 -12.31
C LYS C 256 5.92 -26.90 -11.50
N LEU C 257 6.62 -26.01 -12.19
CA LEU C 257 7.31 -24.85 -11.56
C LEU C 257 6.30 -23.72 -11.39
N TRP C 258 6.51 -22.90 -10.36
CA TRP C 258 5.75 -21.65 -10.11
C TRP C 258 6.64 -20.46 -10.44
N THR C 259 6.13 -19.50 -11.22
CA THR C 259 6.87 -18.27 -11.61
C THR C 259 6.47 -17.11 -10.71
N ILE C 260 7.46 -16.55 -10.01
CA ILE C 260 7.33 -15.33 -9.17
C ILE C 260 8.03 -14.18 -9.90
N ASP C 261 7.26 -13.20 -10.37
CA ASP C 261 7.79 -11.96 -10.98
C ASP C 261 7.68 -10.85 -9.93
N ALA C 262 8.83 -10.26 -9.56
CA ALA C 262 8.98 -9.33 -8.42
C ALA C 262 8.09 -8.09 -8.63
N GLY C 263 7.60 -7.88 -9.85
CA GLY C 263 6.85 -6.66 -10.22
C GLY C 263 5.35 -6.88 -10.16
N HIS C 264 4.88 -8.09 -9.86
CA HIS C 264 3.49 -8.53 -10.14
C HIS C 264 2.67 -8.70 -8.86
N PHE C 265 3.08 -8.10 -7.74
CA PHE C 265 2.45 -8.33 -6.41
C PHE C 265 1.91 -7.01 -5.85
N HIS C 266 1.38 -7.06 -4.62
CA HIS C 266 0.71 -5.90 -3.96
C HIS C 266 1.76 -4.87 -3.58
N PRO C 267 1.34 -3.60 -3.41
CA PRO C 267 2.19 -2.63 -2.73
C PRO C 267 2.70 -3.20 -1.39
N THR C 268 4.01 -3.09 -1.16
CA THR C 268 4.74 -3.47 0.07
C THR C 268 4.94 -5.00 0.15
N GLU C 269 4.43 -5.76 -0.81
CA GLU C 269 4.54 -7.25 -0.78
C GLU C 269 6.00 -7.64 -1.04
N ASP C 270 6.55 -8.51 -0.20
CA ASP C 270 7.96 -8.97 -0.26
C ASP C 270 7.98 -10.39 -0.83
N VAL C 271 8.25 -10.54 -2.12
CA VAL C 271 8.14 -11.85 -2.82
C VAL C 271 9.18 -12.81 -2.24
N SER C 272 10.21 -12.31 -1.54
CA SER C 272 11.26 -13.16 -0.92
C SER C 272 10.66 -13.98 0.23
N ASP C 273 9.49 -13.58 0.74
CA ASP C 273 8.77 -14.29 1.82
C ASP C 273 8.21 -15.62 1.28
N LYS C 274 7.95 -15.71 -0.04
CA LYS C 274 7.17 -16.84 -0.62
C LYS C 274 7.98 -18.14 -0.66
N PHE C 275 9.30 -18.05 -0.88
CA PHE C 275 10.14 -19.22 -1.24
C PHE C 275 9.97 -20.31 -0.19
N SER C 276 10.11 -19.95 1.09
CA SER C 276 10.17 -20.88 2.24
C SER C 276 8.76 -21.39 2.60
N ALA C 277 7.71 -20.79 2.03
CA ALA C 277 6.30 -21.23 2.19
C ALA C 277 5.92 -22.17 1.03
N PHE C 278 6.70 -22.16 -0.05
CA PHE C 278 6.48 -22.98 -1.27
C PHE C 278 7.22 -24.32 -1.11
N PHE C 279 8.49 -24.27 -0.71
CA PHE C 279 9.44 -25.41 -0.85
C PHE C 279 9.16 -26.52 0.16
N PRO C 280 8.30 -26.36 1.20
CA PRO C 280 7.85 -27.53 1.94
C PRO C 280 6.86 -28.38 1.14
N PHE C 281 6.42 -27.89 -0.03
CA PHE C 281 5.30 -28.47 -0.80
C PHE C 281 5.69 -28.73 -2.25
N GLY C 282 6.40 -27.80 -2.88
CA GLY C 282 6.49 -27.69 -4.34
C GLY C 282 7.82 -28.18 -4.89
N LYS C 283 7.97 -28.11 -6.22
CA LYS C 283 9.11 -28.72 -6.96
C LYS C 283 10.21 -27.67 -7.20
N GLY C 284 9.86 -26.52 -7.77
CA GLY C 284 10.85 -25.51 -8.15
C GLY C 284 10.21 -24.19 -8.51
N LEU C 285 11.04 -23.16 -8.67
CA LEU C 285 10.60 -21.78 -8.93
C LEU C 285 11.29 -21.27 -10.21
N PHE C 286 10.60 -20.41 -10.95
CA PHE C 286 11.19 -19.49 -11.95
C PHE C 286 11.05 -18.08 -11.40
N MET C 287 12.16 -17.52 -10.91
CA MET C 287 12.17 -16.19 -10.25
C MET C 287 12.52 -15.13 -11.29
N HIS C 288 11.54 -14.32 -11.68
CA HIS C 288 11.65 -13.19 -12.63
C HIS C 288 11.95 -11.91 -11.84
N VAL C 289 13.20 -11.46 -11.83
CA VAL C 289 13.58 -10.19 -11.16
C VAL C 289 13.20 -9.04 -12.10
N SER C 290 12.48 -8.07 -11.55
CA SER C 290 11.88 -6.93 -12.28
C SER C 290 11.61 -5.84 -11.25
N ARG C 291 11.81 -4.58 -11.61
CA ARG C 291 11.57 -3.46 -10.67
C ARG C 291 10.23 -2.82 -10.99
N PRO C 292 9.22 -2.98 -10.11
CA PRO C 292 7.99 -2.19 -10.21
C PRO C 292 8.20 -0.81 -9.58
N VAL C 293 7.79 0.25 -10.28
CA VAL C 293 7.73 1.60 -9.68
C VAL C 293 6.25 2.00 -9.60
N ARG C 294 5.62 1.58 -8.49
CA ARG C 294 4.24 1.92 -8.06
C ARG C 294 3.19 1.17 -8.89
N TRP C 295 3.64 0.45 -9.92
CA TRP C 295 2.80 -0.51 -10.68
C TRP C 295 3.72 -1.48 -11.41
N ASP C 296 3.17 -2.38 -12.22
CA ASP C 296 4.01 -3.34 -12.98
C ASP C 296 4.67 -2.61 -14.16
N SER C 297 5.65 -1.75 -13.87
CA SER C 297 6.28 -0.78 -14.80
C SER C 297 7.44 -1.42 -15.58
N ASP C 298 7.92 -2.58 -15.12
CA ASP C 298 9.00 -3.34 -15.82
C ASP C 298 10.26 -2.46 -15.96
N HIS C 299 10.64 -1.76 -14.89
CA HIS C 299 11.92 -1.01 -14.83
C HIS C 299 13.09 -2.00 -14.76
N VAL C 300 14.25 -1.56 -15.24
CA VAL C 300 15.53 -2.30 -15.12
C VAL C 300 15.80 -2.61 -13.64
N VAL C 301 16.16 -3.85 -13.36
CA VAL C 301 16.55 -4.33 -12.01
C VAL C 301 17.76 -3.53 -11.53
N ILE C 302 17.68 -3.01 -10.31
CA ILE C 302 18.78 -2.27 -9.63
C ILE C 302 18.96 -2.88 -8.24
N MET C 303 20.09 -2.57 -7.60
CA MET C 303 20.38 -3.07 -6.24
C MET C 303 19.56 -2.25 -5.24
N ASP C 304 18.37 -2.75 -4.90
CA ASP C 304 17.42 -2.13 -3.95
C ASP C 304 16.97 -3.20 -2.94
N ASP C 305 16.15 -2.80 -1.97
CA ASP C 305 15.65 -3.68 -0.87
C ASP C 305 15.12 -4.98 -1.49
N ALA C 306 14.26 -4.89 -2.51
CA ALA C 306 13.57 -6.06 -3.09
C ALA C 306 14.61 -7.04 -3.64
N LEU C 307 15.57 -6.56 -4.45
CA LEU C 307 16.58 -7.44 -5.07
C LEU C 307 17.47 -8.04 -3.98
N ILE C 308 17.90 -7.23 -3.01
CA ILE C 308 18.76 -7.67 -1.88
C ILE C 308 18.01 -8.79 -1.11
N ARG C 309 16.71 -8.62 -0.89
CA ARG C 309 15.91 -9.59 -0.08
C ARG C 309 15.69 -10.87 -0.90
N ILE C 310 15.38 -10.74 -2.18
CA ILE C 310 15.18 -11.90 -3.09
C ILE C 310 16.46 -12.74 -3.07
N THR C 311 17.60 -12.10 -3.32
CA THR C 311 18.90 -12.80 -3.52
C THR C 311 19.36 -13.41 -2.20
N ARG C 312 19.25 -12.70 -1.07
CA ARG C 312 19.76 -13.22 0.22
C ARG C 312 18.83 -14.33 0.72
N SER C 313 17.53 -14.25 0.43
CA SER C 313 16.54 -15.28 0.84
C SER C 313 16.83 -16.59 0.10
N LEU C 314 17.23 -16.50 -1.16
CA LEU C 314 17.59 -17.71 -1.97
C LEU C 314 18.90 -18.32 -1.46
N VAL C 315 19.94 -17.52 -1.20
CA VAL C 315 21.25 -18.13 -0.81
C VAL C 315 21.21 -18.54 0.66
N ARG C 316 20.62 -17.75 1.54
CA ARG C 316 20.60 -18.09 3.00
C ARG C 316 19.90 -19.44 3.21
N ASP C 317 18.82 -19.69 2.47
CA ASP C 317 17.93 -20.86 2.70
C ASP C 317 18.23 -21.98 1.69
N GLY C 318 19.26 -21.80 0.85
CA GLY C 318 19.82 -22.88 0.00
C GLY C 318 18.87 -23.32 -1.09
N TYR C 319 18.19 -22.37 -1.75
CA TYR C 319 17.11 -22.67 -2.74
C TYR C 319 17.61 -22.49 -4.17
N LEU C 320 18.87 -22.10 -4.39
CA LEU C 320 19.36 -21.75 -5.75
C LEU C 320 19.31 -22.97 -6.66
N ASP C 321 19.51 -24.18 -6.11
CA ASP C 321 19.56 -25.43 -6.91
C ASP C 321 18.16 -25.77 -7.45
N ARG C 322 17.11 -25.14 -6.91
CA ARG C 322 15.70 -25.41 -7.31
C ARG C 322 15.02 -24.14 -7.81
N THR C 323 15.79 -23.06 -7.98
CA THR C 323 15.28 -21.73 -8.43
C THR C 323 16.05 -21.29 -9.68
N HIS C 324 15.33 -21.16 -10.80
CA HIS C 324 15.83 -20.53 -12.05
C HIS C 324 15.61 -19.03 -11.92
N ILE C 325 16.67 -18.23 -12.08
CA ILE C 325 16.55 -16.75 -12.04
C ILE C 325 16.54 -16.20 -13.46
N GLY C 326 15.45 -15.54 -13.84
CA GLY C 326 15.30 -14.84 -15.12
C GLY C 326 15.15 -13.34 -14.91
N LEU C 327 15.55 -12.56 -15.91
CA LEU C 327 15.31 -11.10 -15.96
C LEU C 327 13.97 -10.84 -16.68
N ASP C 328 13.22 -9.84 -16.25
CA ASP C 328 12.06 -9.32 -17.02
C ASP C 328 11.98 -7.80 -16.79
N PHE C 329 12.25 -7.04 -17.86
CA PHE C 329 12.07 -5.57 -17.87
C PHE C 329 12.08 -5.08 -19.33
N PHE C 330 11.41 -3.94 -19.60
CA PHE C 330 11.53 -3.09 -20.82
C PHE C 330 12.04 -1.74 -20.39
N ASP C 331 13.10 -1.29 -21.01
CA ASP C 331 13.44 0.15 -20.92
C ASP C 331 14.03 0.56 -22.25
N ALA C 332 13.23 1.29 -23.05
CA ALA C 332 13.62 1.79 -24.38
C ALA C 332 14.05 3.26 -24.28
N THR C 333 14.10 3.81 -23.07
CA THR C 333 14.51 5.22 -22.82
C THR C 333 16.03 5.29 -22.69
N ILE C 334 16.69 4.15 -22.58
CA ILE C 334 18.17 4.05 -22.40
C ILE C 334 18.72 3.06 -23.43
N ASN C 335 20.03 3.01 -23.58
CA ASN C 335 20.71 1.99 -24.41
C ASN C 335 20.19 0.60 -23.99
N ARG C 336 19.53 -0.11 -24.91
CA ARG C 336 18.78 -1.34 -24.58
C ARG C 336 19.76 -2.44 -24.15
N VAL C 337 20.97 -2.42 -24.72
CA VAL C 337 22.03 -3.41 -24.38
C VAL C 337 22.54 -3.10 -22.97
N ALA C 338 22.77 -1.83 -22.65
CA ALA C 338 23.17 -1.38 -21.30
C ALA C 338 22.14 -1.87 -20.26
N ALA C 339 20.85 -1.83 -20.59
CA ALA C 339 19.76 -2.17 -19.66
C ALA C 339 19.95 -3.61 -19.16
N TRP C 340 20.26 -4.55 -20.08
CA TRP C 340 20.53 -5.97 -19.73
C TRP C 340 21.66 -6.02 -18.70
N VAL C 341 22.76 -5.31 -18.97
CA VAL C 341 24.02 -5.43 -18.20
C VAL C 341 23.79 -4.84 -16.81
N VAL C 342 23.12 -3.68 -16.71
CA VAL C 342 22.80 -3.08 -15.39
C VAL C 342 22.03 -4.12 -14.56
N GLY C 343 20.93 -4.64 -15.11
CA GLY C 343 20.05 -5.61 -14.42
C GLY C 343 20.81 -6.86 -14.00
N ALA C 344 21.59 -7.44 -14.90
CA ALA C 344 22.33 -8.70 -14.65
C ALA C 344 23.36 -8.46 -13.54
N ARG C 345 24.15 -7.39 -13.64
CA ARG C 345 25.23 -7.05 -12.68
C ARG C 345 24.61 -6.76 -11.30
N ALA C 346 23.49 -6.01 -11.26
CA ALA C 346 22.76 -5.73 -9.99
C ALA C 346 22.41 -7.05 -9.30
N THR C 347 21.84 -8.00 -10.05
CA THR C 347 21.41 -9.32 -9.53
C THR C 347 22.64 -10.09 -9.01
N GLN C 348 23.73 -10.11 -9.78
CA GLN C 348 24.95 -10.88 -9.44
C GLN C 348 25.61 -10.32 -8.17
N LYS C 349 25.79 -8.99 -8.08
CA LYS C 349 26.51 -8.39 -6.92
C LYS C 349 25.63 -8.54 -5.66
N SER C 350 24.31 -8.60 -5.82
CA SER C 350 23.35 -8.81 -4.70
C SER C 350 23.44 -10.27 -4.22
N LEU C 351 23.44 -11.24 -5.14
CA LEU C 351 23.73 -12.66 -4.81
C LEU C 351 25.07 -12.73 -4.09
N LEU C 352 26.11 -12.09 -4.63
CA LEU C 352 27.49 -12.20 -4.09
C LEU C 352 27.54 -11.63 -2.67
N GLN C 353 26.91 -10.47 -2.42
CA GLN C 353 26.87 -9.88 -1.07
C GLN C 353 26.24 -10.88 -0.08
N ALA C 354 25.12 -11.50 -0.45
CA ALA C 354 24.43 -12.50 0.40
C ALA C 354 25.39 -13.68 0.68
N MET C 355 26.16 -14.10 -0.31
CA MET C 355 27.09 -15.25 -0.21
C MET C 355 28.30 -14.87 0.67
N LEU C 356 28.53 -13.58 0.92
CA LEU C 356 29.73 -13.10 1.65
C LEU C 356 29.40 -12.90 3.13
N ALA C 357 28.28 -13.44 3.60
CA ALA C 357 27.84 -13.35 5.01
C ALA C 357 28.27 -14.62 5.75
N PRO C 358 28.60 -14.51 7.05
CA PRO C 358 28.87 -15.68 7.89
C PRO C 358 27.55 -16.38 8.28
N ILE C 359 26.93 -17.04 7.32
CA ILE C 359 25.50 -17.46 7.38
C ILE C 359 25.31 -18.50 8.48
N ASP C 360 26.23 -19.46 8.62
CA ASP C 360 26.12 -20.52 9.66
C ASP C 360 26.14 -19.86 11.04
N GLN C 361 27.03 -18.90 11.30
CA GLN C 361 27.15 -18.30 12.66
C GLN C 361 25.92 -17.41 12.91
N LEU C 362 25.47 -16.68 11.90
CA LEU C 362 24.28 -15.79 12.01
C LEU C 362 23.04 -16.64 12.32
N LYS C 363 22.91 -17.80 11.67
CA LYS C 363 21.79 -18.75 11.90
C LYS C 363 21.84 -19.24 13.35
N LYS C 364 23.03 -19.55 13.84
CA LYS C 364 23.28 -20.01 15.24
C LYS C 364 22.83 -18.92 16.22
N ASP C 365 23.31 -17.69 16.01
CA ASP C 365 22.98 -16.52 16.87
C ASP C 365 21.45 -16.33 16.90
N GLU C 366 20.79 -16.47 15.75
CA GLU C 366 19.33 -16.26 15.62
C GLU C 366 18.58 -17.40 16.33
N LEU C 367 19.06 -18.64 16.21
CA LEU C 367 18.45 -19.82 16.86
C LEU C 367 18.51 -19.63 18.39
N ASN C 368 19.56 -18.96 18.86
CA ASN C 368 19.84 -18.71 20.30
C ASN C 368 19.27 -17.35 20.71
N ALA C 369 18.46 -16.73 19.83
CA ALA C 369 17.66 -15.52 20.12
C ALA C 369 18.56 -14.31 20.39
N ASP C 370 19.78 -14.30 19.83
CA ASP C 370 20.69 -13.12 19.93
C ASP C 370 20.36 -12.15 18.80
N PHE C 371 19.26 -11.42 18.92
CA PHE C 371 18.73 -10.50 17.88
C PHE C 371 19.57 -9.22 17.86
N THR C 372 20.23 -8.87 18.96
CA THR C 372 21.19 -7.74 19.02
C THR C 372 22.34 -8.01 18.04
N THR C 373 23.02 -9.15 18.16
CA THR C 373 24.17 -9.49 17.29
C THR C 373 23.71 -9.56 15.83
N ARG C 374 22.54 -10.14 15.57
CA ARG C 374 22.03 -10.30 14.19
C ARG C 374 21.87 -8.92 13.56
N LEU C 375 21.26 -7.98 14.27
CA LEU C 375 21.03 -6.61 13.73
C LEU C 375 22.38 -5.92 13.49
N ILE C 376 23.27 -5.93 14.49
CA ILE C 376 24.58 -5.24 14.38
C ILE C 376 25.33 -5.80 13.17
N GLU C 377 25.47 -7.13 13.07
CA GLU C 377 26.32 -7.78 12.05
C GLU C 377 25.73 -7.54 10.65
N THR C 378 24.43 -7.76 10.47
CA THR C 378 23.78 -7.63 9.13
C THR C 378 23.96 -6.18 8.64
N GLU C 379 23.97 -5.20 9.56
CA GLU C 379 24.14 -3.78 9.18
C GLU C 379 25.62 -3.52 8.85
N GLU C 380 26.55 -4.04 9.64
CA GLU C 380 28.00 -3.86 9.39
C GLU C 380 28.35 -4.46 8.03
N LEU C 381 27.78 -5.63 7.70
CA LEU C 381 28.12 -6.35 6.44
C LEU C 381 27.77 -5.48 5.22
N LYS C 382 26.82 -4.55 5.35
CA LYS C 382 26.37 -3.73 4.20
C LYS C 382 27.50 -2.77 3.78
N SER C 383 28.46 -2.51 4.67
CA SER C 383 29.62 -1.62 4.39
C SER C 383 30.94 -2.37 4.51
N PHE C 384 30.91 -3.71 4.48
CA PHE C 384 32.10 -4.56 4.23
C PHE C 384 32.49 -4.44 2.76
N PRO C 385 33.74 -4.79 2.40
CA PRO C 385 34.25 -4.57 1.03
C PRO C 385 33.77 -5.60 0.01
N PHE C 386 32.45 -5.76 -0.16
CA PHE C 386 31.86 -6.72 -1.12
C PHE C 386 32.21 -6.28 -2.55
N GLY C 387 32.37 -4.98 -2.76
CA GLY C 387 32.71 -4.39 -4.06
C GLY C 387 34.04 -4.92 -4.60
N ALA C 388 35.02 -5.10 -3.73
CA ALA C 388 36.38 -5.59 -4.09
C ALA C 388 36.27 -7.04 -4.59
N VAL C 389 35.33 -7.80 -4.03
CA VAL C 389 35.10 -9.23 -4.43
C VAL C 389 34.38 -9.24 -5.77
N TRP C 390 33.38 -8.37 -5.92
CA TRP C 390 32.61 -8.22 -7.20
C TRP C 390 33.56 -7.80 -8.33
N ASP C 391 34.43 -6.81 -8.08
CA ASP C 391 35.42 -6.34 -9.08
C ASP C 391 36.31 -7.52 -9.51
N LYS C 392 36.78 -8.31 -8.55
CA LYS C 392 37.64 -9.49 -8.80
C LYS C 392 36.87 -10.48 -9.68
N PHE C 393 35.60 -10.74 -9.36
CA PHE C 393 34.73 -11.68 -10.12
C PHE C 393 34.63 -11.20 -11.57
N CYS C 394 34.39 -9.90 -11.76
CA CYS C 394 34.27 -9.27 -13.11
C CYS C 394 35.56 -9.50 -13.89
N GLN C 395 36.71 -9.19 -13.29
CA GLN C 395 38.03 -9.22 -13.96
C GLN C 395 38.41 -10.67 -14.28
N ASP C 396 38.19 -11.60 -13.33
CA ASP C 396 38.53 -13.03 -13.46
C ASP C 396 37.75 -13.63 -14.64
N HIS C 397 36.58 -13.06 -14.96
CA HIS C 397 35.66 -13.58 -16.00
C HIS C 397 35.71 -12.67 -17.24
N ASN C 398 36.81 -11.92 -17.39
CA ASN C 398 37.15 -11.13 -18.61
C ASN C 398 36.00 -10.17 -18.95
N THR C 399 35.51 -9.42 -17.94
CA THR C 399 34.54 -8.31 -18.13
C THR C 399 35.10 -7.06 -17.46
N PRO C 400 34.74 -5.86 -17.97
CA PRO C 400 35.23 -4.61 -17.41
C PRO C 400 34.77 -4.40 -15.98
N VAL C 401 35.56 -3.67 -15.19
CA VAL C 401 35.32 -3.39 -13.75
C VAL C 401 34.66 -2.02 -13.61
N GLY C 402 33.60 -1.95 -12.81
CA GLY C 402 32.95 -0.69 -12.40
C GLY C 402 32.47 0.13 -13.60
N PHE C 403 32.86 1.40 -13.66
CA PHE C 403 32.42 2.37 -14.70
C PHE C 403 32.91 1.94 -16.08
N ASP C 404 33.94 1.08 -16.12
CA ASP C 404 34.77 0.86 -17.33
C ASP C 404 33.91 0.34 -18.49
N TRP C 405 32.82 -0.40 -18.21
CA TRP C 405 32.04 -1.07 -19.28
C TRP C 405 31.17 -0.06 -20.04
N MET C 406 31.10 1.19 -19.57
CA MET C 406 30.47 2.29 -20.34
C MET C 406 31.28 2.55 -21.61
N ASN C 407 32.60 2.36 -21.54
CA ASN C 407 33.50 2.50 -22.73
C ASN C 407 33.04 1.52 -23.80
N ASN C 408 32.72 0.29 -23.39
CA ASN C 408 32.27 -0.79 -24.30
C ASN C 408 30.95 -0.39 -24.95
N ILE C 409 30.01 0.13 -24.15
CA ILE C 409 28.66 0.57 -24.64
C ILE C 409 28.85 1.70 -25.66
N HIS C 410 29.66 2.72 -25.33
CA HIS C 410 29.93 3.88 -26.23
C HIS C 410 30.48 3.36 -27.56
N GLN C 411 31.42 2.41 -27.52
CA GLN C 411 32.08 1.85 -28.71
C GLN C 411 31.05 1.08 -29.54
N TYR C 412 30.16 0.33 -28.87
CA TYR C 412 29.09 -0.45 -29.54
C TYR C 412 28.07 0.50 -30.18
N GLU C 413 27.77 1.60 -29.49
CA GLU C 413 26.91 2.69 -30.04
C GLU C 413 27.53 3.20 -31.35
N LYS C 414 28.79 3.62 -31.31
CA LYS C 414 29.53 4.18 -32.47
C LYS C 414 29.51 3.17 -33.62
N ASP C 415 29.87 1.92 -33.34
CA ASP C 415 30.26 0.91 -34.36
C ASP C 415 29.00 0.23 -34.93
N VAL C 416 27.94 0.09 -34.12
CA VAL C 416 26.78 -0.78 -34.45
C VAL C 416 25.46 0.01 -34.31
N GLN C 417 25.06 0.34 -33.08
CA GLN C 417 23.67 0.77 -32.77
C GLN C 417 23.34 2.07 -33.52
N PHE C 418 24.26 3.03 -33.55
CA PHE C 418 23.99 4.42 -34.05
C PHE C 418 24.02 4.43 -35.59
N LYS C 419 24.46 3.34 -36.22
CA LYS C 419 24.57 3.25 -37.70
C LYS C 419 23.30 2.58 -38.29
N ARG C 420 22.45 2.03 -37.43
CA ARG C 420 21.19 1.33 -37.86
C ARG C 420 20.21 2.37 -38.39
N MET D 1 40.11 -7.89 15.85
CA MET D 1 40.14 -6.40 15.86
C MET D 1 40.84 -5.90 14.59
N VAL D 2 40.29 -4.87 13.93
CA VAL D 2 40.90 -4.31 12.68
C VAL D 2 42.21 -3.61 13.09
N LYS D 3 43.21 -3.63 12.20
CA LYS D 3 44.51 -2.94 12.40
C LYS D 3 44.40 -1.52 11.85
N PRO D 4 44.66 -0.47 12.66
CA PRO D 4 44.57 0.91 12.18
C PRO D 4 45.32 1.16 10.86
N GLU D 5 46.49 0.54 10.66
CA GLU D 5 47.31 0.73 9.43
C GLU D 5 46.61 0.07 8.24
N GLU D 6 45.84 -1.01 8.49
CA GLU D 6 45.00 -1.68 7.46
C GLU D 6 43.91 -0.72 7.00
N VAL D 7 43.22 -0.09 7.96
CA VAL D 7 42.14 0.91 7.70
C VAL D 7 42.72 2.08 6.88
N ASP D 8 43.89 2.57 7.27
CA ASP D 8 44.56 3.72 6.61
C ASP D 8 44.91 3.33 5.18
N LYS D 9 45.43 2.12 4.97
CA LYS D 9 45.84 1.68 3.62
C LYS D 9 44.61 1.58 2.72
N ALA D 10 43.54 0.97 3.21
CA ALA D 10 42.29 0.72 2.45
C ALA D 10 41.67 2.07 2.08
N TYR D 11 41.82 3.07 2.95
CA TYR D 11 41.31 4.44 2.71
C TYR D 11 42.06 5.08 1.53
N GLU D 12 43.40 5.02 1.55
CA GLU D 12 44.25 5.61 0.46
C GLU D 12 43.82 5.00 -0.89
N VAL D 13 43.54 3.69 -0.92
CA VAL D 13 43.12 2.98 -2.17
C VAL D 13 41.75 3.52 -2.59
N ALA D 14 40.79 3.61 -1.68
CA ALA D 14 39.41 4.08 -1.95
C ALA D 14 39.47 5.54 -2.41
N LYS D 15 40.33 6.34 -1.77
CA LYS D 15 40.53 7.77 -2.12
C LYS D 15 40.92 7.89 -3.60
N GLN D 16 41.82 7.01 -4.07
CA GLN D 16 42.31 6.99 -5.47
C GLN D 16 41.18 6.54 -6.41
N ARG D 17 40.44 5.51 -6.01
CA ARG D 17 39.31 4.93 -6.79
C ARG D 17 38.29 6.05 -7.06
N TYR D 18 37.92 6.79 -6.01
CA TYR D 18 36.91 7.88 -6.08
C TYR D 18 37.50 9.08 -6.83
N ALA D 19 38.78 9.39 -6.63
CA ALA D 19 39.46 10.53 -7.30
C ALA D 19 39.34 10.36 -8.82
N GLU D 20 39.37 9.11 -9.30
CA GLU D 20 39.42 8.79 -10.75
C GLU D 20 38.05 9.07 -11.38
N ILE D 21 36.98 9.19 -10.57
CA ILE D 21 35.62 9.55 -11.06
C ILE D 21 35.22 10.93 -10.54
N GLY D 22 36.19 11.72 -10.07
CA GLY D 22 36.00 13.15 -9.73
C GLY D 22 35.39 13.35 -8.36
N VAL D 23 35.59 12.39 -7.45
CA VAL D 23 35.06 12.44 -6.05
C VAL D 23 36.22 12.58 -5.07
N ASP D 24 36.12 13.54 -4.15
CA ASP D 24 37.14 13.87 -3.13
C ASP D 24 36.70 13.26 -1.80
N THR D 25 37.31 12.14 -1.39
CA THR D 25 36.91 11.39 -0.18
C THR D 25 37.24 12.22 1.08
N ASP D 26 38.31 13.01 1.05
CA ASP D 26 38.71 13.87 2.20
C ASP D 26 37.57 14.86 2.45
N ALA D 27 37.08 15.51 1.40
CA ALA D 27 36.01 16.53 1.47
C ALA D 27 34.70 15.87 1.91
N ALA D 28 34.44 14.63 1.49
CA ALA D 28 33.21 13.90 1.85
C ALA D 28 33.18 13.70 3.37
N MET D 29 34.32 13.31 3.97
CA MET D 29 34.41 13.05 5.43
C MET D 29 34.24 14.38 6.19
N LYS D 30 34.74 15.50 5.65
CA LYS D 30 34.57 16.84 6.28
C LYS D 30 33.08 17.22 6.25
N GLU D 31 32.38 16.91 5.16
CA GLU D 31 30.93 17.20 5.01
C GLU D 31 30.14 16.39 6.06
N LEU D 32 30.51 15.11 6.26
CA LEU D 32 29.78 14.24 7.21
C LEU D 32 29.95 14.78 8.64
N GLU D 33 31.13 15.33 8.98
CA GLU D 33 31.41 15.88 10.33
C GLU D 33 30.36 16.93 10.68
N LYS D 34 29.83 17.61 9.67
CA LYS D 34 29.00 18.83 9.84
C LYS D 34 27.53 18.46 9.97
N VAL D 35 27.20 17.17 10.04
CA VAL D 35 25.80 16.69 10.19
C VAL D 35 25.63 16.02 11.56
N PRO D 36 25.18 16.78 12.59
CA PRO D 36 24.86 16.19 13.88
C PRO D 36 23.52 15.46 13.83
N LEU D 37 23.44 14.28 14.42
CA LEU D 37 22.17 13.53 14.61
C LEU D 37 21.66 13.79 16.03
N SER D 38 20.37 14.09 16.17
CA SER D 38 19.72 14.33 17.48
C SER D 38 19.23 12.98 18.03
N VAL D 39 20.03 12.41 18.92
CA VAL D 39 19.79 11.07 19.52
C VAL D 39 18.73 11.19 20.61
N HIS D 40 17.63 10.44 20.47
CA HIS D 40 16.42 10.52 21.34
C HIS D 40 16.69 9.79 22.66
N CYS D 41 16.51 10.47 23.79
CA CYS D 41 16.84 9.93 25.14
C CYS D 41 15.93 8.73 25.46
N TRP D 42 14.71 8.70 24.91
CA TRP D 42 13.60 7.83 25.44
C TRP D 42 13.79 6.37 25.01
N GLN D 43 14.69 6.09 24.06
CA GLN D 43 15.04 4.69 23.69
C GLN D 43 15.71 4.00 24.89
N GLY D 44 16.34 4.78 25.79
CA GLY D 44 17.16 4.24 26.90
C GLY D 44 16.32 3.66 28.02
N ASP D 45 15.07 4.11 28.18
CA ASP D 45 14.20 3.76 29.33
C ASP D 45 12.76 3.55 28.86
N ASP D 46 12.55 3.18 27.60
CA ASP D 46 11.24 2.79 27.05
C ASP D 46 10.23 3.93 27.32
N ILE D 47 10.69 5.16 27.18
CA ILE D 47 9.92 6.43 27.33
C ILE D 47 9.16 6.44 28.66
N HIS D 48 9.76 5.89 29.73
CA HIS D 48 9.23 5.97 31.11
C HIS D 48 9.34 7.41 31.63
N GLY D 49 10.48 8.07 31.39
CA GLY D 49 10.79 9.39 31.99
C GLY D 49 10.91 9.29 33.50
N PHE D 50 10.91 10.44 34.19
CA PHE D 50 11.18 10.52 35.66
C PHE D 50 10.02 11.18 36.39
N LEU D 51 9.03 11.71 35.66
CA LEU D 51 7.96 12.56 36.25
C LEU D 51 6.84 11.69 36.84
N PHE D 52 6.40 10.65 36.13
CA PHE D 52 5.30 9.75 36.61
C PHE D 52 5.72 8.28 36.49
N PRO D 53 5.96 7.58 37.61
CA PRO D 53 6.30 6.16 37.59
C PRO D 53 5.21 5.26 36.99
N SER D 64 7.50 -2.96 22.51
CA SER D 64 7.86 -4.39 22.61
C SER D 64 9.34 -4.52 22.94
N GLY D 65 9.67 -5.38 23.92
CA GLY D 65 11.07 -5.61 24.34
C GLY D 65 11.18 -5.91 25.81
N ASN D 66 12.27 -6.59 26.17
CA ASN D 66 12.44 -7.37 27.42
C ASN D 66 13.91 -7.36 27.84
N TYR D 67 14.79 -6.77 27.03
CA TYR D 67 16.26 -6.90 27.18
C TYR D 67 16.67 -6.35 28.55
N PRO D 68 17.64 -6.99 29.23
CA PRO D 68 18.12 -6.48 30.52
C PRO D 68 18.75 -5.09 30.40
N GLY D 69 18.74 -4.33 31.49
CA GLY D 69 19.60 -3.15 31.71
C GLY D 69 18.90 -1.83 31.40
N ILE D 70 17.56 -1.80 31.38
CA ILE D 70 16.78 -0.55 31.16
C ILE D 70 17.27 0.51 32.16
N ALA D 71 17.43 1.76 31.70
CA ALA D 71 17.75 2.92 32.57
C ALA D 71 16.52 3.27 33.42
N ARG D 72 16.74 3.64 34.69
CA ARG D 72 15.65 3.85 35.69
C ARG D 72 15.81 5.23 36.33
N THR D 73 16.97 5.87 36.14
CA THR D 73 17.35 7.14 36.80
C THR D 73 18.03 8.07 35.78
N PRO D 74 18.10 9.38 36.07
CA PRO D 74 18.85 10.30 35.22
C PRO D 74 20.30 9.85 35.01
N ASP D 75 21.01 9.49 36.08
CA ASP D 75 22.45 9.11 36.03
C ASP D 75 22.60 7.88 35.12
N GLU D 76 21.69 6.90 35.22
CA GLU D 76 21.73 5.65 34.41
C GLU D 76 21.49 5.99 32.93
N LEU D 77 20.49 6.82 32.64
CA LEU D 77 20.16 7.23 31.25
C LEU D 77 21.34 8.04 30.67
N ALA D 78 21.86 9.00 31.44
CA ALA D 78 23.02 9.84 31.05
C ALA D 78 24.21 8.92 30.72
N GLY D 79 24.48 7.93 31.56
CA GLY D 79 25.58 6.97 31.35
C GLY D 79 25.38 6.17 30.08
N ASP D 80 24.15 5.70 29.83
CA ASP D 80 23.79 4.89 28.64
C ASP D 80 23.99 5.74 27.37
N MET D 81 23.56 7.00 27.37
CA MET D 81 23.71 7.90 26.21
C MET D 81 25.19 8.22 25.98
N HIS D 82 25.95 8.46 27.05
CA HIS D 82 27.43 8.64 26.97
C HIS D 82 28.05 7.43 26.27
N GLU D 83 27.67 6.21 26.69
CA GLU D 83 28.23 4.95 26.12
C GLU D 83 27.92 4.90 24.62
N ALA D 84 26.65 5.14 24.23
CA ALA D 84 26.23 5.10 22.81
C ALA D 84 27.02 6.15 22.02
N LEU D 85 27.11 7.38 22.54
CA LEU D 85 27.77 8.49 21.81
C LEU D 85 29.26 8.19 21.63
N SER D 86 29.86 7.43 22.56
CA SER D 86 31.30 7.08 22.53
C SER D 86 31.57 6.11 21.37
N LEU D 87 30.52 5.49 20.81
CA LEU D 87 30.63 4.51 19.69
C LEU D 87 30.07 5.10 18.40
N ILE D 88 29.60 6.36 18.44
CA ILE D 88 29.07 7.07 17.24
C ILE D 88 30.06 8.17 16.88
N PRO D 89 30.74 8.05 15.72
CA PRO D 89 31.83 8.98 15.38
C PRO D 89 31.31 10.40 15.13
N GLY D 90 32.03 11.39 15.63
CA GLY D 90 31.76 12.82 15.38
C GLY D 90 30.97 13.45 16.51
N LYS D 91 30.38 14.61 16.23
CA LYS D 91 29.71 15.48 17.23
C LYS D 91 28.21 15.51 16.93
N HIS D 92 27.40 15.27 17.95
CA HIS D 92 25.95 15.00 17.79
C HIS D 92 25.15 15.80 18.81
N ARG D 93 23.85 15.53 18.86
CA ARG D 93 22.89 16.21 19.75
C ARG D 93 22.06 15.15 20.46
N VAL D 94 21.36 15.56 21.51
CA VAL D 94 20.40 14.69 22.26
C VAL D 94 19.05 15.40 22.31
N GLN D 95 17.98 14.66 22.00
CA GLN D 95 16.57 15.11 22.18
C GLN D 95 16.09 14.70 23.56
N LEU D 96 15.49 15.63 24.31
CA LEU D 96 14.77 15.32 25.58
C LEU D 96 13.27 15.32 25.32
N HIS D 97 12.53 14.62 26.19
CA HIS D 97 11.07 14.78 26.37
C HIS D 97 10.83 15.51 27.69
N ALA D 98 9.73 16.26 27.81
CA ALA D 98 9.39 17.04 29.01
C ALA D 98 9.40 16.13 30.25
N ILE D 99 9.05 14.84 30.10
CA ILE D 99 8.88 13.92 31.26
C ILE D 99 10.26 13.52 31.81
N TYR D 100 11.36 13.96 31.17
CA TYR D 100 12.74 13.68 31.62
C TYR D 100 13.28 14.85 32.46
N ALA D 101 12.38 15.72 32.93
CA ALA D 101 12.64 16.72 33.98
C ALA D 101 13.32 16.03 35.17
N VAL D 102 14.30 16.70 35.78
CA VAL D 102 15.05 16.20 36.97
C VAL D 102 14.87 17.20 38.11
N THR D 103 13.99 16.89 39.06
CA THR D 103 13.66 17.77 40.22
C THR D 103 13.11 16.93 41.36
N ASP D 104 13.35 17.35 42.60
CA ASP D 104 12.73 16.79 43.84
C ASP D 104 11.34 17.40 44.03
N LYS D 105 11.10 18.56 43.42
CA LYS D 105 9.83 19.31 43.55
C LYS D 105 8.73 18.53 42.83
N LYS D 106 7.55 18.43 43.44
CA LYS D 106 6.38 17.73 42.83
C LYS D 106 5.90 18.56 41.64
N ARG D 107 5.95 17.98 40.45
CA ARG D 107 5.68 18.68 39.17
C ARG D 107 4.55 17.95 38.44
N ASP D 108 3.76 18.70 37.68
CA ASP D 108 2.91 18.17 36.59
C ASP D 108 3.35 18.85 35.30
N LEU D 109 2.82 18.43 34.16
CA LEU D 109 3.27 18.89 32.82
C LEU D 109 2.98 20.39 32.68
N ASP D 110 2.05 20.92 33.48
CA ASP D 110 1.65 22.35 33.42
C ASP D 110 2.31 23.15 34.56
N THR D 111 3.29 22.58 35.26
CA THR D 111 4.01 23.29 36.37
C THR D 111 5.52 23.06 36.27
N LEU D 112 6.01 22.43 35.19
CA LEU D 112 7.47 22.30 34.93
C LEU D 112 8.09 23.69 34.85
N GLU D 113 9.35 23.81 35.29
CA GLU D 113 10.14 25.07 35.25
C GLU D 113 11.43 24.80 34.50
N PRO D 114 11.96 25.80 33.76
CA PRO D 114 13.20 25.62 33.00
C PRO D 114 14.32 25.00 33.84
N GLU D 115 14.44 25.38 35.12
CA GLU D 115 15.53 24.92 36.02
C GLU D 115 15.46 23.40 36.19
N ASP D 116 14.28 22.80 35.95
CA ASP D 116 14.04 21.33 36.06
C ASP D 116 14.89 20.59 35.02
N PHE D 117 15.57 21.32 34.13
CA PHE D 117 16.39 20.74 33.04
C PHE D 117 17.85 21.16 33.19
N ASP D 118 18.20 21.80 34.32
CA ASP D 118 19.61 22.16 34.65
C ASP D 118 20.47 20.91 34.60
N TYR D 119 19.97 19.78 35.10
CA TYR D 119 20.68 18.48 35.09
C TYR D 119 21.20 18.19 33.68
N TRP D 120 20.31 18.32 32.69
CA TRP D 120 20.59 17.93 31.28
C TRP D 120 21.45 19.01 30.60
N ILE D 121 21.28 20.27 30.99
CA ILE D 121 22.14 21.38 30.49
C ILE D 121 23.58 21.10 30.94
N ASP D 122 23.77 20.78 32.22
CA ASP D 122 25.11 20.48 32.81
C ASP D 122 25.70 19.26 32.08
N TRP D 123 24.89 18.21 31.88
CA TRP D 123 25.33 16.96 31.23
C TRP D 123 25.74 17.25 29.77
N ALA D 124 24.92 18.01 29.04
CA ALA D 124 25.16 18.33 27.60
C ALA D 124 26.47 19.11 27.47
N LYS D 125 26.70 20.08 28.34
CA LYS D 125 27.92 20.93 28.34
C LYS D 125 29.17 20.05 28.48
N GLN D 126 29.16 19.12 29.42
CA GLN D 126 30.26 18.16 29.71
C GLN D 126 30.46 17.23 28.50
N GLU D 127 29.36 16.74 27.95
CA GLU D 127 29.34 15.71 26.88
C GLU D 127 29.72 16.37 25.55
N GLY D 128 29.55 17.69 25.45
CA GLY D 128 29.80 18.45 24.21
C GLY D 128 28.74 18.19 23.16
N VAL D 129 27.46 18.16 23.58
CA VAL D 129 26.31 18.00 22.65
C VAL D 129 25.32 19.15 22.86
N GLY D 130 24.64 19.53 21.78
CA GLY D 130 23.44 20.37 21.81
C GLY D 130 22.22 19.57 22.23
N LEU D 131 21.13 20.27 22.56
CA LEU D 131 19.87 19.65 23.03
C LEU D 131 18.71 20.12 22.16
N ASP D 132 17.86 19.18 21.76
CA ASP D 132 16.53 19.46 21.16
C ASP D 132 15.48 19.01 22.18
N PHE D 133 14.23 19.44 22.01
CA PHE D 133 13.18 19.27 23.05
C PHE D 133 11.89 18.76 22.40
N ASN D 134 11.13 18.00 23.19
CA ASN D 134 9.78 17.50 22.86
C ASN D 134 8.87 17.71 24.06
N GLY D 135 7.79 18.49 23.89
CA GLY D 135 6.67 18.49 24.83
C GLY D 135 6.06 17.10 24.91
N THR D 136 5.56 16.70 26.07
CA THR D 136 4.99 15.34 26.28
C THR D 136 3.46 15.45 26.33
N PHE D 137 2.78 15.15 25.22
CA PHE D 137 1.32 15.29 25.08
C PHE D 137 0.65 13.91 25.07
N PHE D 138 1.12 13.00 25.92
CA PHE D 138 0.60 11.60 26.00
C PHE D 138 0.89 11.01 27.39
N SER D 139 0.33 9.82 27.64
CA SER D 139 0.52 9.02 28.88
C SER D 139 0.22 9.89 30.10
N HIS D 140 -1.00 10.41 30.20
CA HIS D 140 -1.43 11.37 31.24
C HIS D 140 -2.94 11.33 31.39
N PRO D 141 -3.46 11.46 32.64
CA PRO D 141 -4.90 11.46 32.87
C PRO D 141 -5.65 12.55 32.09
N MET D 142 -4.97 13.63 31.70
CA MET D 142 -5.58 14.79 30.99
C MET D 142 -5.62 14.52 29.48
N VAL D 143 -5.15 13.37 29.02
CA VAL D 143 -5.46 12.88 27.64
C VAL D 143 -6.89 12.35 27.65
N LYS D 144 -7.83 13.08 27.06
CA LYS D 144 -9.27 12.74 27.08
C LYS D 144 -9.69 12.21 25.70
N ASP D 145 -10.08 10.94 25.64
CA ASP D 145 -10.48 10.28 24.37
C ASP D 145 -9.42 10.58 23.30
N ASN D 146 -8.14 10.39 23.65
CA ASN D 146 -6.98 10.47 22.73
C ASN D 146 -6.75 11.92 22.26
N MET D 147 -7.28 12.91 22.96
CA MET D 147 -7.16 14.33 22.52
C MET D 147 -6.60 15.19 23.65
N THR D 148 -5.85 16.24 23.29
CA THR D 148 -5.08 17.09 24.23
C THR D 148 -5.31 18.56 23.85
N VAL D 149 -4.38 19.15 23.09
CA VAL D 149 -4.42 20.57 22.67
C VAL D 149 -5.74 20.84 21.92
N SER D 150 -6.23 19.88 21.14
CA SER D 150 -7.40 20.07 20.24
C SER D 150 -8.64 19.33 20.77
N SER D 151 -8.65 18.96 22.06
CA SER D 151 -9.84 18.40 22.75
C SER D 151 -11.02 19.38 22.64
N PRO D 152 -12.26 18.88 22.51
CA PRO D 152 -13.43 19.75 22.59
C PRO D 152 -13.72 20.24 24.02
N ASP D 153 -13.05 19.63 25.02
CA ASP D 153 -13.15 20.03 26.44
C ASP D 153 -12.19 21.18 26.71
N PRO D 154 -12.70 22.40 27.03
CA PRO D 154 -11.85 23.56 27.17
C PRO D 154 -10.87 23.46 28.35
N LYS D 155 -11.23 22.71 29.39
CA LYS D 155 -10.36 22.46 30.58
C LYS D 155 -9.15 21.63 30.15
N VAL D 156 -9.37 20.68 29.23
CA VAL D 156 -8.29 19.79 28.71
C VAL D 156 -7.40 20.62 27.78
N ARG D 157 -8.01 21.33 26.82
CA ARG D 157 -7.32 22.27 25.91
C ARG D 157 -6.39 23.18 26.74
N ASP D 158 -6.93 23.82 27.77
CA ASP D 158 -6.22 24.88 28.55
C ASP D 158 -4.99 24.27 29.24
N PHE D 159 -5.14 23.08 29.82
CA PHE D 159 -4.04 22.33 30.50
C PHE D 159 -2.89 22.11 29.52
N TRP D 160 -3.20 21.65 28.31
CA TRP D 160 -2.17 21.25 27.30
C TRP D 160 -1.58 22.50 26.63
N ILE D 161 -2.34 23.58 26.52
CA ILE D 161 -1.81 24.89 26.06
C ILE D 161 -0.78 25.38 27.10
N ARG D 162 -1.07 25.23 28.38
CA ARG D 162 -0.13 25.57 29.48
C ARG D 162 1.15 24.75 29.31
N HIS D 163 1.04 23.44 29.03
CA HIS D 163 2.22 22.57 28.80
C HIS D 163 2.97 23.07 27.56
N GLY D 164 2.26 23.39 26.48
CA GLY D 164 2.85 23.88 25.22
C GLY D 164 3.68 25.13 25.44
N LYS D 165 3.13 26.10 26.17
CA LYS D 165 3.82 27.38 26.47
C LYS D 165 5.06 27.09 27.32
N ILE D 166 4.95 26.16 28.27
CA ILE D 166 6.07 25.79 29.19
C ILE D 166 7.18 25.12 28.37
N SER D 167 6.83 24.31 27.37
CA SER D 167 7.83 23.62 26.49
C SER D 167 8.68 24.69 25.79
N ARG D 168 8.08 25.80 25.37
CA ARG D 168 8.80 26.90 24.68
C ARG D 168 9.72 27.62 25.68
N GLU D 169 9.22 27.87 26.89
CA GLU D 169 9.99 28.56 27.96
C GLU D 169 11.21 27.72 28.32
N ILE D 170 11.02 26.40 28.47
CA ILE D 170 12.12 25.44 28.78
C ILE D 170 13.13 25.46 27.63
N SER D 171 12.65 25.34 26.40
CA SER D 171 13.48 25.29 25.16
C SER D 171 14.30 26.58 25.04
N ASN D 172 13.67 27.73 25.26
CA ASN D 172 14.34 29.05 25.21
C ASN D 172 15.50 29.09 26.23
N TYR D 173 15.23 28.69 27.47
CA TYR D 173 16.20 28.65 28.60
C TYR D 173 17.39 27.75 28.22
N ILE D 174 17.10 26.53 27.75
CA ILE D 174 18.17 25.56 27.36
C ILE D 174 19.03 26.18 26.26
N GLY D 175 18.39 26.72 25.21
CA GLY D 175 19.09 27.31 24.06
C GLY D 175 20.00 28.45 24.48
N GLU D 176 19.53 29.27 25.41
CA GLU D 176 20.31 30.42 25.94
C GLU D 176 21.53 29.89 26.68
N LYS D 177 21.36 28.87 27.53
CA LYS D 177 22.43 28.31 28.39
C LYS D 177 23.48 27.63 27.52
N LEU D 178 23.06 26.91 26.47
CA LEU D 178 23.96 26.07 25.64
C LEU D 178 24.59 26.91 24.53
N GLY D 179 23.98 28.04 24.18
CA GLY D 179 24.35 28.85 23.01
C GLY D 179 24.17 28.07 21.72
N SER D 180 23.18 27.19 21.69
CA SER D 180 22.77 26.41 20.49
C SER D 180 21.24 26.35 20.42
N GLN D 181 20.67 26.75 19.29
CA GLN D 181 19.19 26.80 19.11
C GLN D 181 18.60 25.42 19.44
N VAL D 182 17.57 25.41 20.29
CA VAL D 182 16.80 24.20 20.66
C VAL D 182 15.62 24.06 19.69
N VAL D 183 15.59 23.02 18.87
CA VAL D 183 14.37 22.70 18.08
C VAL D 183 13.37 22.04 19.04
N ASN D 184 12.22 22.67 19.23
CA ASN D 184 11.16 22.24 20.17
C ASN D 184 10.05 21.57 19.35
N ASN D 185 10.04 20.25 19.30
CA ASN D 185 9.15 19.46 18.41
C ASN D 185 7.81 19.22 19.12
N PHE D 186 6.71 19.51 18.43
CA PHE D 186 5.33 19.29 18.89
C PHE D 186 4.75 18.07 18.16
N TRP D 187 4.44 17.02 18.91
CA TRP D 187 3.63 15.87 18.44
C TRP D 187 2.44 15.64 19.37
N LEU D 188 1.25 15.57 18.80
CA LEU D 188 -0.02 15.31 19.53
C LEU D 188 -0.60 13.99 19.05
N PRO D 189 -1.18 13.17 19.96
CA PRO D 189 -1.86 11.94 19.55
C PRO D 189 -3.24 12.20 18.93
N ASP D 190 -3.73 13.44 19.07
CA ASP D 190 -5.14 13.84 18.87
C ASP D 190 -5.71 13.16 17.61
N GLY D 191 -6.85 12.50 17.76
CA GLY D 191 -7.61 11.94 16.64
C GLY D 191 -8.70 11.00 17.12
N PHE D 192 -9.22 10.17 16.21
CA PHE D 192 -10.33 9.21 16.48
C PHE D 192 -9.88 7.80 16.14
N LYS D 193 -10.34 6.84 16.96
CA LYS D 193 -10.19 5.40 16.65
C LYS D 193 -11.02 5.06 15.40
N ASP D 194 -12.28 5.50 15.36
CA ASP D 194 -13.23 5.12 14.28
C ASP D 194 -13.63 6.38 13.49
N ASN D 195 -14.46 6.19 12.45
CA ASN D 195 -14.70 7.22 11.40
C ASN D 195 -15.39 8.43 12.01
N PRO D 196 -14.83 9.65 11.87
CA PRO D 196 -15.44 10.84 12.43
C PRO D 196 -16.53 11.43 11.53
N ILE D 197 -17.46 12.17 12.15
CA ILE D 197 -18.50 12.97 11.45
C ILE D 197 -17.89 14.31 11.06
N ASP D 198 -17.16 14.94 11.98
CA ASP D 198 -16.66 16.33 11.83
C ASP D 198 -15.13 16.32 11.81
N LYS D 199 -14.56 16.49 10.62
CA LYS D 199 -13.09 16.55 10.39
C LYS D 199 -12.60 18.00 10.48
N LYS D 200 -13.51 18.96 10.29
CA LYS D 200 -13.16 20.40 10.16
C LYS D 200 -12.87 20.97 11.56
N THR D 201 -13.77 20.76 12.52
CA THR D 201 -13.77 21.51 13.80
C THR D 201 -12.54 21.12 14.62
N PRO D 202 -12.13 19.82 14.69
CA PRO D 202 -10.93 19.47 15.43
C PRO D 202 -9.68 20.22 14.92
N ARG D 203 -9.59 20.43 13.60
CA ARG D 203 -8.40 21.08 12.98
C ARG D 203 -8.50 22.59 13.18
N LEU D 204 -9.71 23.14 13.31
CA LEU D 204 -9.85 24.57 13.70
C LEU D 204 -9.50 24.76 15.18
N ARG D 205 -9.88 23.82 16.05
CA ARG D 205 -9.50 23.87 17.48
C ARG D 205 -7.98 23.78 17.58
N LEU D 206 -7.37 22.88 16.80
CA LEU D 206 -5.89 22.71 16.80
C LEU D 206 -5.24 24.03 16.36
N LEU D 207 -5.68 24.61 15.25
CA LEU D 207 -5.11 25.86 14.69
C LEU D 207 -5.10 26.94 15.78
N LYS D 208 -6.23 27.13 16.45
CA LYS D 208 -6.42 28.23 17.44
C LYS D 208 -5.49 27.99 18.64
N ALA D 209 -5.41 26.74 19.10
CA ALA D 209 -4.63 26.34 20.29
C ALA D 209 -3.14 26.52 19.99
N LEU D 210 -2.68 26.08 18.81
CA LEU D 210 -1.25 26.22 18.39
C LEU D 210 -0.89 27.70 18.35
N ASP D 211 -1.73 28.54 17.77
CA ASP D 211 -1.49 30.00 17.64
C ASP D 211 -1.32 30.59 19.03
N GLU D 212 -2.10 30.13 20.01
CA GLU D 212 -2.06 30.61 21.41
C GLU D 212 -0.72 30.17 22.03
N ILE D 213 -0.28 28.96 21.74
CA ILE D 213 0.99 28.40 22.31
C ILE D 213 2.18 29.24 21.82
N ILE D 214 2.21 29.61 20.53
CA ILE D 214 3.41 30.27 19.93
C ILE D 214 3.30 31.79 20.01
N LYS D 215 2.22 32.32 20.60
CA LYS D 215 1.89 33.76 20.50
C LYS D 215 3.03 34.62 21.07
N ASP D 216 3.42 34.38 22.32
CA ASP D 216 4.43 35.23 23.02
C ASP D 216 5.79 34.97 22.39
N PRO D 217 6.44 36.00 21.81
CA PRO D 217 7.68 35.80 21.07
C PRO D 217 8.87 35.41 21.98
N LEU D 218 9.72 34.51 21.48
CA LEU D 218 11.02 34.14 22.11
C LEU D 218 12.12 34.20 21.05
N PRO D 219 13.36 34.52 21.44
CA PRO D 219 14.45 34.72 20.47
C PRO D 219 14.71 33.45 19.64
N GLU D 220 14.72 33.63 18.31
CA GLU D 220 14.97 32.53 17.34
C GLU D 220 16.35 31.91 17.60
N LYS D 221 17.31 32.68 18.11
CA LYS D 221 18.69 32.17 18.35
C LYS D 221 18.64 31.08 19.43
N ASN D 222 17.65 31.13 20.32
CA ASN D 222 17.53 30.21 21.49
C ASN D 222 16.69 28.99 21.10
N THR D 223 15.56 29.19 20.42
CA THR D 223 14.61 28.09 20.12
C THR D 223 13.74 28.43 18.90
N ILE D 224 13.34 27.39 18.17
CA ILE D 224 12.20 27.45 17.21
C ILE D 224 11.40 26.16 17.33
N GLU D 225 10.10 26.24 17.06
CA GLU D 225 9.15 25.11 17.15
C GLU D 225 9.09 24.38 15.81
N SER D 226 8.98 23.06 15.85
CA SER D 226 8.66 22.20 14.68
C SER D 226 7.39 21.42 14.99
N PHE D 227 6.64 21.07 13.95
CA PHE D 227 5.29 20.47 14.07
C PHE D 227 5.26 19.14 13.31
N GLU D 228 4.93 18.09 14.05
CA GLU D 228 5.04 16.69 13.56
C GLU D 228 3.65 16.10 13.35
N GLY D 229 3.33 15.75 12.11
CA GLY D 229 2.07 15.08 11.73
C GLY D 229 2.25 13.58 11.75
N LYS D 230 1.13 12.87 11.63
CA LYS D 230 1.10 11.38 11.64
C LYS D 230 -0.10 10.94 10.80
N LEU D 231 -0.01 9.80 10.13
CA LEU D 231 -1.16 9.26 9.36
C LEU D 231 -2.12 8.56 10.32
N PHE D 232 -1.59 7.68 11.18
CA PHE D 232 -2.40 6.84 12.10
C PHE D 232 -1.53 6.29 13.22
N GLY D 233 -2.13 6.07 14.39
CA GLY D 233 -1.52 5.38 15.52
C GLY D 233 -2.44 4.33 16.09
N THR D 234 -1.90 3.41 16.89
CA THR D 234 -2.67 2.32 17.53
C THR D 234 -3.73 2.95 18.43
N GLY D 235 -4.98 2.51 18.29
CA GLY D 235 -6.13 3.00 19.07
C GLY D 235 -6.65 4.32 18.54
N ILE D 236 -6.00 4.89 17.52
CA ILE D 236 -6.37 6.20 16.90
C ILE D 236 -6.21 6.08 15.39
N GLU D 237 -6.76 5.03 14.78
CA GLU D 237 -6.38 4.60 13.40
C GLU D 237 -7.08 5.43 12.32
N SER D 238 -8.30 5.92 12.57
CA SER D 238 -9.25 6.36 11.50
C SER D 238 -9.04 7.84 11.15
N TYR D 239 -8.56 8.65 12.08
CA TYR D 239 -8.43 10.12 11.89
C TYR D 239 -7.35 10.68 12.81
N THR D 240 -6.44 11.47 12.25
CA THR D 240 -5.39 12.18 12.99
C THR D 240 -5.61 13.68 12.81
N THR D 241 -5.92 14.39 13.90
CA THR D 241 -6.24 15.83 13.84
C THR D 241 -5.08 16.57 13.17
N GLY D 242 -3.87 16.43 13.72
CA GLY D 242 -2.63 16.99 13.14
C GLY D 242 -2.12 16.14 11.98
N SER D 243 -2.66 16.34 10.78
CA SER D 243 -2.22 15.63 9.55
C SER D 243 -0.93 16.25 9.01
N HIS D 244 -0.26 15.55 8.09
CA HIS D 244 0.97 16.06 7.42
C HIS D 244 0.63 17.34 6.65
N GLU D 245 -0.50 17.35 5.96
CA GLU D 245 -0.97 18.52 5.16
C GLU D 245 -1.23 19.69 6.11
N PHE D 246 -1.92 19.43 7.22
CA PHE D 246 -2.24 20.48 8.21
C PHE D 246 -0.94 21.15 8.67
N TYR D 247 0.06 20.36 9.04
CA TYR D 247 1.30 20.86 9.70
C TYR D 247 2.24 21.48 8.66
N GLN D 248 2.31 20.96 7.43
CA GLN D 248 3.13 21.63 6.38
C GLN D 248 2.53 23.01 6.14
N ASN D 249 1.20 23.10 6.04
CA ASN D 249 0.48 24.38 5.84
C ASN D 249 0.76 25.30 7.03
N TYR D 250 0.68 24.75 8.25
CA TYR D 250 0.84 25.53 9.50
C TYR D 250 2.27 26.08 9.58
N ALA D 251 3.27 25.23 9.35
CA ALA D 251 4.70 25.60 9.44
C ALA D 251 4.98 26.74 8.45
N ILE D 252 4.52 26.59 7.20
CA ILE D 252 4.80 27.60 6.14
C ILE D 252 4.13 28.92 6.53
N SER D 253 2.86 28.89 6.97
CA SER D 253 2.08 30.12 7.24
C SER D 253 2.58 30.81 8.53
N ARG D 254 3.00 30.04 9.54
CA ARG D 254 3.38 30.62 10.86
C ARG D 254 4.91 30.72 10.98
N ASN D 255 5.65 30.44 9.91
CA ASN D 255 7.13 30.59 9.84
C ASN D 255 7.79 29.72 10.90
N LYS D 256 7.41 28.44 10.95
CA LYS D 256 7.97 27.45 11.90
C LYS D 256 8.51 26.26 11.09
N LEU D 257 9.13 25.30 11.75
CA LEU D 257 9.70 24.11 11.07
C LEU D 257 8.60 23.06 10.91
N TRP D 258 8.79 22.16 9.94
CA TRP D 258 7.88 21.02 9.69
C TRP D 258 8.66 19.72 9.99
N THR D 259 8.07 18.83 10.78
CA THR D 259 8.70 17.56 11.17
C THR D 259 8.20 16.44 10.28
N ILE D 260 9.13 15.76 9.60
CA ILE D 260 8.86 14.57 8.75
C ILE D 260 9.43 13.34 9.46
N ASP D 261 8.55 12.47 9.98
CA ASP D 261 8.97 11.17 10.57
C ASP D 261 8.75 10.07 9.53
N ALA D 262 9.83 9.39 9.14
CA ALA D 262 9.89 8.46 7.99
C ALA D 262 8.93 7.28 8.22
N GLY D 263 8.43 7.10 9.44
CA GLY D 263 7.55 5.97 9.80
C GLY D 263 6.07 6.32 9.77
N HIS D 264 5.71 7.57 9.44
CA HIS D 264 4.36 8.11 9.77
C HIS D 264 3.54 8.36 8.51
N PHE D 265 3.88 7.75 7.38
CA PHE D 265 3.26 8.03 6.07
C PHE D 265 2.59 6.77 5.50
N HIS D 266 2.06 6.86 4.28
CA HIS D 266 1.29 5.78 3.61
C HIS D 266 2.23 4.65 3.22
N PRO D 267 1.68 3.43 3.01
CA PRO D 267 2.43 2.37 2.34
C PRO D 267 2.99 2.88 1.00
N THR D 268 4.29 2.70 0.79
CA THR D 268 5.05 3.01 -0.45
C THR D 268 5.39 4.51 -0.53
N GLU D 269 4.97 5.31 0.45
CA GLU D 269 5.21 6.78 0.40
C GLU D 269 6.70 7.04 0.66
N ASP D 270 7.32 7.84 -0.21
CA ASP D 270 8.76 8.17 -0.17
C ASP D 270 8.91 9.59 0.40
N VAL D 271 9.24 9.71 1.69
CA VAL D 271 9.26 11.03 2.37
C VAL D 271 10.37 11.90 1.79
N SER D 272 11.35 11.31 1.09
CA SER D 272 12.47 12.05 0.46
C SER D 272 11.94 12.91 -0.71
N ASP D 273 10.72 12.63 -1.17
CA ASP D 273 10.03 13.41 -2.24
C ASP D 273 9.64 14.79 -1.69
N LYS D 274 9.40 14.90 -0.38
CA LYS D 274 8.73 16.09 0.21
C LYS D 274 9.67 17.31 0.24
N PHE D 275 10.97 17.11 0.46
CA PHE D 275 11.91 18.20 0.80
C PHE D 275 11.84 19.31 -0.26
N SER D 276 11.91 18.92 -1.54
CA SER D 276 12.05 19.83 -2.71
C SER D 276 10.70 20.48 -3.04
N ALA D 277 9.59 20.00 -2.47
CA ALA D 277 8.24 20.59 -2.62
C ALA D 277 7.98 21.56 -1.46
N PHE D 278 8.75 21.43 -0.38
CA PHE D 278 8.60 22.27 0.84
C PHE D 278 9.48 23.52 0.73
N PHE D 279 10.75 23.35 0.35
CA PHE D 279 11.79 24.39 0.51
C PHE D 279 11.61 25.57 -0.44
N PRO D 280 10.77 25.51 -1.51
CA PRO D 280 10.44 26.75 -2.23
C PRO D 280 9.55 27.68 -1.42
N PHE D 281 8.96 27.19 -0.31
CA PHE D 281 7.90 27.90 0.45
C PHE D 281 8.28 28.06 1.92
N GLY D 282 9.00 27.12 2.52
CA GLY D 282 9.14 26.97 3.99
C GLY D 282 10.55 27.24 4.50
N LYS D 283 10.72 27.24 5.83
CA LYS D 283 11.90 27.76 6.55
C LYS D 283 12.91 26.63 6.76
N GLY D 284 12.45 25.48 7.27
CA GLY D 284 13.34 24.40 7.70
C GLY D 284 12.57 23.14 8.05
N LEU D 285 13.29 22.03 8.17
CA LEU D 285 12.71 20.69 8.44
C LEU D 285 13.39 20.11 9.68
N PHE D 286 12.63 19.32 10.45
CA PHE D 286 13.15 18.33 11.41
C PHE D 286 12.85 16.94 10.83
N MET D 287 13.86 16.26 10.33
CA MET D 287 13.73 14.95 9.63
C MET D 287 14.00 13.84 10.65
N HIS D 288 12.94 13.15 11.08
CA HIS D 288 12.98 12.05 12.10
C HIS D 288 13.13 10.72 11.36
N VAL D 289 14.33 10.16 11.34
CA VAL D 289 14.56 8.84 10.68
C VAL D 289 14.11 7.75 11.64
N SER D 290 13.27 6.86 11.12
CA SER D 290 12.56 5.77 11.83
C SER D 290 12.22 4.71 10.78
N ARG D 291 12.30 3.42 11.14
CA ARG D 291 11.93 2.32 10.21
C ARG D 291 10.54 1.82 10.55
N PRO D 292 9.53 2.08 9.68
CA PRO D 292 8.23 1.43 9.78
C PRO D 292 8.28 0.03 9.15
N VAL D 293 7.79 -0.97 9.86
CA VAL D 293 7.59 -2.33 9.27
C VAL D 293 6.08 -2.61 9.25
N ARG D 294 5.42 -2.11 8.20
CA ARG D 294 4.01 -2.37 7.81
C ARG D 294 3.07 -1.50 8.65
N TRP D 295 3.58 -0.84 9.69
CA TRP D 295 2.87 0.22 10.44
C TRP D 295 3.91 1.11 11.13
N ASP D 296 3.46 2.06 11.96
CA ASP D 296 4.40 2.95 12.69
C ASP D 296 5.04 2.16 13.84
N SER D 297 5.91 1.21 13.51
CA SER D 297 6.44 0.17 14.43
C SER D 297 7.67 0.68 15.19
N ASP D 298 8.28 1.77 14.70
CA ASP D 298 9.42 2.44 15.40
C ASP D 298 10.59 1.45 15.54
N HIS D 299 10.88 0.69 14.49
CA HIS D 299 12.09 -0.16 14.39
C HIS D 299 13.34 0.71 14.31
N VAL D 300 14.47 0.17 14.78
CA VAL D 300 15.82 0.79 14.63
C VAL D 300 16.07 1.07 13.15
N VAL D 301 16.58 2.26 12.86
CA VAL D 301 16.99 2.69 11.49
C VAL D 301 18.11 1.78 10.98
N ILE D 302 17.93 1.24 9.78
CA ILE D 302 18.93 0.41 9.06
C ILE D 302 19.18 1.02 7.68
N MET D 303 20.29 0.66 7.05
CA MET D 303 20.60 1.10 5.67
C MET D 303 19.69 0.36 4.69
N ASP D 304 18.55 0.97 4.37
CA ASP D 304 17.53 0.42 3.44
C ASP D 304 17.18 1.51 2.41
N ASP D 305 16.29 1.19 1.48
CA ASP D 305 15.88 2.11 0.38
C ASP D 305 15.51 3.47 0.98
N ALA D 306 14.67 3.48 2.03
CA ALA D 306 14.10 4.72 2.59
C ALA D 306 15.23 5.60 3.12
N LEU D 307 16.15 5.03 3.92
CA LEU D 307 17.25 5.79 4.54
C LEU D 307 18.19 6.31 3.44
N ILE D 308 18.49 5.47 2.45
CA ILE D 308 19.39 5.84 1.33
C ILE D 308 18.78 7.01 0.56
N ARG D 309 17.47 7.00 0.36
CA ARG D 309 16.75 8.04 -0.44
C ARG D 309 16.65 9.33 0.38
N ILE D 310 16.33 9.23 1.67
CA ILE D 310 16.26 10.42 2.57
C ILE D 310 17.62 11.12 2.55
N THR D 311 18.70 10.37 2.77
CA THR D 311 20.06 10.95 2.96
C THR D 311 20.55 11.50 1.62
N ARG D 312 20.37 10.79 0.51
CA ARG D 312 20.91 11.24 -0.80
C ARG D 312 20.10 12.43 -1.30
N SER D 313 18.80 12.51 -0.99
CA SER D 313 17.91 13.63 -1.38
C SER D 313 18.34 14.90 -0.64
N LEU D 314 18.71 14.77 0.64
CA LEU D 314 19.21 15.93 1.44
C LEU D 314 20.57 16.38 0.91
N VAL D 315 21.47 15.44 0.58
CA VAL D 315 22.86 15.73 0.16
C VAL D 315 22.84 16.32 -1.26
N ARG D 316 22.17 15.64 -2.20
CA ARG D 316 22.19 16.00 -3.64
C ARG D 316 21.62 17.40 -3.84
N ASP D 317 20.59 17.78 -3.08
CA ASP D 317 19.82 19.02 -3.32
C ASP D 317 20.22 20.10 -2.31
N GLY D 318 21.25 19.85 -1.48
CA GLY D 318 21.92 20.87 -0.65
C GLY D 318 21.03 21.40 0.46
N TYR D 319 20.29 20.51 1.14
CA TYR D 319 19.25 20.89 2.15
C TYR D 319 19.73 20.63 3.59
N LEU D 320 20.96 20.15 3.80
CA LEU D 320 21.41 19.77 5.17
C LEU D 320 21.48 21.01 6.07
N ASP D 321 21.81 22.18 5.51
CA ASP D 321 21.98 23.43 6.31
C ASP D 321 20.61 23.90 6.82
N ARG D 322 19.51 23.36 6.30
CA ARG D 322 18.14 23.77 6.68
C ARG D 322 17.36 22.57 7.22
N THR D 323 18.03 21.43 7.39
CA THR D 323 17.38 20.18 7.88
C THR D 323 18.11 19.67 9.12
N HIS D 324 17.42 19.64 10.26
CA HIS D 324 17.87 18.94 11.50
C HIS D 324 17.53 17.46 11.38
N ILE D 325 18.50 16.56 11.56
CA ILE D 325 18.23 15.10 11.50
C ILE D 325 18.17 14.55 12.93
N GLY D 326 17.02 13.98 13.30
CA GLY D 326 16.78 13.28 14.56
C GLY D 326 16.51 11.80 14.33
N LEU D 327 16.83 10.97 15.33
CA LEU D 327 16.43 9.55 15.37
C LEU D 327 15.12 9.45 16.15
N ASP D 328 14.24 8.54 15.73
CA ASP D 328 13.05 8.15 16.52
C ASP D 328 12.80 6.67 16.28
N PHE D 329 13.04 5.86 17.31
CA PHE D 329 12.72 4.41 17.31
C PHE D 329 12.70 3.93 18.75
N PHE D 330 12.00 2.81 18.93
CA PHE D 330 11.84 2.06 20.20
C PHE D 330 12.11 0.59 19.92
N ASP D 331 13.21 0.06 20.41
CA ASP D 331 13.43 -1.41 20.40
C ASP D 331 14.01 -1.83 21.74
N ALA D 332 13.18 -2.41 22.59
CA ALA D 332 13.54 -2.96 23.91
C ALA D 332 13.80 -4.46 23.82
N THR D 333 13.74 -5.06 22.62
CA THR D 333 13.94 -6.52 22.42
C THR D 333 15.45 -6.82 22.29
N ILE D 334 16.24 -5.76 22.06
CA ILE D 334 17.72 -5.85 21.87
C ILE D 334 18.39 -4.89 22.86
N ASN D 335 19.71 -4.94 22.93
CA ASN D 335 20.52 -4.04 23.80
C ASN D 335 20.17 -2.60 23.43
N ARG D 336 19.57 -1.84 24.35
CA ARG D 336 18.97 -0.52 24.05
C ARG D 336 20.07 0.46 23.63
N VAL D 337 21.29 0.30 24.15
CA VAL D 337 22.44 1.18 23.81
C VAL D 337 22.91 0.84 22.39
N ALA D 338 22.97 -0.45 22.05
CA ALA D 338 23.35 -0.90 20.70
C ALA D 338 22.37 -0.34 19.67
N ALA D 339 21.08 -0.30 19.99
CA ALA D 339 20.00 0.20 19.10
C ALA D 339 20.38 1.61 18.60
N TRP D 340 20.76 2.51 19.51
CA TRP D 340 21.18 3.89 19.15
C TRP D 340 22.33 3.83 18.14
N VAL D 341 23.36 3.03 18.43
CA VAL D 341 24.60 2.99 17.61
C VAL D 341 24.26 2.46 16.22
N VAL D 342 23.48 1.39 16.13
CA VAL D 342 23.10 0.80 14.80
C VAL D 342 22.43 1.90 13.96
N GLY D 343 21.46 2.60 14.53
CA GLY D 343 20.62 3.57 13.81
C GLY D 343 21.43 4.80 13.42
N ALA D 344 22.26 5.30 14.33
CA ALA D 344 23.15 6.46 14.10
C ALA D 344 24.13 6.10 12.98
N ARG D 345 24.81 4.96 13.08
CA ARG D 345 25.85 4.55 12.10
C ARG D 345 25.21 4.30 10.72
N ALA D 346 24.02 3.71 10.67
CA ALA D 346 23.28 3.48 9.41
C ALA D 346 23.02 4.82 8.72
N THR D 347 22.57 5.82 9.48
CA THR D 347 22.26 7.17 8.96
C THR D 347 23.56 7.82 8.43
N GLN D 348 24.64 7.76 9.20
CA GLN D 348 25.93 8.39 8.83
C GLN D 348 26.50 7.75 7.56
N LYS D 349 26.52 6.42 7.47
CA LYS D 349 27.16 5.74 6.30
C LYS D 349 26.30 5.98 5.06
N SER D 350 24.99 6.19 5.22
CA SER D 350 24.06 6.50 4.11
C SER D 350 24.30 7.94 3.63
N LEU D 351 24.41 8.89 4.54
CA LEU D 351 24.84 10.29 4.21
C LEU D 351 26.17 10.23 3.46
N LEU D 352 27.14 9.47 3.98
CA LEU D 352 28.53 9.44 3.43
C LEU D 352 28.50 8.86 2.02
N GLN D 353 27.74 7.79 1.78
CA GLN D 353 27.64 7.18 0.42
C GLN D 353 27.11 8.24 -0.56
N ALA D 354 26.07 8.98 -0.17
CA ALA D 354 25.46 10.07 -0.97
C ALA D 354 26.54 11.12 -1.30
N MET D 355 27.39 11.45 -0.33
CA MET D 355 28.45 12.48 -0.48
C MET D 355 29.57 11.97 -1.39
N LEU D 356 29.68 10.66 -1.58
CA LEU D 356 30.79 10.05 -2.37
C LEU D 356 30.37 9.82 -3.82
N ALA D 357 29.45 10.64 -4.34
CA ALA D 357 28.97 10.57 -5.74
C ALA D 357 29.46 11.81 -6.49
N PRO D 358 29.74 11.69 -7.80
CA PRO D 358 30.12 12.84 -8.63
C PRO D 358 28.85 13.64 -8.98
N ILE D 359 28.29 14.32 -7.98
CA ILE D 359 26.90 14.86 -8.03
C ILE D 359 26.82 15.94 -9.11
N ASP D 360 27.83 16.81 -9.23
CA ASP D 360 27.81 17.92 -10.22
C ASP D 360 27.77 17.31 -11.63
N GLN D 361 28.57 16.28 -11.91
CA GLN D 361 28.61 15.66 -13.25
C GLN D 361 27.30 14.89 -13.50
N LEU D 362 26.80 14.16 -12.51
CA LEU D 362 25.53 13.39 -12.65
C LEU D 362 24.39 14.37 -12.94
N LYS D 363 24.40 15.56 -12.34
CA LYS D 363 23.35 16.59 -12.56
C LYS D 363 23.40 17.05 -14.02
N LYS D 364 24.61 17.29 -14.56
CA LYS D 364 24.82 17.73 -15.97
C LYS D 364 24.30 16.64 -16.91
N ASP D 365 24.69 15.39 -16.70
CA ASP D 365 24.24 14.24 -17.52
C ASP D 365 22.70 14.21 -17.56
N GLU D 366 22.08 14.40 -16.39
CA GLU D 366 20.60 14.37 -16.22
C GLU D 366 19.95 15.53 -16.97
N LEU D 367 20.53 16.73 -16.90
CA LEU D 367 20.01 17.93 -17.60
C LEU D 367 20.07 17.68 -19.11
N ASN D 368 21.01 16.85 -19.57
CA ASN D 368 21.22 16.51 -21.00
C ASN D 368 20.42 15.26 -21.35
N ALA D 369 19.59 14.77 -20.41
CA ALA D 369 18.71 13.59 -20.57
C ALA D 369 19.53 12.34 -20.89
N ASP D 370 20.77 12.24 -20.38
CA ASP D 370 21.60 11.03 -20.51
C ASP D 370 21.23 10.05 -19.39
N PHE D 371 20.06 9.42 -19.52
CA PHE D 371 19.46 8.53 -18.50
C PHE D 371 20.24 7.20 -18.46
N THR D 372 20.91 6.86 -19.56
CA THR D 372 21.77 5.65 -19.64
C THR D 372 22.93 5.81 -18.65
N THR D 373 23.70 6.88 -18.77
CA THR D 373 24.88 7.16 -17.89
C THR D 373 24.41 7.26 -16.44
N ARG D 374 23.31 7.96 -16.18
CA ARG D 374 22.79 8.14 -14.80
C ARG D 374 22.54 6.75 -14.17
N LEU D 375 21.83 5.87 -14.88
CA LEU D 375 21.45 4.53 -14.35
C LEU D 375 22.73 3.71 -14.09
N ILE D 376 23.63 3.64 -15.07
CA ILE D 376 24.86 2.82 -14.97
C ILE D 376 25.67 3.31 -13.76
N GLU D 377 25.93 4.61 -13.67
CA GLU D 377 26.87 5.17 -12.67
C GLU D 377 26.28 5.03 -11.26
N THR D 378 25.00 5.37 -11.08
CA THR D 378 24.35 5.29 -9.74
C THR D 378 24.38 3.84 -9.25
N GLU D 379 24.25 2.87 -10.17
CA GLU D 379 24.28 1.44 -9.81
C GLU D 379 25.72 1.01 -9.50
N GLU D 380 26.70 1.46 -10.29
CA GLU D 380 28.13 1.10 -10.06
C GLU D 380 28.59 1.66 -8.71
N LEU D 381 28.10 2.85 -8.32
CA LEU D 381 28.55 3.53 -7.08
C LEU D 381 28.14 2.71 -5.85
N LYS D 382 27.09 1.89 -5.95
CA LYS D 382 26.58 1.09 -4.81
C LYS D 382 27.59 0.00 -4.42
N SER D 383 28.52 -0.34 -5.31
CA SER D 383 29.60 -1.33 -5.04
C SER D 383 30.98 -0.68 -5.15
N PHE D 384 31.07 0.66 -5.12
CA PHE D 384 32.36 1.36 -4.88
C PHE D 384 32.74 1.19 -3.41
N PRO D 385 34.02 1.41 -3.06
CA PRO D 385 34.51 1.13 -1.70
C PRO D 385 34.17 2.22 -0.68
N PHE D 386 32.87 2.51 -0.49
CA PHE D 386 32.38 3.53 0.47
C PHE D 386 32.67 3.07 1.90
N GLY D 387 32.73 1.75 2.12
CA GLY D 387 33.03 1.15 3.44
C GLY D 387 34.39 1.56 3.96
N ALA D 388 35.39 1.69 3.07
CA ALA D 388 36.78 2.06 3.42
C ALA D 388 36.81 3.51 3.90
N VAL D 389 35.96 4.36 3.32
CA VAL D 389 35.85 5.79 3.73
C VAL D 389 35.13 5.84 5.08
N TRP D 390 34.05 5.06 5.23
CA TRP D 390 33.28 4.97 6.50
C TRP D 390 34.19 4.46 7.62
N ASP D 391 34.95 3.39 7.37
CA ASP D 391 35.91 2.81 8.35
C ASP D 391 36.90 3.90 8.78
N LYS D 392 37.44 4.67 7.83
CA LYS D 392 38.45 5.74 8.10
C LYS D 392 37.80 6.80 8.98
N PHE D 393 36.56 7.18 8.67
CA PHE D 393 35.80 8.19 9.44
C PHE D 393 35.62 7.71 10.89
N CYS D 394 35.22 6.45 11.08
CA CYS D 394 35.03 5.84 12.42
C CYS D 394 36.33 5.93 13.22
N GLN D 395 37.44 5.48 12.62
CA GLN D 395 38.77 5.38 13.27
C GLN D 395 39.30 6.79 13.59
N ASP D 396 39.21 7.72 12.64
CA ASP D 396 39.69 9.12 12.82
C ASP D 396 38.97 9.77 14.02
N HIS D 397 37.74 9.35 14.31
CA HIS D 397 36.90 9.96 15.38
C HIS D 397 36.85 9.03 16.60
N ASN D 398 37.86 8.17 16.75
CA ASN D 398 38.09 7.35 17.97
C ASN D 398 36.84 6.53 18.29
N THR D 399 36.29 5.83 17.29
CA THR D 399 35.23 4.81 17.48
C THR D 399 35.67 3.51 16.79
N PRO D 400 35.21 2.34 17.28
CA PRO D 400 35.59 1.06 16.70
C PRO D 400 35.08 0.87 15.27
N VAL D 401 35.82 0.10 14.48
CA VAL D 401 35.57 -0.16 13.04
C VAL D 401 34.77 -1.47 12.90
N GLY D 402 33.71 -1.45 12.08
CA GLY D 402 32.94 -2.64 11.70
C GLY D 402 32.38 -3.39 12.89
N PHE D 403 32.65 -4.69 12.98
CA PHE D 403 32.14 -5.60 14.04
C PHE D 403 32.69 -5.20 15.41
N ASP D 404 33.79 -4.44 15.44
CA ASP D 404 34.65 -4.28 16.65
C ASP D 404 33.85 -3.66 17.82
N TRP D 405 32.83 -2.85 17.54
CA TRP D 405 32.11 -2.13 18.63
C TRP D 405 31.17 -3.08 19.39
N MET D 406 31.01 -4.31 18.92
CA MET D 406 30.26 -5.35 19.68
C MET D 406 31.05 -5.73 20.94
N ASN D 407 32.38 -5.64 20.90
CA ASN D 407 33.25 -5.84 22.09
C ASN D 407 32.85 -4.82 23.16
N ASN D 408 32.66 -3.56 22.78
CA ASN D 408 32.32 -2.47 23.72
C ASN D 408 30.95 -2.74 24.36
N ILE D 409 29.99 -3.17 23.55
CA ILE D 409 28.61 -3.52 24.03
C ILE D 409 28.70 -4.69 25.02
N HIS D 410 29.46 -5.74 24.71
CA HIS D 410 29.58 -6.93 25.59
C HIS D 410 30.19 -6.51 26.93
N GLN D 411 31.17 -5.59 26.91
CA GLN D 411 31.84 -5.06 28.12
C GLN D 411 30.82 -4.26 28.95
N TYR D 412 29.98 -3.47 28.30
CA TYR D 412 28.96 -2.62 28.98
C TYR D 412 27.88 -3.53 29.58
N GLU D 413 27.57 -4.64 28.90
CA GLU D 413 26.60 -5.65 29.40
C GLU D 413 27.13 -6.28 30.69
N LYS D 414 28.38 -6.75 30.68
CA LYS D 414 29.07 -7.36 31.85
C LYS D 414 29.09 -6.36 33.00
N ASP D 415 29.54 -5.13 32.74
CA ASP D 415 29.92 -4.12 33.76
C ASP D 415 28.66 -3.46 34.33
N VAL D 416 27.61 -3.32 33.52
CA VAL D 416 26.48 -2.40 33.83
C VAL D 416 25.13 -3.11 33.64
N GLN D 417 24.78 -3.46 32.39
CA GLN D 417 23.37 -3.73 32.01
C GLN D 417 22.89 -5.05 32.64
N PHE D 418 23.75 -6.08 32.73
CA PHE D 418 23.34 -7.42 33.23
C PHE D 418 23.22 -7.42 34.76
N LYS D 419 23.70 -6.37 35.44
CA LYS D 419 23.68 -6.27 36.93
C LYS D 419 22.59 -5.29 37.38
N ARG D 420 22.19 -4.39 36.49
CA ARG D 420 21.58 -3.09 36.87
C ARG D 420 20.31 -3.33 37.69
N ASP D 421 19.50 -4.32 37.32
CA ASP D 421 18.17 -4.50 37.94
C ASP D 421 18.31 -4.71 39.45
N ALA D 422 19.42 -5.31 39.89
CA ALA D 422 19.65 -5.71 41.29
C ALA D 422 20.25 -4.55 42.08
N LYS D 423 20.67 -3.50 41.38
CA LYS D 423 21.26 -2.26 41.99
C LYS D 423 20.12 -1.43 42.57
N LEU D 424 20.35 -0.86 43.76
CA LEU D 424 19.40 0.09 44.41
C LEU D 424 19.24 1.34 43.55
N VAL D 425 17.99 1.74 43.30
CA VAL D 425 17.65 3.03 42.64
C VAL D 425 17.82 4.14 43.68
N HIS D 426 18.46 5.24 43.28
CA HIS D 426 18.61 6.48 44.09
C HIS D 426 18.75 7.68 43.16
MN MN E . -8.99 -14.11 12.98
MN MN F . -7.11 -9.22 13.20
C1 RM4 G . -5.40 -13.16 16.15
C2 RM4 G . -6.25 -13.95 15.18
C3 RM4 G . -6.93 -15.14 15.86
C4 RM4 G . -7.59 -14.77 17.19
C5 RM4 G . -6.67 -13.90 18.03
C6 RM4 G . -7.36 -13.35 19.26
O1 RM4 G . -4.84 -12.07 15.48
O2 RM4 G . -7.19 -13.06 14.56
O3 RM4 G . -7.92 -15.68 14.98
O4 RM4 G . -7.88 -15.97 17.91
O5 RM4 G . -6.21 -12.78 17.26
C1 RAM H . -22.49 -35.01 30.71
C2 RAM H . -23.69 -34.50 31.52
C3 RAM H . -23.42 -33.09 32.02
C4 RAM H . -23.07 -32.19 30.85
C5 RAM H . -21.91 -32.77 30.05
C6 RAM H . -21.61 -31.93 28.80
O1 RAM H . -21.36 -35.13 31.59
O2 RAM H . -24.86 -34.50 30.68
O3 RAM H . -24.57 -32.57 32.70
O4 RAM H . -22.78 -30.86 31.34
O5 RAM H . -22.19 -34.11 29.65
MN MN I . -7.76 14.84 -13.19
MN MN J . -6.36 9.83 -13.36
C1 RM4 K . -4.38 13.52 -16.39
C2 RM4 K . -5.11 14.40 -15.41
C3 RM4 K . -5.66 15.66 -16.08
C4 RM4 K . -6.39 15.38 -17.39
C5 RM4 K . -5.60 14.41 -18.25
C6 RM4 K . -6.38 13.93 -19.46
O1 RM4 K . -3.94 12.36 -15.74
O2 RM4 K . -6.13 13.64 -14.76
O3 RM4 K . -6.56 16.32 -15.18
O4 RM4 K . -6.56 16.60 -18.10
O5 RM4 K . -5.26 13.23 -17.48
MN MN L . 7.57 -11.97 -15.87
MN MN M . 6.13 -6.98 -15.12
C1 RM4 N . 4.15 -10.00 -18.78
C2 RM4 N . 4.89 -11.07 -18.01
C3 RM4 N . 5.38 -12.18 -18.92
C4 RM4 N . 6.13 -11.63 -20.13
C5 RM4 N . 5.34 -10.51 -20.79
C6 RM4 N . 6.11 -9.82 -21.89
O1 RM4 N . 3.73 -8.97 -17.94
O2 RM4 N . 5.93 -10.46 -17.26
O3 RM4 N . 6.24 -13.08 -18.21
O4 RM4 N . 6.34 -12.68 -21.08
O5 RM4 N . 5.02 -9.51 -19.80
MN MN O . 8.79 11.18 15.55
MN MN P . 6.96 6.37 14.72
C1 RM4 Q . 5.28 9.64 18.41
C2 RM4 Q . 6.15 10.59 17.61
C3 RM4 Q . 6.80 11.64 18.51
C4 RM4 Q . 7.46 11.03 19.75
C5 RM4 Q . 6.55 10.00 20.41
C6 RM4 Q . 7.25 9.21 21.49
O1 RM4 Q . 4.73 8.67 17.56
O2 RM4 Q . 7.10 9.86 16.85
O3 RM4 Q . 7.78 12.36 17.76
O4 RM4 Q . 7.74 12.07 20.68
O5 RM4 Q . 6.09 9.05 19.42
C1 RM4 R . 10.47 33.64 12.83
C2 RM4 R . 10.25 32.44 13.73
C3 RM4 R . 10.71 32.75 15.14
C4 RM4 R . 10.02 34.00 15.66
C5 RM4 R . 10.29 35.14 14.69
C6 RM4 R . 9.59 36.42 15.09
O1 RM4 R . 9.99 33.37 11.55
O2 RM4 R . 8.87 32.08 13.72
O3 RM4 R . 10.46 31.64 16.00
O4 RM4 R . 10.51 34.33 16.97
O5 RM4 R . 9.80 34.78 13.38
C1 RAM S . 42.36 12.09 7.83
C2 RAM S . 43.75 11.65 7.40
C3 RAM S . 43.83 11.48 5.88
C4 RAM S . 43.26 12.68 5.16
C5 RAM S . 41.91 13.12 5.74
C6 RAM S . 41.42 14.40 5.09
O1 RAM S . 41.42 11.07 7.50
O2 RAM S . 44.71 12.62 7.83
O3 RAM S . 45.20 11.31 5.50
O4 RAM S . 43.10 12.34 3.78
O5 RAM S . 42.03 13.31 7.15
#